data_2KC7
#
_entry.id   2KC7
#
_entity_poly.entity_id   1
_entity_poly.type   'polypeptide(L)'
_entity_poly.pdbx_seq_one_letter_code
;MDQLKTIKELINQGDIENALQALEEFLQTEPVGKDEAYYLMGNAYRKLGDWQKALNNYQSAIELNPDSPALQARKMVMDI
LNFYNKDMYNQLEHHHHHH
;
_entity_poly.pdbx_strand_id   A
#
# COMPACT_ATOMS: atom_id res chain seq x y z
N MET A 1 -5.48 15.62 14.85
CA MET A 1 -4.41 14.73 15.39
C MET A 1 -4.25 13.52 14.48
N ASP A 2 -3.38 12.60 14.86
CA ASP A 2 -3.14 11.40 14.06
C ASP A 2 -4.21 10.36 14.34
N GLN A 3 -5.33 10.49 13.64
CA GLN A 3 -6.45 9.56 13.80
C GLN A 3 -6.11 8.21 13.20
N LEU A 4 -5.18 8.25 12.26
CA LEU A 4 -4.67 7.06 11.61
C LEU A 4 -4.04 6.11 12.63
N LYS A 5 -3.57 6.67 13.75
CA LYS A 5 -3.00 5.86 14.83
C LYS A 5 -3.93 4.71 15.20
N THR A 6 -5.21 5.00 15.31
CA THR A 6 -6.21 3.98 15.62
C THR A 6 -6.19 2.88 14.56
N ILE A 7 -6.09 3.30 13.32
CA ILE A 7 -6.01 2.39 12.19
C ILE A 7 -4.71 1.59 12.23
N LYS A 8 -3.62 2.28 12.56
CA LYS A 8 -2.31 1.64 12.71
C LYS A 8 -2.36 0.57 13.80
N GLU A 9 -3.12 0.86 14.85
CA GLU A 9 -3.33 -0.12 15.92
C GLU A 9 -4.11 -1.32 15.40
N LEU A 10 -5.16 -1.06 14.63
CA LEU A 10 -5.98 -2.12 14.06
C LEU A 10 -5.15 -3.02 13.14
N ILE A 11 -4.34 -2.39 12.30
CA ILE A 11 -3.47 -3.12 11.37
C ILE A 11 -2.52 -4.05 12.13
N ASN A 12 -1.98 -3.58 13.24
CA ASN A 12 -1.08 -4.40 14.06
C ASN A 12 -1.83 -5.56 14.72
N GLN A 13 -3.05 -5.29 15.15
CA GLN A 13 -3.86 -6.31 15.81
C GLN A 13 -4.29 -7.41 14.83
N GLY A 14 -4.38 -7.06 13.56
CA GLY A 14 -4.89 -7.99 12.57
C GLY A 14 -6.29 -7.61 12.15
N ASP A 15 -6.74 -6.48 12.64
CA ASP A 15 -8.09 -5.98 12.37
C ASP A 15 -8.05 -5.09 11.12
N ILE A 16 -7.42 -5.61 10.08
CA ILE A 16 -7.19 -4.89 8.84
C ILE A 16 -8.49 -4.41 8.20
N GLU A 17 -9.54 -5.21 8.30
CA GLU A 17 -10.82 -4.86 7.67
C GLU A 17 -11.38 -3.55 8.23
N ASN A 18 -11.32 -3.39 9.54
CA ASN A 18 -11.77 -2.15 10.17
C ASN A 18 -10.80 -1.02 9.87
N ALA A 19 -9.52 -1.38 9.81
CA ALA A 19 -8.48 -0.42 9.45
C ALA A 19 -8.72 0.13 8.06
N LEU A 20 -8.87 -0.77 7.09
CA LEU A 20 -9.15 -0.40 5.71
C LEU A 20 -10.41 0.42 5.61
N GLN A 21 -11.42 0.03 6.38
CA GLN A 21 -12.69 0.72 6.40
C GLN A 21 -12.51 2.18 6.79
N ALA A 22 -11.80 2.41 7.89
CA ALA A 22 -11.53 3.75 8.38
C ALA A 22 -10.62 4.51 7.42
N LEU A 23 -9.72 3.79 6.77
CA LEU A 23 -8.85 4.37 5.77
C LEU A 23 -9.64 4.89 4.57
N GLU A 24 -10.61 4.09 4.13
CA GLU A 24 -11.51 4.49 3.05
C GLU A 24 -12.19 5.81 3.39
N GLU A 25 -12.60 5.92 4.65
CA GLU A 25 -13.25 7.14 5.14
C GLU A 25 -12.26 8.30 5.16
N PHE A 26 -11.06 8.02 5.66
CA PHE A 26 -10.00 9.02 5.79
C PHE A 26 -9.63 9.62 4.44
N LEU A 27 -9.65 8.78 3.39
CA LEU A 27 -9.33 9.23 2.04
C LEU A 27 -10.24 10.38 1.62
N GLN A 28 -11.47 10.34 2.10
CA GLN A 28 -12.49 11.29 1.66
C GLN A 28 -12.47 12.58 2.50
N THR A 29 -11.70 12.57 3.59
CA THR A 29 -11.67 13.72 4.48
C THR A 29 -10.28 14.35 4.55
N GLU A 30 -9.35 13.85 3.75
CA GLU A 30 -8.00 14.35 3.74
C GLU A 30 -7.48 14.51 2.31
N PRO A 31 -7.31 15.76 1.90
CA PRO A 31 -6.76 16.12 0.59
C PRO A 31 -5.32 15.66 0.37
N VAL A 32 -4.53 15.66 1.44
CA VAL A 32 -3.10 15.42 1.31
C VAL A 32 -2.63 14.22 2.15
N GLY A 33 -3.25 14.02 3.31
CA GLY A 33 -2.80 12.99 4.23
C GLY A 33 -3.10 11.59 3.75
N LYS A 34 -3.64 11.47 2.55
CA LYS A 34 -3.95 10.19 1.96
C LYS A 34 -2.69 9.40 1.64
N ASP A 35 -1.56 10.09 1.52
CA ASP A 35 -0.30 9.41 1.20
C ASP A 35 0.10 8.49 2.35
N GLU A 36 -0.12 8.95 3.57
CA GLU A 36 0.12 8.13 4.74
C GLU A 36 -0.95 7.05 4.83
N ALA A 37 -2.18 7.40 4.45
CA ALA A 37 -3.29 6.47 4.46
C ALA A 37 -3.04 5.31 3.51
N TYR A 38 -2.73 5.62 2.25
CA TYR A 38 -2.46 4.59 1.24
C TYR A 38 -1.31 3.70 1.67
N TYR A 39 -0.31 4.30 2.32
CA TYR A 39 0.81 3.53 2.87
C TYR A 39 0.30 2.50 3.87
N LEU A 40 -0.58 2.94 4.77
CA LEU A 40 -1.18 2.06 5.77
C LEU A 40 -2.04 0.99 5.11
N MET A 41 -2.81 1.41 4.10
CA MET A 41 -3.69 0.49 3.38
C MET A 41 -2.86 -0.61 2.73
N GLY A 42 -1.83 -0.22 2.00
CA GLY A 42 -0.95 -1.18 1.37
C GLY A 42 -0.25 -2.05 2.39
N ASN A 43 0.10 -1.48 3.53
CA ASN A 43 0.76 -2.22 4.59
C ASN A 43 -0.19 -3.24 5.19
N ALA A 44 -1.46 -2.88 5.28
CA ALA A 44 -2.49 -3.79 5.77
C ALA A 44 -2.65 -4.98 4.81
N TYR A 45 -2.73 -4.70 3.51
CA TYR A 45 -2.82 -5.75 2.52
C TYR A 45 -1.56 -6.62 2.52
N ARG A 46 -0.42 -5.99 2.71
CA ARG A 46 0.86 -6.70 2.79
C ARG A 46 0.90 -7.64 4.01
N LYS A 47 0.16 -7.28 5.05
CA LYS A 47 0.01 -8.15 6.21
C LYS A 47 -0.93 -9.31 5.90
N LEU A 48 -1.95 -9.05 5.09
CA LEU A 48 -2.91 -10.09 4.70
C LEU A 48 -2.26 -11.11 3.79
N GLY A 49 -1.45 -10.62 2.87
CA GLY A 49 -0.79 -11.49 1.92
C GLY A 49 -1.14 -11.15 0.50
N ASP A 50 -2.09 -10.24 0.32
CA ASP A 50 -2.46 -9.80 -1.03
C ASP A 50 -1.48 -8.73 -1.47
N TRP A 51 -0.56 -9.13 -2.32
CA TRP A 51 0.52 -8.26 -2.75
C TRP A 51 0.04 -7.25 -3.79
N GLN A 52 -0.90 -7.67 -4.62
CA GLN A 52 -1.40 -6.81 -5.70
C GLN A 52 -2.10 -5.58 -5.13
N LYS A 53 -2.98 -5.81 -4.15
CA LYS A 53 -3.68 -4.71 -3.49
C LYS A 53 -2.67 -3.82 -2.75
N ALA A 54 -1.64 -4.44 -2.20
CA ALA A 54 -0.59 -3.71 -1.52
C ALA A 54 0.15 -2.81 -2.50
N LEU A 55 0.54 -3.37 -3.64
CA LEU A 55 1.24 -2.64 -4.68
C LEU A 55 0.43 -1.43 -5.13
N ASN A 56 -0.84 -1.66 -5.42
CA ASN A 56 -1.72 -0.60 -5.90
C ASN A 56 -1.85 0.53 -4.90
N ASN A 57 -1.97 0.17 -3.62
CA ASN A 57 -2.11 1.17 -2.57
C ASN A 57 -0.79 1.90 -2.34
N TYR A 58 0.31 1.16 -2.34
CA TYR A 58 1.63 1.78 -2.24
C TYR A 58 1.85 2.73 -3.42
N GLN A 59 1.48 2.27 -4.62
CA GLN A 59 1.59 3.07 -5.83
C GLN A 59 0.80 4.37 -5.69
N SER A 60 -0.40 4.26 -5.16
CA SER A 60 -1.26 5.42 -4.97
C SER A 60 -0.60 6.44 -4.03
N ALA A 61 0.11 5.95 -3.02
CA ALA A 61 0.84 6.81 -2.11
C ALA A 61 2.02 7.47 -2.83
N ILE A 62 2.72 6.66 -3.62
CA ILE A 62 3.85 7.15 -4.42
C ILE A 62 3.40 8.22 -5.40
N GLU A 63 2.22 8.02 -5.99
CA GLU A 63 1.68 8.97 -6.96
C GLU A 63 1.34 10.31 -6.30
N LEU A 64 0.95 10.27 -5.04
CA LEU A 64 0.68 11.49 -4.30
C LEU A 64 2.00 12.12 -3.85
N ASN A 65 2.78 11.35 -3.10
CA ASN A 65 4.09 11.81 -2.65
C ASN A 65 5.15 10.78 -2.97
N PRO A 66 6.02 11.08 -3.94
CA PRO A 66 7.17 10.23 -4.26
C PRO A 66 8.22 10.29 -3.15
N ASP A 67 7.93 11.07 -2.13
CA ASP A 67 8.82 11.22 -0.98
C ASP A 67 8.39 10.29 0.16
N SER A 68 7.25 9.62 -0.04
CA SER A 68 6.70 8.75 0.97
C SER A 68 7.53 7.47 1.10
N PRO A 69 7.41 6.74 2.22
CA PRO A 69 8.11 5.47 2.42
C PRO A 69 7.49 4.35 1.58
N ALA A 70 6.40 4.67 0.88
CA ALA A 70 5.67 3.70 0.09
C ALA A 70 6.49 3.19 -1.09
N LEU A 71 7.48 3.98 -1.49
CA LEU A 71 8.38 3.57 -2.57
C LEU A 71 9.18 2.34 -2.15
N GLN A 72 9.81 2.45 -0.99
CA GLN A 72 10.62 1.36 -0.47
C GLN A 72 9.72 0.20 -0.09
N ALA A 73 8.52 0.52 0.37
CA ALA A 73 7.55 -0.50 0.76
C ALA A 73 7.04 -1.28 -0.45
N ARG A 74 6.81 -0.60 -1.56
CA ARG A 74 6.34 -1.26 -2.77
C ARG A 74 7.46 -2.14 -3.33
N LYS A 75 8.67 -1.63 -3.28
CA LYS A 75 9.85 -2.38 -3.71
C LYS A 75 10.07 -3.59 -2.80
N MET A 76 9.74 -3.43 -1.53
CA MET A 76 9.80 -4.52 -0.57
C MET A 76 8.91 -5.67 -1.04
N VAL A 77 7.66 -5.33 -1.35
CA VAL A 77 6.70 -6.31 -1.84
C VAL A 77 7.13 -6.88 -3.20
N MET A 78 7.67 -6.01 -4.05
CA MET A 78 8.18 -6.42 -5.36
C MET A 78 9.25 -7.48 -5.22
N ASP A 79 10.15 -7.29 -4.28
CA ASP A 79 11.22 -8.25 -4.01
C ASP A 79 10.63 -9.61 -3.65
N ILE A 80 9.61 -9.60 -2.79
CA ILE A 80 8.97 -10.83 -2.37
C ILE A 80 8.25 -11.49 -3.55
N LEU A 81 7.57 -10.68 -4.34
CA LEU A 81 6.89 -11.17 -5.55
C LEU A 81 7.88 -11.74 -6.55
N ASN A 82 9.02 -11.06 -6.69
CA ASN A 82 10.09 -11.51 -7.58
C ASN A 82 10.61 -12.87 -7.13
N PHE A 83 10.51 -13.14 -5.83
CA PHE A 83 10.89 -14.43 -5.28
C PHE A 83 9.83 -15.49 -5.62
N TYR A 84 8.57 -15.08 -5.64
CA TYR A 84 7.48 -16.00 -5.94
C TYR A 84 7.39 -16.32 -7.43
N ASN A 85 6.85 -15.39 -8.21
CA ASN A 85 6.60 -15.65 -9.63
C ASN A 85 6.51 -14.34 -10.41
N LYS A 86 6.74 -14.42 -11.71
CA LYS A 86 6.73 -13.24 -12.56
C LYS A 86 5.56 -13.29 -13.54
N ASP A 87 4.73 -14.32 -13.42
CA ASP A 87 3.61 -14.54 -14.34
C ASP A 87 2.72 -13.32 -14.46
N MET A 88 2.45 -12.67 -13.34
CA MET A 88 1.64 -11.46 -13.35
C MET A 88 2.53 -10.23 -13.27
N TYR A 89 3.81 -10.44 -12.96
CA TYR A 89 4.73 -9.35 -12.75
C TYR A 89 5.15 -8.75 -14.07
N ASN A 90 5.32 -9.60 -15.07
CA ASN A 90 5.70 -9.17 -16.42
C ASN A 90 4.58 -8.37 -17.07
N GLN A 91 3.39 -8.46 -16.50
CA GLN A 91 2.23 -7.75 -17.01
C GLN A 91 2.17 -6.36 -16.39
N LEU A 92 2.57 -6.27 -15.12
CA LEU A 92 2.60 -4.99 -14.42
C LEU A 92 3.72 -4.12 -14.94
N GLU A 93 4.94 -4.63 -14.83
CA GLU A 93 6.10 -3.94 -15.33
C GLU A 93 7.02 -4.92 -16.04
N HIS A 94 7.29 -4.63 -17.32
CA HIS A 94 8.13 -5.50 -18.13
C HIS A 94 9.61 -5.20 -17.85
N HIS A 95 9.87 -4.54 -16.74
CA HIS A 95 11.22 -4.12 -16.39
C HIS A 95 11.75 -5.03 -15.29
N HIS A 96 13.08 -5.08 -15.15
CA HIS A 96 13.74 -5.94 -14.18
C HIS A 96 13.54 -7.42 -14.55
N HIS A 97 13.05 -7.65 -15.75
CA HIS A 97 12.86 -9.00 -16.26
C HIS A 97 14.16 -9.53 -16.82
N HIS A 98 14.97 -10.14 -15.97
CA HIS A 98 16.27 -10.65 -16.38
C HIS A 98 16.30 -12.17 -16.25
N HIS A 99 16.95 -12.82 -17.19
CA HIS A 99 17.05 -14.27 -17.20
C HIS A 99 18.51 -14.69 -17.15
N MET A 1 -4.85 13.99 17.27
CA MET A 1 -5.94 13.95 16.26
C MET A 1 -5.60 12.96 15.16
N ASP A 2 -4.82 11.94 15.51
CA ASP A 2 -4.33 10.98 14.52
C ASP A 2 -5.31 9.85 14.31
N GLN A 3 -6.26 10.06 13.39
CA GLN A 3 -7.18 9.00 12.99
C GLN A 3 -6.37 7.83 12.41
N LEU A 4 -5.28 8.19 11.72
CA LEU A 4 -4.36 7.21 11.17
C LEU A 4 -3.82 6.28 12.26
N LYS A 5 -3.55 6.83 13.44
CA LYS A 5 -3.00 6.04 14.53
C LYS A 5 -4.02 5.00 14.98
N THR A 6 -5.29 5.39 15.04
CA THR A 6 -6.37 4.46 15.38
C THR A 6 -6.37 3.30 14.38
N ILE A 7 -6.16 3.62 13.12
CA ILE A 7 -6.10 2.62 12.07
C ILE A 7 -4.87 1.72 12.26
N LYS A 8 -3.74 2.33 12.62
CA LYS A 8 -2.52 1.59 12.90
C LYS A 8 -2.76 0.60 14.04
N GLU A 9 -3.48 1.04 15.07
CA GLU A 9 -3.84 0.19 16.20
C GLU A 9 -4.56 -1.06 15.69
N LEU A 10 -5.51 -0.86 14.78
CA LEU A 10 -6.28 -1.96 14.21
C LEU A 10 -5.38 -2.90 13.42
N ILE A 11 -4.50 -2.33 12.62
CA ILE A 11 -3.56 -3.12 11.81
C ILE A 11 -2.64 -3.94 12.70
N ASN A 12 -2.21 -3.35 13.82
CA ASN A 12 -1.37 -4.04 14.78
C ASN A 12 -2.12 -5.20 15.43
N GLN A 13 -3.38 -4.94 15.78
CA GLN A 13 -4.24 -5.97 16.37
C GLN A 13 -4.49 -7.11 15.39
N GLY A 14 -4.68 -6.76 14.14
CA GLY A 14 -4.98 -7.76 13.14
C GLY A 14 -6.34 -7.52 12.51
N ASP A 15 -7.00 -6.46 12.94
CA ASP A 15 -8.29 -6.09 12.39
C ASP A 15 -8.10 -5.20 11.17
N ILE A 16 -7.61 -5.83 10.11
CA ILE A 16 -7.31 -5.13 8.86
C ILE A 16 -8.58 -4.63 8.18
N GLU A 17 -9.66 -5.39 8.31
CA GLU A 17 -10.92 -5.02 7.67
C GLU A 17 -11.43 -3.67 8.18
N ASN A 18 -11.44 -3.50 9.49
CA ASN A 18 -11.88 -2.24 10.09
C ASN A 18 -10.86 -1.14 9.79
N ALA A 19 -9.60 -1.53 9.70
CA ALA A 19 -8.54 -0.59 9.34
C ALA A 19 -8.72 -0.08 7.91
N LEU A 20 -8.93 -1.01 6.98
CA LEU A 20 -9.08 -0.68 5.57
C LEU A 20 -10.20 0.33 5.33
N GLN A 21 -11.36 0.05 5.88
CA GLN A 21 -12.52 0.91 5.67
C GLN A 21 -12.30 2.27 6.34
N ALA A 22 -11.67 2.26 7.52
CA ALA A 22 -11.36 3.50 8.22
C ALA A 22 -10.38 4.34 7.42
N LEU A 23 -9.50 3.67 6.69
CA LEU A 23 -8.55 4.32 5.80
C LEU A 23 -9.29 4.97 4.62
N GLU A 24 -10.26 4.24 4.06
CA GLU A 24 -11.06 4.77 2.96
C GLU A 24 -11.88 5.97 3.42
N GLU A 25 -12.25 5.96 4.70
CA GLU A 25 -12.96 7.08 5.30
C GLU A 25 -12.01 8.27 5.46
N PHE A 26 -10.79 7.97 5.88
CA PHE A 26 -9.78 9.00 6.11
C PHE A 26 -9.43 9.73 4.82
N LEU A 27 -9.54 9.03 3.70
CA LEU A 27 -9.21 9.61 2.39
C LEU A 27 -10.10 10.81 2.07
N GLN A 28 -11.19 10.93 2.79
CA GLN A 28 -12.12 12.03 2.59
C GLN A 28 -11.76 13.23 3.46
N THR A 29 -10.84 13.03 4.40
CA THR A 29 -10.54 14.06 5.39
C THR A 29 -9.37 14.96 4.95
N GLU A 30 -8.15 14.41 5.01
CA GLU A 30 -6.95 15.16 4.67
C GLU A 30 -6.30 14.58 3.42
N PRO A 31 -6.63 15.12 2.24
CA PRO A 31 -6.06 14.67 0.96
C PRO A 31 -4.54 14.75 0.92
N VAL A 32 -3.98 15.64 1.73
CA VAL A 32 -2.53 15.81 1.80
C VAL A 32 -1.85 14.60 2.45
N GLY A 33 -2.55 13.94 3.36
CA GLY A 33 -1.96 12.85 4.11
C GLY A 33 -2.48 11.50 3.68
N LYS A 34 -3.02 11.43 2.46
CA LYS A 34 -3.55 10.18 1.95
C LYS A 34 -2.44 9.21 1.60
N ASP A 35 -1.23 9.73 1.43
CA ASP A 35 -0.08 8.88 1.09
C ASP A 35 0.27 7.98 2.27
N GLU A 36 0.18 8.53 3.47
CA GLU A 36 0.36 7.74 4.69
C GLU A 36 -0.77 6.73 4.83
N ALA A 37 -1.97 7.16 4.45
CA ALA A 37 -3.15 6.29 4.49
C ALA A 37 -2.99 5.10 3.55
N TYR A 38 -2.67 5.38 2.29
CA TYR A 38 -2.47 4.33 1.29
C TYR A 38 -1.34 3.39 1.71
N TYR A 39 -0.32 3.96 2.33
CA TYR A 39 0.79 3.19 2.86
C TYR A 39 0.30 2.18 3.91
N LEU A 40 -0.57 2.65 4.79
CA LEU A 40 -1.17 1.81 5.80
C LEU A 40 -2.10 0.77 5.17
N MET A 41 -2.83 1.19 4.13
CA MET A 41 -3.73 0.29 3.42
C MET A 41 -2.95 -0.88 2.82
N GLY A 42 -1.88 -0.54 2.10
CA GLY A 42 -1.04 -1.56 1.50
C GLY A 42 -0.39 -2.46 2.53
N ASN A 43 -0.05 -1.89 3.68
CA ASN A 43 0.54 -2.65 4.77
C ASN A 43 -0.47 -3.63 5.33
N ALA A 44 -1.72 -3.19 5.44
CA ALA A 44 -2.80 -4.04 5.90
C ALA A 44 -3.05 -5.19 4.95
N TYR A 45 -3.08 -4.89 3.64
CA TYR A 45 -3.24 -5.92 2.63
C TYR A 45 -2.09 -6.92 2.66
N ARG A 46 -0.91 -6.45 3.05
CA ARG A 46 0.25 -7.32 3.18
C ARG A 46 0.03 -8.32 4.31
N LYS A 47 -0.57 -7.87 5.41
CA LYS A 47 -0.89 -8.74 6.52
C LYS A 47 -1.94 -9.77 6.11
N LEU A 48 -2.85 -9.37 5.22
CA LEU A 48 -3.82 -10.29 4.65
C LEU A 48 -3.11 -11.32 3.77
N GLY A 49 -2.29 -10.82 2.85
CA GLY A 49 -1.53 -11.70 1.99
C GLY A 49 -1.80 -11.45 0.53
N ASP A 50 -2.27 -10.25 0.19
CA ASP A 50 -2.51 -9.90 -1.20
C ASP A 50 -1.47 -8.89 -1.66
N TRP A 51 -0.75 -9.24 -2.72
CA TRP A 51 0.34 -8.41 -3.18
C TRP A 51 -0.13 -7.35 -4.16
N GLN A 52 -1.17 -7.66 -4.93
CA GLN A 52 -1.71 -6.70 -5.89
C GLN A 52 -2.21 -5.46 -5.16
N LYS A 53 -3.11 -5.68 -4.20
CA LYS A 53 -3.71 -4.59 -3.44
C LYS A 53 -2.62 -3.74 -2.79
N ALA A 54 -1.61 -4.40 -2.24
CA ALA A 54 -0.49 -3.69 -1.64
C ALA A 54 0.19 -2.79 -2.66
N LEU A 55 0.47 -3.34 -3.84
CA LEU A 55 1.17 -2.63 -4.89
C LEU A 55 0.39 -1.38 -5.34
N ASN A 56 -0.88 -1.55 -5.69
CA ASN A 56 -1.64 -0.43 -6.22
C ASN A 56 -1.97 0.59 -5.14
N ASN A 57 -2.05 0.15 -3.88
CA ASN A 57 -2.25 1.07 -2.78
C ASN A 57 -0.99 1.88 -2.52
N TYR A 58 0.17 1.21 -2.47
CA TYR A 58 1.43 1.90 -2.33
C TYR A 58 1.63 2.88 -3.48
N GLN A 59 1.30 2.43 -4.69
CA GLN A 59 1.39 3.25 -5.88
C GLN A 59 0.53 4.51 -5.75
N SER A 60 -0.66 4.34 -5.19
CA SER A 60 -1.59 5.46 -5.03
C SER A 60 -1.01 6.52 -4.09
N ALA A 61 -0.22 6.08 -3.11
CA ALA A 61 0.45 7.00 -2.20
C ALA A 61 1.54 7.78 -2.94
N ILE A 62 2.27 7.07 -3.80
CA ILE A 62 3.37 7.66 -4.56
C ILE A 62 2.86 8.70 -5.56
N GLU A 63 1.65 8.46 -6.08
CA GLU A 63 1.00 9.39 -7.00
C GLU A 63 0.79 10.74 -6.32
N LEU A 64 0.71 10.73 -5.01
CA LEU A 64 0.49 11.94 -4.24
C LEU A 64 1.80 12.50 -3.72
N ASN A 65 2.55 11.67 -3.02
CA ASN A 65 3.81 12.11 -2.43
C ASN A 65 4.97 11.27 -2.97
N PRO A 66 5.88 11.91 -3.71
CA PRO A 66 7.04 11.24 -4.33
C PRO A 66 8.09 10.86 -3.29
N ASP A 67 7.97 11.40 -2.09
CA ASP A 67 8.89 11.10 -1.01
C ASP A 67 8.22 10.21 0.02
N SER A 68 7.08 9.65 -0.37
CA SER A 68 6.31 8.77 0.49
C SER A 68 7.11 7.52 0.84
N PRO A 69 6.98 7.03 2.09
CA PRO A 69 7.61 5.78 2.51
C PRO A 69 7.06 4.59 1.72
N ALA A 70 5.95 4.82 1.03
CA ALA A 70 5.31 3.80 0.22
C ALA A 70 6.20 3.37 -0.94
N LEU A 71 7.13 4.23 -1.34
CA LEU A 71 8.06 3.92 -2.41
C LEU A 71 8.93 2.74 -2.04
N GLN A 72 9.49 2.79 -0.83
CA GLN A 72 10.38 1.75 -0.35
C GLN A 72 9.61 0.46 -0.11
N ALA A 73 8.36 0.60 0.26
CA ALA A 73 7.49 -0.54 0.49
C ALA A 73 7.09 -1.20 -0.83
N ARG A 74 6.85 -0.38 -1.85
CA ARG A 74 6.51 -0.89 -3.17
C ARG A 74 7.68 -1.67 -3.76
N LYS A 75 8.89 -1.14 -3.59
CA LYS A 75 10.10 -1.84 -4.02
C LYS A 75 10.18 -3.21 -3.34
N MET A 76 9.87 -3.21 -2.05
CA MET A 76 9.89 -4.42 -1.24
C MET A 76 8.99 -5.49 -1.85
N VAL A 77 7.75 -5.12 -2.15
CA VAL A 77 6.78 -6.08 -2.67
C VAL A 77 7.23 -6.64 -4.03
N MET A 78 7.71 -5.77 -4.90
CA MET A 78 8.20 -6.20 -6.22
C MET A 78 9.32 -7.21 -6.06
N ASP A 79 10.23 -6.94 -5.13
CA ASP A 79 11.35 -7.84 -4.86
C ASP A 79 10.85 -9.17 -4.27
N ILE A 80 9.88 -9.10 -3.37
CA ILE A 80 9.28 -10.30 -2.79
C ILE A 80 8.57 -11.11 -3.87
N LEU A 81 7.82 -10.43 -4.73
CA LEU A 81 7.17 -11.08 -5.86
C LEU A 81 8.18 -11.77 -6.76
N ASN A 82 9.26 -11.07 -7.08
CA ASN A 82 10.35 -11.63 -7.87
C ASN A 82 10.96 -12.84 -7.17
N PHE A 83 10.99 -12.78 -5.84
CA PHE A 83 11.51 -13.87 -5.03
C PHE A 83 10.62 -15.12 -5.17
N TYR A 84 9.33 -14.88 -5.42
CA TYR A 84 8.41 -15.98 -5.69
C TYR A 84 8.55 -16.47 -7.12
N ASN A 85 8.36 -15.57 -8.08
CA ASN A 85 8.47 -15.91 -9.50
C ASN A 85 8.55 -14.65 -10.36
N LYS A 86 8.68 -14.83 -11.67
CA LYS A 86 8.85 -13.72 -12.58
C LYS A 86 7.63 -13.55 -13.49
N ASP A 87 6.93 -14.64 -13.74
CA ASP A 87 5.83 -14.65 -14.70
C ASP A 87 4.64 -13.83 -14.22
N MET A 88 4.35 -13.89 -12.93
CA MET A 88 3.23 -13.11 -12.38
C MET A 88 3.57 -11.63 -12.51
N TYR A 89 4.84 -11.30 -12.33
CA TYR A 89 5.31 -9.94 -12.42
C TYR A 89 5.27 -9.47 -13.88
N ASN A 90 5.34 -10.41 -14.80
CA ASN A 90 5.30 -10.09 -16.24
C ASN A 90 3.97 -9.47 -16.63
N GLN A 91 2.92 -9.79 -15.88
CA GLN A 91 1.61 -9.19 -16.11
C GLN A 91 1.67 -7.69 -15.81
N LEU A 92 2.43 -7.34 -14.78
CA LEU A 92 2.60 -5.94 -14.40
C LEU A 92 3.73 -5.32 -15.21
N GLU A 93 4.56 -6.17 -15.80
CA GLU A 93 5.69 -5.72 -16.61
C GLU A 93 5.22 -5.36 -18.02
N HIS A 94 3.90 -5.32 -18.21
CA HIS A 94 3.33 -4.97 -19.51
C HIS A 94 3.40 -3.47 -19.78
N HIS A 95 4.27 -2.80 -19.03
CA HIS A 95 4.61 -1.41 -19.31
C HIS A 95 6.09 -1.34 -19.69
N HIS A 96 6.41 -1.77 -20.91
CA HIS A 96 7.80 -1.87 -21.33
C HIS A 96 8.39 -0.50 -21.64
N HIS A 97 9.10 0.04 -20.66
CA HIS A 97 9.85 1.26 -20.83
C HIS A 97 11.30 1.01 -20.43
N HIS A 98 12.22 1.70 -21.09
CA HIS A 98 13.65 1.48 -20.87
C HIS A 98 14.01 1.74 -19.41
N HIS A 99 14.78 0.83 -18.81
CA HIS A 99 15.09 0.90 -17.39
C HIS A 99 15.94 2.13 -17.08
N MET A 1 -6.41 15.28 14.06
CA MET A 1 -7.24 14.06 13.97
C MET A 1 -6.35 12.83 13.84
N ASP A 2 -6.34 12.01 14.88
CA ASP A 2 -5.42 10.88 14.97
C ASP A 2 -6.03 9.63 14.36
N GLN A 3 -6.93 9.82 13.40
CA GLN A 3 -7.59 8.72 12.70
C GLN A 3 -6.55 7.78 12.09
N LEU A 4 -5.50 8.37 11.53
CA LEU A 4 -4.40 7.62 10.95
C LEU A 4 -3.74 6.69 11.97
N LYS A 5 -3.59 7.16 13.20
CA LYS A 5 -2.98 6.35 14.24
C LYS A 5 -3.92 5.23 14.65
N THR A 6 -5.21 5.53 14.70
CA THR A 6 -6.22 4.52 14.99
C THR A 6 -6.08 3.35 14.02
N ILE A 7 -5.87 3.67 12.75
CA ILE A 7 -5.65 2.67 11.72
C ILE A 7 -4.35 1.92 11.96
N LYS A 8 -3.29 2.66 12.30
CA LYS A 8 -2.00 2.06 12.63
C LYS A 8 -2.17 1.00 13.72
N GLU A 9 -2.91 1.36 14.77
CA GLU A 9 -3.15 0.46 15.89
C GLU A 9 -3.88 -0.79 15.42
N LEU A 10 -4.89 -0.61 14.58
CA LEU A 10 -5.69 -1.71 14.06
C LEU A 10 -4.81 -2.69 13.26
N ILE A 11 -3.95 -2.14 12.42
CA ILE A 11 -3.07 -2.95 11.59
C ILE A 11 -2.07 -3.73 12.45
N ASN A 12 -1.60 -3.09 13.51
CA ASN A 12 -0.65 -3.73 14.44
C ASN A 12 -1.34 -4.78 15.30
N GLN A 13 -2.67 -4.72 15.35
CA GLN A 13 -3.44 -5.73 16.07
C GLN A 13 -3.79 -6.90 15.16
N GLY A 14 -4.23 -6.59 13.95
CA GLY A 14 -4.64 -7.62 13.02
C GLY A 14 -5.99 -7.33 12.42
N ASP A 15 -6.63 -6.27 12.92
CA ASP A 15 -7.92 -5.83 12.41
C ASP A 15 -7.76 -5.13 11.06
N ILE A 16 -7.33 -5.91 10.08
CA ILE A 16 -7.05 -5.41 8.74
C ILE A 16 -8.27 -4.76 8.11
N GLU A 17 -9.41 -5.44 8.17
CA GLU A 17 -10.62 -4.94 7.53
C GLU A 17 -11.10 -3.66 8.19
N ASN A 18 -10.93 -3.58 9.51
CA ASN A 18 -11.30 -2.38 10.23
C ASN A 18 -10.42 -1.22 9.80
N ALA A 19 -9.14 -1.51 9.60
CA ALA A 19 -8.18 -0.52 9.13
C ALA A 19 -8.52 -0.07 7.72
N LEU A 20 -8.72 -1.03 6.83
CA LEU A 20 -8.99 -0.75 5.42
C LEU A 20 -10.19 0.19 5.24
N GLN A 21 -11.28 -0.11 5.93
CA GLN A 21 -12.49 0.70 5.80
C GLN A 21 -12.29 2.09 6.37
N ALA A 22 -11.55 2.19 7.48
CA ALA A 22 -11.25 3.49 8.06
C ALA A 22 -10.31 4.29 7.17
N LEU A 23 -9.50 3.58 6.40
CA LEU A 23 -8.56 4.20 5.48
C LEU A 23 -9.28 4.87 4.32
N GLU A 24 -10.16 4.13 3.66
CA GLU A 24 -10.90 4.67 2.53
C GLU A 24 -11.84 5.79 2.98
N GLU A 25 -12.32 5.70 4.22
CA GLU A 25 -13.11 6.77 4.82
C GLU A 25 -12.25 8.03 4.96
N PHE A 26 -11.01 7.85 5.39
CA PHE A 26 -10.08 8.95 5.55
C PHE A 26 -9.76 9.60 4.21
N LEU A 27 -9.62 8.77 3.18
CA LEU A 27 -9.37 9.25 1.82
C LEU A 27 -10.47 10.19 1.35
N GLN A 28 -11.67 9.97 1.87
CA GLN A 28 -12.84 10.74 1.46
C GLN A 28 -12.86 12.11 2.14
N THR A 29 -12.17 12.24 3.26
CA THR A 29 -12.25 13.47 4.05
C THR A 29 -10.95 14.28 4.02
N GLU A 30 -9.80 13.61 4.13
CA GLU A 30 -8.54 14.32 4.23
C GLU A 30 -7.56 13.88 3.15
N PRO A 31 -7.55 14.59 2.01
CA PRO A 31 -6.60 14.33 0.92
C PRO A 31 -5.17 14.69 1.27
N VAL A 32 -5.01 15.50 2.31
CA VAL A 32 -3.69 16.02 2.70
C VAL A 32 -2.78 14.91 3.23
N GLY A 33 -3.37 13.88 3.83
CA GLY A 33 -2.58 12.82 4.41
C GLY A 33 -2.86 11.47 3.78
N LYS A 34 -3.16 11.48 2.48
CA LYS A 34 -3.51 10.24 1.79
C LYS A 34 -2.28 9.36 1.58
N ASP A 35 -1.09 9.96 1.62
CA ASP A 35 0.13 9.19 1.42
C ASP A 35 0.36 8.26 2.61
N GLU A 36 0.00 8.72 3.79
CA GLU A 36 0.05 7.90 4.99
C GLU A 36 -1.03 6.83 4.91
N ALA A 37 -2.22 7.25 4.48
CA ALA A 37 -3.36 6.35 4.38
C ALA A 37 -3.09 5.22 3.40
N TYR A 38 -2.68 5.57 2.18
CA TYR A 38 -2.40 4.57 1.15
C TYR A 38 -1.30 3.61 1.60
N TYR A 39 -0.31 4.14 2.33
CA TYR A 39 0.75 3.31 2.90
C TYR A 39 0.14 2.30 3.87
N LEU A 40 -0.74 2.77 4.74
CA LEU A 40 -1.41 1.92 5.70
C LEU A 40 -2.28 0.88 5.00
N MET A 41 -2.94 1.30 3.92
CA MET A 41 -3.77 0.39 3.13
C MET A 41 -2.94 -0.75 2.59
N GLY A 42 -1.84 -0.40 1.92
CA GLY A 42 -0.94 -1.41 1.38
C GLY A 42 -0.34 -2.27 2.47
N ASN A 43 -0.06 -1.65 3.61
CA ASN A 43 0.48 -2.38 4.77
C ASN A 43 -0.50 -3.44 5.25
N ALA A 44 -1.77 -3.07 5.31
CA ALA A 44 -2.82 -4.01 5.71
C ALA A 44 -2.96 -5.12 4.68
N TYR A 45 -2.88 -4.74 3.40
CA TYR A 45 -2.99 -5.71 2.31
C TYR A 45 -1.83 -6.70 2.31
N ARG A 46 -0.61 -6.23 2.58
CA ARG A 46 0.55 -7.11 2.58
C ARG A 46 0.46 -8.10 3.75
N LYS A 47 -0.20 -7.70 4.83
CA LYS A 47 -0.44 -8.59 5.95
C LYS A 47 -1.40 -9.70 5.56
N LEU A 48 -2.37 -9.37 4.71
CA LEU A 48 -3.29 -10.37 4.19
C LEU A 48 -2.60 -11.29 3.20
N GLY A 49 -1.61 -10.74 2.50
CA GLY A 49 -0.89 -11.50 1.52
C GLY A 49 -1.27 -11.09 0.11
N ASP A 50 -2.11 -10.06 0.00
CA ASP A 50 -2.52 -9.57 -1.29
C ASP A 50 -1.54 -8.50 -1.76
N TRP A 51 -0.65 -8.90 -2.65
CA TRP A 51 0.44 -8.04 -3.07
C TRP A 51 -0.02 -7.02 -4.10
N GLN A 52 -1.06 -7.36 -4.87
CA GLN A 52 -1.52 -6.47 -5.94
C GLN A 52 -2.22 -5.24 -5.37
N LYS A 53 -3.08 -5.45 -4.37
CA LYS A 53 -3.72 -4.33 -3.68
C LYS A 53 -2.67 -3.49 -2.98
N ALA A 54 -1.67 -4.15 -2.42
CA ALA A 54 -0.56 -3.48 -1.76
C ALA A 54 0.17 -2.56 -2.75
N LEU A 55 0.57 -3.13 -3.89
CA LEU A 55 1.29 -2.39 -4.92
C LEU A 55 0.52 -1.15 -5.37
N ASN A 56 -0.75 -1.36 -5.71
CA ASN A 56 -1.59 -0.27 -6.21
C ASN A 56 -1.72 0.86 -5.21
N ASN A 57 -1.89 0.52 -3.93
CA ASN A 57 -2.07 1.53 -2.91
C ASN A 57 -0.75 2.20 -2.55
N TYR A 58 0.33 1.42 -2.55
CA TYR A 58 1.66 1.98 -2.32
C TYR A 58 2.00 3.01 -3.39
N GLN A 59 1.77 2.64 -4.64
CA GLN A 59 2.06 3.51 -5.77
C GLN A 59 1.19 4.78 -5.72
N SER A 60 -0.01 4.64 -5.18
CA SER A 60 -0.91 5.77 -5.03
C SER A 60 -0.31 6.81 -4.08
N ALA A 61 0.33 6.33 -3.02
CA ALA A 61 0.95 7.20 -2.03
C ALA A 61 2.24 7.81 -2.58
N ILE A 62 2.99 7.00 -3.32
CA ILE A 62 4.29 7.43 -3.85
C ILE A 62 4.17 8.62 -4.79
N GLU A 63 3.10 8.66 -5.58
CA GLU A 63 2.91 9.75 -6.52
C GLU A 63 2.24 10.95 -5.86
N LEU A 64 1.77 10.78 -4.65
CA LEU A 64 1.26 11.89 -3.86
C LEU A 64 2.40 12.51 -3.07
N ASN A 65 3.19 11.64 -2.44
CA ASN A 65 4.35 12.06 -1.67
C ASN A 65 5.52 11.13 -1.98
N PRO A 66 6.48 11.61 -2.79
CA PRO A 66 7.59 10.77 -3.28
C PRO A 66 8.55 10.33 -2.18
N ASP A 67 8.52 11.02 -1.05
CA ASP A 67 9.41 10.73 0.05
C ASP A 67 8.70 9.94 1.14
N SER A 68 7.57 9.36 0.81
CA SER A 68 6.81 8.57 1.77
C SER A 68 7.45 7.19 1.94
N PRO A 69 7.19 6.52 3.08
CA PRO A 69 7.72 5.17 3.35
C PRO A 69 7.15 4.14 2.38
N ALA A 70 6.15 4.53 1.61
CA ALA A 70 5.51 3.64 0.64
C ALA A 70 6.46 3.33 -0.50
N LEU A 71 7.50 4.16 -0.64
CA LEU A 71 8.51 3.98 -1.68
C LEU A 71 9.15 2.61 -1.55
N GLN A 72 9.66 2.36 -0.36
CA GLN A 72 10.39 1.15 -0.05
C GLN A 72 9.41 -0.01 0.12
N ALA A 73 8.22 0.29 0.60
CA ALA A 73 7.18 -0.70 0.78
C ALA A 73 6.76 -1.30 -0.56
N ARG A 74 6.55 -0.44 -1.55
CA ARG A 74 6.19 -0.90 -2.89
C ARG A 74 7.28 -1.79 -3.45
N LYS A 75 8.51 -1.27 -3.43
CA LYS A 75 9.65 -1.99 -3.98
C LYS A 75 9.82 -3.33 -3.28
N MET A 76 9.58 -3.35 -1.97
CA MET A 76 9.65 -4.58 -1.20
C MET A 76 8.67 -5.61 -1.75
N VAL A 77 7.42 -5.18 -1.91
CA VAL A 77 6.36 -6.08 -2.37
C VAL A 77 6.66 -6.65 -3.75
N MET A 78 7.02 -5.77 -4.68
CA MET A 78 7.26 -6.18 -6.05
C MET A 78 8.53 -7.01 -6.16
N ASP A 79 9.49 -6.77 -5.27
CA ASP A 79 10.72 -7.55 -5.24
C ASP A 79 10.44 -8.93 -4.63
N ILE A 80 9.57 -8.95 -3.62
CA ILE A 80 9.11 -10.21 -3.04
C ILE A 80 8.39 -11.04 -4.09
N LEU A 81 7.54 -10.39 -4.88
CA LEU A 81 6.90 -11.05 -6.01
C LEU A 81 7.94 -11.56 -6.99
N ASN A 82 8.94 -10.73 -7.28
CA ASN A 82 10.04 -11.11 -8.16
C ASN A 82 10.80 -12.31 -7.59
N PHE A 83 10.89 -12.37 -6.27
CA PHE A 83 11.52 -13.47 -5.58
C PHE A 83 10.65 -14.72 -5.65
N TYR A 84 9.34 -14.53 -5.52
CA TYR A 84 8.38 -15.62 -5.57
C TYR A 84 8.37 -16.28 -6.95
N ASN A 85 8.04 -15.50 -7.97
CA ASN A 85 7.86 -16.06 -9.31
C ASN A 85 8.03 -14.99 -10.38
N LYS A 86 7.79 -15.38 -11.62
CA LYS A 86 7.79 -14.44 -12.73
C LYS A 86 6.61 -14.73 -13.64
N ASP A 87 5.60 -15.31 -13.05
CA ASP A 87 4.38 -15.68 -13.75
C ASP A 87 3.41 -14.51 -13.74
N MET A 88 2.90 -14.18 -12.56
CA MET A 88 1.90 -13.13 -12.43
C MET A 88 2.54 -11.75 -12.30
N TYR A 89 3.84 -11.73 -11.99
CA TYR A 89 4.55 -10.50 -11.75
C TYR A 89 4.56 -9.60 -12.98
N ASN A 90 4.69 -10.20 -14.15
CA ASN A 90 4.75 -9.45 -15.39
C ASN A 90 3.36 -9.13 -15.92
N GLN A 91 2.34 -9.65 -15.23
CA GLN A 91 0.98 -9.49 -15.71
C GLN A 91 0.24 -8.39 -14.93
N LEU A 92 0.39 -8.37 -13.61
CA LEU A 92 -0.33 -7.39 -12.79
C LEU A 92 0.35 -6.03 -12.91
N GLU A 93 1.64 -6.03 -13.14
CA GLU A 93 2.40 -4.81 -13.30
C GLU A 93 3.26 -4.93 -14.54
N HIS A 94 2.87 -4.25 -15.60
CA HIS A 94 3.53 -4.38 -16.88
C HIS A 94 3.99 -3.02 -17.39
N HIS A 95 4.78 -2.33 -16.58
CA HIS A 95 5.42 -1.10 -17.04
C HIS A 95 6.34 -1.39 -18.22
N HIS A 96 6.53 -0.42 -19.10
CA HIS A 96 7.30 -0.65 -20.31
C HIS A 96 8.51 0.27 -20.38
N HIS A 97 9.66 -0.32 -20.64
CA HIS A 97 10.90 0.42 -20.78
C HIS A 97 11.35 0.41 -22.23
N HIS A 98 11.77 1.56 -22.74
CA HIS A 98 12.21 1.68 -24.11
C HIS A 98 13.36 2.67 -24.22
N HIS A 99 14.57 2.15 -24.32
CA HIS A 99 15.75 3.00 -24.42
C HIS A 99 16.61 2.57 -25.61
N MET A 1 -9.01 14.96 14.70
CA MET A 1 -9.21 13.85 13.77
C MET A 1 -7.88 13.17 13.48
N ASP A 2 -7.70 12.00 14.07
CA ASP A 2 -6.39 11.35 14.08
C ASP A 2 -6.53 9.88 13.78
N GLN A 3 -7.49 9.56 12.90
CA GLN A 3 -7.79 8.17 12.55
C GLN A 3 -6.56 7.44 12.03
N LEU A 4 -5.61 8.18 11.45
CA LEU A 4 -4.36 7.58 10.98
C LEU A 4 -3.68 6.79 12.09
N LYS A 5 -3.59 7.37 13.28
CA LYS A 5 -2.99 6.70 14.42
C LYS A 5 -3.81 5.48 14.81
N THR A 6 -5.13 5.65 14.80
CA THR A 6 -6.05 4.55 15.09
C THR A 6 -5.77 3.37 14.15
N ILE A 7 -5.69 3.66 12.87
CA ILE A 7 -5.46 2.66 11.83
C ILE A 7 -4.10 1.99 11.99
N LYS A 8 -3.08 2.79 12.31
CA LYS A 8 -1.74 2.26 12.58
C LYS A 8 -1.81 1.17 13.65
N GLU A 9 -2.50 1.46 14.73
CA GLU A 9 -2.64 0.53 15.84
C GLU A 9 -3.46 -0.69 15.43
N LEU A 10 -4.45 -0.47 14.57
CA LEU A 10 -5.30 -1.55 14.07
C LEU A 10 -4.47 -2.54 13.26
N ILE A 11 -3.60 -2.03 12.40
CA ILE A 11 -2.75 -2.87 11.58
C ILE A 11 -1.77 -3.64 12.46
N ASN A 12 -1.29 -3.01 13.53
CA ASN A 12 -0.36 -3.66 14.46
C ASN A 12 -1.04 -4.81 15.19
N GLN A 13 -2.30 -4.62 15.56
CA GLN A 13 -3.03 -5.64 16.33
C GLN A 13 -3.59 -6.71 15.42
N GLY A 14 -3.57 -6.45 14.11
CA GLY A 14 -4.01 -7.44 13.16
C GLY A 14 -5.45 -7.24 12.73
N ASP A 15 -6.00 -6.08 13.04
CA ASP A 15 -7.36 -5.77 12.62
C ASP A 15 -7.31 -4.97 11.31
N ILE A 16 -7.08 -5.68 10.22
CA ILE A 16 -6.91 -5.07 8.91
C ILE A 16 -8.22 -4.50 8.38
N GLU A 17 -9.33 -5.21 8.58
CA GLU A 17 -10.61 -4.79 8.03
C GLU A 17 -11.09 -3.49 8.68
N ASN A 18 -10.86 -3.34 9.98
CA ASN A 18 -11.18 -2.08 10.65
C ASN A 18 -10.26 -0.98 10.16
N ALA A 19 -9.00 -1.34 9.90
CA ALA A 19 -8.05 -0.41 9.35
C ALA A 19 -8.48 0.08 7.97
N LEU A 20 -8.77 -0.87 7.08
CA LEU A 20 -9.15 -0.57 5.70
C LEU A 20 -10.36 0.36 5.63
N GLN A 21 -11.42 0.01 6.34
CA GLN A 21 -12.67 0.79 6.27
C GLN A 21 -12.45 2.20 6.79
N ALA A 22 -11.60 2.34 7.82
CA ALA A 22 -11.27 3.65 8.36
C ALA A 22 -10.37 4.41 7.40
N LEU A 23 -9.52 3.68 6.70
CA LEU A 23 -8.62 4.25 5.68
C LEU A 23 -9.42 4.82 4.51
N GLU A 24 -10.31 3.99 3.97
CA GLU A 24 -11.15 4.41 2.86
C GLU A 24 -12.02 5.60 3.25
N GLU A 25 -12.36 5.66 4.53
CA GLU A 25 -13.12 6.77 5.07
C GLU A 25 -12.24 8.02 5.20
N PHE A 26 -11.01 7.82 5.68
CA PHE A 26 -10.06 8.91 5.86
C PHE A 26 -9.74 9.58 4.53
N LEU A 27 -9.71 8.80 3.47
CA LEU A 27 -9.43 9.31 2.12
C LEU A 27 -10.48 10.36 1.72
N GLN A 28 -11.67 10.24 2.29
CA GLN A 28 -12.77 11.12 1.96
C GLN A 28 -12.65 12.44 2.72
N THR A 29 -12.15 12.37 3.94
CA THR A 29 -12.15 13.53 4.82
C THR A 29 -10.85 14.33 4.72
N GLU A 30 -9.71 13.65 4.61
CA GLU A 30 -8.41 14.32 4.57
C GLU A 30 -7.57 13.84 3.40
N PRO A 31 -7.73 14.50 2.24
CA PRO A 31 -6.96 14.16 1.04
C PRO A 31 -5.48 14.52 1.18
N VAL A 32 -5.18 15.36 2.16
CA VAL A 32 -3.83 15.83 2.39
C VAL A 32 -2.95 14.73 3.01
N GLY A 33 -3.58 13.77 3.67
CA GLY A 33 -2.83 12.72 4.33
C GLY A 33 -3.08 11.36 3.71
N LYS A 34 -3.44 11.34 2.43
CA LYS A 34 -3.74 10.10 1.75
C LYS A 34 -2.49 9.29 1.47
N ASP A 35 -1.33 9.94 1.47
CA ASP A 35 -0.07 9.23 1.24
C ASP A 35 0.24 8.32 2.41
N GLU A 36 -0.04 8.79 3.62
CA GLU A 36 0.10 7.96 4.81
C GLU A 36 -0.99 6.89 4.82
N ALA A 37 -2.20 7.31 4.48
CA ALA A 37 -3.34 6.41 4.46
C ALA A 37 -3.12 5.25 3.49
N TYR A 38 -2.76 5.56 2.26
CA TYR A 38 -2.56 4.54 1.23
C TYR A 38 -1.41 3.61 1.60
N TYR A 39 -0.39 4.16 2.26
CA TYR A 39 0.70 3.33 2.76
C TYR A 39 0.15 2.33 3.79
N LEU A 40 -0.69 2.83 4.70
CA LEU A 40 -1.32 1.98 5.69
C LEU A 40 -2.21 0.94 5.04
N MET A 41 -2.92 1.35 3.98
CA MET A 41 -3.77 0.43 3.23
C MET A 41 -2.94 -0.71 2.65
N GLY A 42 -1.82 -0.33 2.04
CA GLY A 42 -0.91 -1.32 1.48
C GLY A 42 -0.39 -2.28 2.54
N ASN A 43 -0.10 -1.75 3.72
CA ASN A 43 0.34 -2.58 4.85
C ASN A 43 -0.73 -3.59 5.24
N ALA A 44 -1.97 -3.12 5.28
CA ALA A 44 -3.09 -3.97 5.64
C ALA A 44 -3.30 -5.07 4.61
N TYR A 45 -3.23 -4.71 3.34
CA TYR A 45 -3.36 -5.67 2.25
C TYR A 45 -2.22 -6.67 2.25
N ARG A 46 -1.06 -6.23 2.72
CA ARG A 46 0.10 -7.11 2.84
C ARG A 46 -0.18 -8.24 3.82
N LYS A 47 -0.79 -7.89 4.96
CA LYS A 47 -1.14 -8.88 5.97
C LYS A 47 -2.31 -9.74 5.50
N LEU A 48 -3.05 -9.24 4.53
CA LEU A 48 -4.11 -10.03 3.90
C LEU A 48 -3.51 -11.06 2.94
N GLY A 49 -2.61 -10.61 2.08
CA GLY A 49 -1.95 -11.52 1.17
C GLY A 49 -2.10 -11.13 -0.29
N ASP A 50 -2.82 -10.04 -0.55
CA ASP A 50 -3.01 -9.57 -1.92
C ASP A 50 -1.96 -8.52 -2.25
N TRP A 51 -1.01 -8.89 -3.11
CA TRP A 51 0.10 -8.02 -3.43
C TRP A 51 -0.30 -6.95 -4.44
N GLN A 52 -1.33 -7.24 -5.22
CA GLN A 52 -1.79 -6.30 -6.22
C GLN A 52 -2.46 -5.11 -5.55
N LYS A 53 -3.27 -5.39 -4.53
CA LYS A 53 -3.88 -4.32 -3.75
C LYS A 53 -2.81 -3.44 -3.13
N ALA A 54 -1.81 -4.09 -2.55
CA ALA A 54 -0.72 -3.38 -1.90
C ALA A 54 0.02 -2.49 -2.88
N LEU A 55 0.43 -3.07 -4.01
CA LEU A 55 1.19 -2.33 -5.03
C LEU A 55 0.40 -1.15 -5.58
N ASN A 56 -0.89 -1.36 -5.83
CA ASN A 56 -1.74 -0.29 -6.35
C ASN A 56 -1.90 0.82 -5.33
N ASN A 57 -2.18 0.45 -4.08
CA ASN A 57 -2.34 1.43 -3.01
C ASN A 57 -1.03 2.15 -2.73
N TYR A 58 0.09 1.44 -2.83
CA TYR A 58 1.40 2.06 -2.68
C TYR A 58 1.59 3.15 -3.71
N GLN A 59 1.31 2.82 -4.98
CA GLN A 59 1.45 3.77 -6.09
C GLN A 59 0.57 5.00 -5.87
N SER A 60 -0.62 4.78 -5.35
CA SER A 60 -1.54 5.88 -5.06
C SER A 60 -0.90 6.87 -4.08
N ALA A 61 -0.15 6.34 -3.10
CA ALA A 61 0.57 7.18 -2.14
C ALA A 61 1.82 7.79 -2.78
N ILE A 62 2.55 6.97 -3.53
CA ILE A 62 3.79 7.38 -4.18
C ILE A 62 3.58 8.58 -5.10
N GLU A 63 2.51 8.54 -5.87
CA GLU A 63 2.22 9.57 -6.84
C GLU A 63 1.67 10.84 -6.17
N LEU A 64 1.33 10.73 -4.89
CA LEU A 64 0.90 11.89 -4.12
C LEU A 64 2.10 12.53 -3.43
N ASN A 65 2.83 11.71 -2.67
CA ASN A 65 4.03 12.17 -1.99
C ASN A 65 5.24 11.40 -2.49
N PRO A 66 6.14 12.11 -3.20
CA PRO A 66 7.32 11.49 -3.83
C PRO A 66 8.28 10.86 -2.83
N ASP A 67 8.17 11.24 -1.56
CA ASP A 67 8.98 10.63 -0.52
C ASP A 67 8.10 10.03 0.55
N SER A 68 7.45 8.94 0.22
CA SER A 68 6.62 8.23 1.17
C SER A 68 7.19 6.83 1.38
N PRO A 69 6.96 6.23 2.57
CA PRO A 69 7.45 4.88 2.87
C PRO A 69 6.89 3.83 1.91
N ALA A 70 5.83 4.21 1.20
CA ALA A 70 5.19 3.32 0.22
C ALA A 70 6.16 2.95 -0.90
N LEU A 71 7.14 3.80 -1.14
CA LEU A 71 8.15 3.53 -2.16
C LEU A 71 9.01 2.35 -1.75
N GLN A 72 9.45 2.37 -0.49
CA GLN A 72 10.32 1.34 0.03
C GLN A 72 9.55 0.04 0.16
N ALA A 73 8.27 0.18 0.48
CA ALA A 73 7.39 -0.97 0.62
C ALA A 73 7.12 -1.63 -0.72
N ARG A 74 7.05 -0.82 -1.78
CA ARG A 74 6.84 -1.37 -3.12
C ARG A 74 8.04 -2.20 -3.55
N LYS A 75 9.24 -1.74 -3.18
CA LYS A 75 10.46 -2.51 -3.44
C LYS A 75 10.35 -3.86 -2.76
N MET A 76 9.91 -3.82 -1.50
CA MET A 76 9.73 -5.02 -0.69
C MET A 76 8.85 -6.04 -1.40
N VAL A 77 7.72 -5.57 -1.92
CA VAL A 77 6.78 -6.44 -2.61
C VAL A 77 7.42 -7.07 -3.84
N MET A 78 8.28 -6.32 -4.53
CA MET A 78 8.96 -6.83 -5.71
C MET A 78 9.87 -7.99 -5.34
N ASP A 79 10.52 -7.89 -4.19
CA ASP A 79 11.35 -8.98 -3.67
C ASP A 79 10.50 -10.21 -3.44
N ILE A 80 9.30 -9.98 -2.91
CA ILE A 80 8.37 -11.06 -2.63
C ILE A 80 7.83 -11.66 -3.92
N LEU A 81 7.52 -10.81 -4.88
CA LEU A 81 7.01 -11.26 -6.18
C LEU A 81 8.08 -12.07 -6.90
N ASN A 82 9.32 -11.58 -6.84
CA ASN A 82 10.47 -12.31 -7.39
C ASN A 82 10.62 -13.66 -6.68
N PHE A 83 10.32 -13.64 -5.39
CA PHE A 83 10.34 -14.84 -4.56
C PHE A 83 9.30 -15.86 -5.04
N TYR A 84 8.12 -15.38 -5.42
CA TYR A 84 7.06 -16.25 -5.91
C TYR A 84 7.27 -16.61 -7.38
N ASN A 85 7.03 -15.65 -8.26
CA ASN A 85 7.10 -15.90 -9.70
C ASN A 85 7.27 -14.59 -10.47
N LYS A 86 8.02 -14.64 -11.55
CA LYS A 86 8.25 -13.47 -12.39
C LYS A 86 7.10 -13.28 -13.40
N ASP A 87 6.01 -13.99 -13.20
CA ASP A 87 4.91 -13.97 -14.15
C ASP A 87 4.09 -12.70 -13.96
N MET A 88 3.32 -12.68 -12.89
CA MET A 88 2.51 -11.50 -12.55
C MET A 88 3.41 -10.30 -12.27
N TYR A 89 4.64 -10.58 -11.86
CA TYR A 89 5.58 -9.55 -11.45
C TYR A 89 6.03 -8.69 -12.63
N ASN A 90 6.43 -9.32 -13.73
CA ASN A 90 6.91 -8.56 -14.88
C ASN A 90 5.81 -8.36 -15.91
N GLN A 91 4.60 -8.79 -15.58
CA GLN A 91 3.44 -8.49 -16.42
C GLN A 91 2.70 -7.26 -15.89
N LEU A 92 2.82 -7.02 -14.60
CA LEU A 92 2.22 -5.86 -13.98
C LEU A 92 3.04 -4.62 -14.34
N GLU A 93 4.33 -4.68 -14.08
CA GLU A 93 5.22 -3.60 -14.45
C GLU A 93 5.84 -3.91 -15.80
N HIS A 94 5.17 -3.45 -16.86
CA HIS A 94 5.60 -3.76 -18.21
C HIS A 94 6.30 -2.57 -18.85
N HIS A 95 7.44 -2.24 -18.28
CA HIS A 95 8.32 -1.20 -18.79
C HIS A 95 9.74 -1.68 -18.60
N HIS A 96 10.74 -0.92 -19.04
CA HIS A 96 12.12 -1.28 -18.73
C HIS A 96 12.31 -1.24 -17.22
N HIS A 97 12.53 -2.41 -16.64
CA HIS A 97 12.52 -2.58 -15.19
C HIS A 97 13.59 -1.73 -14.51
N HIS A 98 13.13 -0.85 -13.63
CA HIS A 98 14.02 -0.01 -12.84
C HIS A 98 14.60 -0.81 -11.68
N HIS A 99 15.90 -1.10 -11.74
CA HIS A 99 16.58 -1.84 -10.68
C HIS A 99 16.76 -0.96 -9.45
N MET A 1 -6.06 15.83 15.68
CA MET A 1 -6.17 14.37 15.91
C MET A 1 -5.89 13.61 14.62
N ASP A 2 -4.88 12.75 14.67
CA ASP A 2 -4.50 11.95 13.51
C ASP A 2 -5.26 10.63 13.49
N GLN A 3 -6.26 10.56 12.62
CA GLN A 3 -7.11 9.39 12.51
C GLN A 3 -6.31 8.16 12.08
N LEU A 4 -5.26 8.42 11.30
CA LEU A 4 -4.42 7.36 10.75
C LEU A 4 -3.76 6.54 11.85
N LYS A 5 -3.51 7.16 13.00
CA LYS A 5 -2.89 6.47 14.12
C LYS A 5 -3.78 5.33 14.60
N THR A 6 -5.08 5.58 14.58
CA THR A 6 -6.06 4.58 14.99
C THR A 6 -5.98 3.37 14.06
N ILE A 7 -5.78 3.62 12.77
CA ILE A 7 -5.61 2.54 11.80
C ILE A 7 -4.34 1.75 12.11
N LYS A 8 -3.27 2.47 12.44
CA LYS A 8 -2.01 1.83 12.81
C LYS A 8 -2.23 0.87 13.99
N GLU A 9 -2.95 1.36 15.00
CA GLU A 9 -3.27 0.55 16.18
C GLU A 9 -4.07 -0.69 15.77
N LEU A 10 -5.03 -0.50 14.89
CA LEU A 10 -5.85 -1.61 14.40
C LEU A 10 -4.99 -2.64 13.68
N ILE A 11 -4.13 -2.16 12.78
CA ILE A 11 -3.22 -3.03 12.05
C ILE A 11 -2.28 -3.78 13.00
N ASN A 12 -1.84 -3.10 14.04
CA ASN A 12 -0.96 -3.72 15.05
C ASN A 12 -1.69 -4.82 15.80
N GLN A 13 -3.01 -4.72 15.88
CA GLN A 13 -3.83 -5.71 16.57
C GLN A 13 -4.30 -6.78 15.61
N GLY A 14 -4.20 -6.50 14.33
CA GLY A 14 -4.65 -7.44 13.32
C GLY A 14 -6.08 -7.17 12.87
N ASP A 15 -6.52 -5.94 13.08
CA ASP A 15 -7.85 -5.52 12.63
C ASP A 15 -7.75 -4.78 11.30
N ILE A 16 -7.60 -5.54 10.22
CA ILE A 16 -7.42 -4.97 8.89
C ILE A 16 -8.71 -4.33 8.36
N GLU A 17 -9.84 -4.95 8.64
CA GLU A 17 -11.12 -4.48 8.10
C GLU A 17 -11.48 -3.10 8.64
N ASN A 18 -11.32 -2.90 9.94
CA ASN A 18 -11.61 -1.61 10.54
C ASN A 18 -10.55 -0.60 10.12
N ALA A 19 -9.33 -1.08 9.92
CA ALA A 19 -8.25 -0.24 9.41
C ALA A 19 -8.56 0.25 8.01
N LEU A 20 -8.87 -0.68 7.12
CA LEU A 20 -9.13 -0.37 5.71
C LEU A 20 -10.31 0.59 5.54
N GLN A 21 -11.42 0.30 6.21
CA GLN A 21 -12.61 1.13 6.08
C GLN A 21 -12.36 2.54 6.61
N ALA A 22 -11.53 2.66 7.63
CA ALA A 22 -11.17 3.96 8.16
C ALA A 22 -10.21 4.68 7.21
N LEU A 23 -9.39 3.89 6.52
CA LEU A 23 -8.44 4.44 5.54
C LEU A 23 -9.16 4.99 4.33
N GLU A 24 -10.05 4.18 3.75
CA GLU A 24 -10.81 4.62 2.58
C GLU A 24 -11.71 5.80 2.93
N GLU A 25 -12.17 5.82 4.19
CA GLU A 25 -12.93 6.94 4.71
C GLU A 25 -12.04 8.19 4.74
N PHE A 26 -10.82 7.99 5.23
CA PHE A 26 -9.83 9.06 5.33
C PHE A 26 -9.54 9.67 3.96
N LEU A 27 -9.46 8.82 2.94
CA LEU A 27 -9.20 9.27 1.58
C LEU A 27 -10.27 10.23 1.10
N GLN A 28 -11.47 10.07 1.63
CA GLN A 28 -12.61 10.87 1.21
C GLN A 28 -12.70 12.17 2.01
N THR A 29 -11.90 12.29 3.06
CA THR A 29 -12.06 13.43 3.97
C THR A 29 -10.76 14.24 4.11
N GLU A 30 -9.62 13.57 4.13
CA GLU A 30 -8.33 14.24 4.31
C GLU A 30 -7.41 13.95 3.13
N PRO A 31 -7.50 14.78 2.07
CA PRO A 31 -6.71 14.58 0.84
C PRO A 31 -5.20 14.77 1.04
N VAL A 32 -4.82 15.40 2.14
CA VAL A 32 -3.42 15.78 2.34
C VAL A 32 -2.59 14.61 2.88
N GLY A 33 -3.22 13.69 3.59
CA GLY A 33 -2.47 12.62 4.24
C GLY A 33 -2.80 11.26 3.68
N LYS A 34 -3.20 11.22 2.43
CA LYS A 34 -3.59 9.96 1.79
C LYS A 34 -2.39 9.05 1.59
N ASP A 35 -1.19 9.63 1.56
CA ASP A 35 0.02 8.86 1.34
C ASP A 35 0.27 7.91 2.50
N GLU A 36 -0.03 8.37 3.72
CA GLU A 36 0.08 7.54 4.89
C GLU A 36 -1.03 6.50 4.89
N ALA A 37 -2.20 6.91 4.43
CA ALA A 37 -3.37 6.02 4.36
C ALA A 37 -3.11 4.86 3.39
N TYR A 38 -2.66 5.17 2.19
CA TYR A 38 -2.36 4.15 1.18
C TYR A 38 -1.22 3.25 1.66
N TYR A 39 -0.27 3.85 2.37
CA TYR A 39 0.83 3.10 2.95
C TYR A 39 0.31 2.07 3.95
N LEU A 40 -0.57 2.52 4.84
CA LEU A 40 -1.18 1.64 5.82
C LEU A 40 -2.05 0.58 5.14
N MET A 41 -2.73 1.00 4.08
CA MET A 41 -3.50 0.08 3.24
C MET A 41 -2.63 -1.08 2.77
N GLY A 42 -1.49 -0.73 2.20
CA GLY A 42 -0.56 -1.73 1.71
C GLY A 42 -0.19 -2.74 2.78
N ASN A 43 0.08 -2.25 3.98
CA ASN A 43 0.45 -3.12 5.10
C ASN A 43 -0.71 -4.02 5.50
N ALA A 44 -1.93 -3.48 5.47
CA ALA A 44 -3.11 -4.24 5.81
C ALA A 44 -3.32 -5.37 4.81
N TYR A 45 -3.18 -5.06 3.53
CA TYR A 45 -3.34 -6.06 2.47
C TYR A 45 -2.22 -7.11 2.53
N ARG A 46 -1.06 -6.70 3.02
CA ARG A 46 0.06 -7.64 3.21
C ARG A 46 -0.30 -8.65 4.29
N LYS A 47 -1.00 -8.19 5.32
CA LYS A 47 -1.45 -9.08 6.40
C LYS A 47 -2.58 -9.98 5.90
N LEU A 48 -3.25 -9.55 4.85
CA LEU A 48 -4.29 -10.36 4.20
C LEU A 48 -3.65 -11.40 3.30
N GLY A 49 -2.52 -11.05 2.71
CA GLY A 49 -1.81 -11.99 1.86
C GLY A 49 -1.94 -11.65 0.38
N ASP A 50 -2.39 -10.44 0.08
CA ASP A 50 -2.53 -10.02 -1.30
C ASP A 50 -1.53 -8.92 -1.61
N TRP A 51 -0.52 -9.26 -2.38
CA TRP A 51 0.55 -8.33 -2.71
C TRP A 51 0.12 -7.34 -3.78
N GLN A 52 -0.74 -7.78 -4.69
CA GLN A 52 -1.15 -6.95 -5.81
C GLN A 52 -1.96 -5.75 -5.32
N LYS A 53 -2.77 -5.94 -4.29
CA LYS A 53 -3.49 -4.83 -3.69
C LYS A 53 -2.50 -3.81 -3.13
N ALA A 54 -1.50 -4.33 -2.42
CA ALA A 54 -0.47 -3.50 -1.81
C ALA A 54 0.27 -2.70 -2.87
N LEU A 55 0.53 -3.32 -4.01
CA LEU A 55 1.19 -2.66 -5.14
C LEU A 55 0.40 -1.45 -5.60
N ASN A 56 -0.89 -1.66 -5.86
CA ASN A 56 -1.78 -0.58 -6.29
C ASN A 56 -1.82 0.53 -5.24
N ASN A 57 -1.92 0.12 -3.99
CA ASN A 57 -2.07 1.07 -2.88
C ASN A 57 -0.78 1.84 -2.63
N TYR A 58 0.35 1.13 -2.58
CA TYR A 58 1.64 1.77 -2.37
C TYR A 58 1.92 2.81 -3.45
N GLN A 59 1.63 2.46 -4.69
CA GLN A 59 1.87 3.35 -5.81
C GLN A 59 1.01 4.61 -5.69
N SER A 60 -0.21 4.44 -5.20
CA SER A 60 -1.12 5.55 -5.02
C SER A 60 -0.56 6.56 -4.00
N ALA A 61 0.14 6.05 -2.99
CA ALA A 61 0.75 6.90 -1.98
C ALA A 61 1.92 7.69 -2.58
N ILE A 62 2.70 7.02 -3.42
CA ILE A 62 3.89 7.61 -4.01
C ILE A 62 3.55 8.78 -4.92
N GLU A 63 2.44 8.65 -5.64
CA GLU A 63 1.98 9.70 -6.55
C GLU A 63 1.51 10.94 -5.79
N LEU A 64 1.12 10.75 -4.55
CA LEU A 64 0.65 11.85 -3.71
C LEU A 64 1.80 12.44 -2.90
N ASN A 65 2.71 11.58 -2.46
CA ASN A 65 3.88 12.03 -1.72
C ASN A 65 5.10 11.21 -2.12
N PRO A 66 6.03 11.84 -2.87
CA PRO A 66 7.24 11.16 -3.37
C PRO A 66 8.21 10.77 -2.27
N ASP A 67 8.08 11.40 -1.11
CA ASP A 67 8.95 11.09 0.02
C ASP A 67 8.19 10.34 1.11
N SER A 68 7.23 9.54 0.69
CA SER A 68 6.50 8.69 1.62
C SER A 68 7.28 7.39 1.86
N PRO A 69 7.03 6.71 2.99
CA PRO A 69 7.67 5.43 3.30
C PRO A 69 7.20 4.31 2.37
N ALA A 70 6.34 4.65 1.44
CA ALA A 70 5.77 3.69 0.51
C ALA A 70 6.76 3.34 -0.61
N LEU A 71 7.84 4.10 -0.71
CA LEU A 71 8.86 3.83 -1.73
C LEU A 71 9.56 2.51 -1.44
N GLN A 72 10.06 2.38 -0.22
CA GLN A 72 10.75 1.17 0.19
C GLN A 72 9.76 0.02 0.24
N ALA A 73 8.53 0.32 0.63
CA ALA A 73 7.49 -0.68 0.78
C ALA A 73 7.06 -1.25 -0.57
N ARG A 74 6.82 -0.38 -1.55
CA ARG A 74 6.41 -0.82 -2.88
C ARG A 74 7.51 -1.64 -3.53
N LYS A 75 8.74 -1.14 -3.42
CA LYS A 75 9.90 -1.81 -3.99
C LYS A 75 10.10 -3.16 -3.33
N MET A 76 9.84 -3.20 -2.02
CA MET A 76 9.95 -4.42 -1.24
C MET A 76 9.04 -5.51 -1.80
N VAL A 77 7.78 -5.16 -2.02
CA VAL A 77 6.79 -6.11 -2.51
C VAL A 77 7.13 -6.57 -3.92
N MET A 78 7.47 -5.63 -4.79
CA MET A 78 7.82 -5.94 -6.17
C MET A 78 9.03 -6.86 -6.22
N ASP A 79 10.00 -6.57 -5.37
CA ASP A 79 11.19 -7.39 -5.25
C ASP A 79 10.83 -8.82 -4.90
N ILE A 80 9.98 -8.98 -3.89
CA ILE A 80 9.52 -10.31 -3.48
C ILE A 80 8.86 -11.03 -4.64
N LEU A 81 7.88 -10.38 -5.26
CA LEU A 81 7.11 -10.98 -6.34
C LEU A 81 8.00 -11.30 -7.54
N ASN A 82 9.10 -10.55 -7.66
CA ASN A 82 10.03 -10.73 -8.76
C ASN A 82 10.72 -12.09 -8.69
N PHE A 83 11.39 -12.36 -7.56
CA PHE A 83 12.09 -13.63 -7.39
C PHE A 83 11.12 -14.76 -7.04
N TYR A 84 9.96 -14.39 -6.49
CA TYR A 84 8.94 -15.37 -6.09
C TYR A 84 8.53 -16.25 -7.28
N ASN A 85 7.73 -15.70 -8.16
CA ASN A 85 7.24 -16.45 -9.31
C ASN A 85 7.37 -15.62 -10.57
N LYS A 86 7.09 -14.31 -10.45
CA LYS A 86 7.04 -13.39 -11.58
C LYS A 86 5.89 -13.73 -12.53
N ASP A 87 5.12 -14.75 -12.15
CA ASP A 87 4.04 -15.28 -12.99
C ASP A 87 3.02 -14.20 -13.32
N MET A 88 2.69 -13.38 -12.34
CA MET A 88 1.73 -12.30 -12.56
C MET A 88 2.43 -10.94 -12.45
N TYR A 89 3.71 -10.95 -12.12
CA TYR A 89 4.45 -9.72 -11.95
C TYR A 89 4.76 -9.12 -13.31
N ASN A 90 5.09 -9.98 -14.26
CA ASN A 90 5.38 -9.55 -15.62
C ASN A 90 4.10 -9.18 -16.35
N GLN A 91 2.97 -9.64 -15.82
CA GLN A 91 1.67 -9.26 -16.36
C GLN A 91 1.34 -7.83 -15.98
N LEU A 92 1.93 -7.36 -14.88
CA LEU A 92 1.76 -5.99 -14.44
C LEU A 92 2.76 -5.08 -15.12
N GLU A 93 3.74 -5.69 -15.77
CA GLU A 93 4.73 -4.95 -16.53
C GLU A 93 4.17 -4.56 -17.89
N HIS A 94 4.21 -3.27 -18.19
CA HIS A 94 3.96 -2.83 -19.56
C HIS A 94 5.08 -3.36 -20.42
N HIS A 95 4.76 -4.33 -21.26
CA HIS A 95 5.78 -5.17 -21.92
C HIS A 95 6.65 -4.37 -22.88
N HIS A 96 6.23 -3.17 -23.23
CA HIS A 96 7.06 -2.29 -24.03
C HIS A 96 8.08 -1.60 -23.16
N HIS A 97 9.16 -2.32 -22.87
CA HIS A 97 10.29 -1.79 -22.12
C HIS A 97 11.55 -2.51 -22.54
N HIS A 98 12.70 -1.95 -22.19
CA HIS A 98 14.00 -2.53 -22.52
C HIS A 98 14.05 -4.00 -22.08
N HIS A 99 14.42 -4.88 -23.00
CA HIS A 99 14.49 -6.31 -22.72
C HIS A 99 15.90 -6.72 -22.31
N MET A 1 -7.84 13.32 16.89
CA MET A 1 -7.90 13.26 15.42
C MET A 1 -6.90 12.24 14.89
N ASP A 2 -6.56 11.26 15.73
CA ASP A 2 -5.54 10.28 15.41
C ASP A 2 -6.11 9.16 14.54
N GLN A 3 -6.81 9.54 13.48
CA GLN A 3 -7.47 8.59 12.60
C GLN A 3 -6.50 7.54 12.07
N LEU A 4 -5.39 8.03 11.54
CA LEU A 4 -4.32 7.16 11.04
C LEU A 4 -3.78 6.26 12.15
N LYS A 5 -3.69 6.79 13.36
CA LYS A 5 -3.16 6.04 14.49
C LYS A 5 -4.10 4.89 14.84
N THR A 6 -5.39 5.17 14.87
CA THR A 6 -6.41 4.17 15.11
C THR A 6 -6.31 3.04 14.08
N ILE A 7 -6.09 3.42 12.83
CA ILE A 7 -5.93 2.47 11.74
C ILE A 7 -4.67 1.61 11.97
N LYS A 8 -3.58 2.25 12.38
CA LYS A 8 -2.34 1.53 12.67
C LYS A 8 -2.56 0.51 13.79
N GLU A 9 -3.28 0.92 14.82
CA GLU A 9 -3.61 0.03 15.93
C GLU A 9 -4.39 -1.18 15.42
N LEU A 10 -5.35 -0.92 14.52
CA LEU A 10 -6.17 -1.98 13.94
C LEU A 10 -5.30 -2.95 13.15
N ILE A 11 -4.36 -2.42 12.40
CA ILE A 11 -3.45 -3.25 11.61
C ILE A 11 -2.54 -4.06 12.52
N ASN A 12 -2.08 -3.45 13.62
CA ASN A 12 -1.25 -4.15 14.60
C ASN A 12 -2.01 -5.30 15.23
N GLN A 13 -3.27 -5.04 15.59
CA GLN A 13 -4.13 -6.08 16.16
C GLN A 13 -4.39 -7.18 15.15
N GLY A 14 -4.98 -6.81 14.02
CA GLY A 14 -5.35 -7.78 13.01
C GLY A 14 -6.68 -7.45 12.37
N ASP A 15 -7.34 -6.43 12.88
CA ASP A 15 -8.61 -5.96 12.32
C ASP A 15 -8.36 -5.19 11.04
N ILE A 16 -8.03 -5.92 9.99
CA ILE A 16 -7.68 -5.31 8.72
C ILE A 16 -8.87 -4.62 8.07
N GLU A 17 -10.02 -5.29 8.08
CA GLU A 17 -11.22 -4.74 7.48
C GLU A 17 -11.63 -3.44 8.17
N ASN A 18 -11.41 -3.36 9.47
CA ASN A 18 -11.68 -2.13 10.22
C ASN A 18 -10.68 -1.05 9.85
N ALA A 19 -9.43 -1.44 9.67
CA ALA A 19 -8.39 -0.52 9.25
C ALA A 19 -8.68 0.05 7.87
N LEU A 20 -9.01 -0.84 6.94
CA LEU A 20 -9.27 -0.45 5.55
C LEU A 20 -10.45 0.52 5.46
N GLN A 21 -11.55 0.21 6.12
CA GLN A 21 -12.73 1.07 6.05
C GLN A 21 -12.44 2.42 6.71
N ALA A 22 -11.64 2.40 7.78
CA ALA A 22 -11.23 3.63 8.45
C ALA A 22 -10.33 4.45 7.54
N LEU A 23 -9.48 3.77 6.78
CA LEU A 23 -8.63 4.40 5.80
C LEU A 23 -9.47 5.07 4.72
N GLU A 24 -10.46 4.35 4.22
CA GLU A 24 -11.37 4.88 3.22
C GLU A 24 -12.11 6.11 3.75
N GLU A 25 -12.45 6.09 5.03
CA GLU A 25 -13.02 7.26 5.68
C GLU A 25 -12.03 8.42 5.63
N PHE A 26 -10.80 8.15 6.06
CA PHE A 26 -9.77 9.17 6.15
C PHE A 26 -9.44 9.75 4.77
N LEU A 27 -9.56 8.95 3.74
CA LEU A 27 -9.26 9.40 2.38
C LEU A 27 -10.18 10.54 1.97
N GLN A 28 -11.34 10.59 2.58
CA GLN A 28 -12.34 11.60 2.29
C GLN A 28 -12.16 12.82 3.20
N THR A 29 -11.30 12.68 4.20
CA THR A 29 -11.13 13.73 5.20
C THR A 29 -9.93 14.64 4.87
N GLU A 30 -8.73 14.09 4.97
CA GLU A 30 -7.51 14.85 4.78
C GLU A 30 -6.66 14.27 3.64
N PRO A 31 -6.76 14.87 2.45
CA PRO A 31 -5.96 14.46 1.29
C PRO A 31 -4.46 14.55 1.56
N VAL A 32 -4.09 15.40 2.51
CA VAL A 32 -2.69 15.64 2.84
C VAL A 32 -2.07 14.45 3.57
N GLY A 33 -2.91 13.56 4.09
CA GLY A 33 -2.41 12.41 4.81
C GLY A 33 -2.73 11.11 4.11
N LYS A 34 -3.18 11.21 2.85
CA LYS A 34 -3.59 10.02 2.11
C LYS A 34 -2.39 9.16 1.73
N ASP A 35 -1.21 9.75 1.65
CA ASP A 35 -0.01 8.99 1.31
C ASP A 35 0.30 7.99 2.40
N GLU A 36 0.16 8.41 3.65
CA GLU A 36 0.35 7.52 4.78
C GLU A 36 -0.82 6.55 4.86
N ALA A 37 -2.01 7.02 4.51
CA ALA A 37 -3.20 6.18 4.47
C ALA A 37 -3.02 5.02 3.49
N TYR A 38 -2.59 5.35 2.27
CA TYR A 38 -2.33 4.32 1.26
C TYR A 38 -1.15 3.45 1.66
N TYR A 39 -0.20 4.03 2.37
CA TYR A 39 0.91 3.29 2.92
C TYR A 39 0.40 2.25 3.92
N LEU A 40 -0.53 2.67 4.77
CA LEU A 40 -1.16 1.78 5.74
C LEU A 40 -2.02 0.74 5.05
N MET A 41 -2.65 1.15 3.95
CA MET A 41 -3.41 0.22 3.11
C MET A 41 -2.52 -0.95 2.70
N GLY A 42 -1.35 -0.61 2.16
CA GLY A 42 -0.40 -1.62 1.74
C GLY A 42 -0.01 -2.54 2.89
N ASN A 43 0.14 -1.97 4.08
CA ASN A 43 0.49 -2.74 5.27
C ASN A 43 -0.64 -3.71 5.62
N ALA A 44 -1.88 -3.21 5.56
CA ALA A 44 -3.04 -4.04 5.87
C ALA A 44 -3.19 -5.15 4.85
N TYR A 45 -3.10 -4.81 3.57
CA TYR A 45 -3.20 -5.79 2.50
C TYR A 45 -2.03 -6.78 2.55
N ARG A 46 -0.89 -6.32 3.05
CA ARG A 46 0.27 -7.18 3.22
C ARG A 46 -0.04 -8.31 4.20
N LYS A 47 -0.77 -7.98 5.26
CA LYS A 47 -1.20 -8.99 6.21
C LYS A 47 -2.26 -9.90 5.62
N LEU A 48 -3.07 -9.36 4.71
CA LEU A 48 -4.10 -10.14 4.04
C LEU A 48 -3.48 -11.16 3.09
N GLY A 49 -2.43 -10.76 2.39
CA GLY A 49 -1.76 -11.67 1.49
C GLY A 49 -1.98 -11.32 0.04
N ASP A 50 -2.61 -10.16 -0.20
CA ASP A 50 -2.83 -9.68 -1.56
C ASP A 50 -1.80 -8.61 -1.88
N TRP A 51 -0.75 -9.02 -2.58
CA TRP A 51 0.35 -8.12 -2.88
C TRP A 51 -0.05 -7.13 -3.96
N GLN A 52 -1.03 -7.51 -4.77
CA GLN A 52 -1.55 -6.62 -5.81
C GLN A 52 -2.13 -5.36 -5.19
N LYS A 53 -2.94 -5.53 -4.16
CA LYS A 53 -3.51 -4.39 -3.45
C LYS A 53 -2.40 -3.53 -2.87
N ALA A 54 -1.41 -4.18 -2.27
CA ALA A 54 -0.29 -3.49 -1.66
C ALA A 54 0.44 -2.64 -2.69
N LEU A 55 0.83 -3.24 -3.81
CA LEU A 55 1.53 -2.55 -4.88
C LEU A 55 0.76 -1.31 -5.33
N ASN A 56 -0.51 -1.52 -5.66
CA ASN A 56 -1.35 -0.44 -6.16
C ASN A 56 -1.50 0.67 -5.14
N ASN A 57 -1.80 0.31 -3.89
CA ASN A 57 -2.01 1.30 -2.84
C ASN A 57 -0.73 2.04 -2.49
N TYR A 58 0.39 1.32 -2.41
CA TYR A 58 1.68 1.96 -2.17
C TYR A 58 1.98 2.97 -3.27
N GLN A 59 1.73 2.55 -4.51
CA GLN A 59 1.99 3.38 -5.67
C GLN A 59 1.01 4.56 -5.72
N SER A 60 -0.18 4.36 -5.15
CA SER A 60 -1.16 5.43 -5.04
C SER A 60 -0.60 6.58 -4.21
N ALA A 61 0.11 6.24 -3.13
CA ALA A 61 0.77 7.24 -2.30
C ALA A 61 1.91 7.91 -3.07
N ILE A 62 2.59 7.13 -3.90
CA ILE A 62 3.69 7.64 -4.71
C ILE A 62 3.22 8.78 -5.62
N GLU A 63 2.07 8.60 -6.26
CA GLU A 63 1.56 9.60 -7.18
C GLU A 63 1.01 10.81 -6.43
N LEU A 64 0.72 10.65 -5.15
CA LEU A 64 0.32 11.78 -4.32
C LEU A 64 1.54 12.64 -4.01
N ASN A 65 2.59 11.99 -3.53
CA ASN A 65 3.87 12.64 -3.26
C ASN A 65 4.99 11.62 -3.20
N PRO A 66 6.04 11.80 -4.03
CA PRO A 66 7.15 10.85 -4.14
C PRO A 66 8.06 10.87 -2.92
N ASP A 67 7.81 11.82 -2.02
CA ASP A 67 8.61 11.96 -0.81
C ASP A 67 8.01 11.13 0.32
N SER A 68 7.42 9.99 -0.05
CA SER A 68 6.83 9.09 0.91
C SER A 68 7.58 7.75 0.92
N PRO A 69 7.60 7.05 2.05
CA PRO A 69 8.28 5.75 2.18
C PRO A 69 7.59 4.66 1.36
N ALA A 70 6.43 4.99 0.79
CA ALA A 70 5.67 4.04 -0.02
C ALA A 70 6.46 3.60 -1.24
N LEU A 71 7.36 4.45 -1.71
CA LEU A 71 8.21 4.13 -2.85
C LEU A 71 9.09 2.92 -2.54
N GLN A 72 9.79 3.01 -1.42
CA GLN A 72 10.71 1.95 -1.00
C GLN A 72 9.94 0.72 -0.55
N ALA A 73 8.75 0.95 -0.01
CA ALA A 73 7.87 -0.15 0.39
C ALA A 73 7.41 -0.92 -0.84
N ARG A 74 7.03 -0.19 -1.88
CA ARG A 74 6.61 -0.80 -3.15
C ARG A 74 7.75 -1.65 -3.71
N LYS A 75 8.97 -1.11 -3.64
CA LYS A 75 10.14 -1.81 -4.15
C LYS A 75 10.30 -3.16 -3.47
N MET A 76 10.21 -3.16 -2.14
CA MET A 76 10.42 -4.37 -1.36
C MET A 76 9.29 -5.38 -1.63
N VAL A 77 8.07 -4.89 -1.82
CA VAL A 77 6.93 -5.74 -2.16
C VAL A 77 7.16 -6.38 -3.53
N MET A 78 7.59 -5.56 -4.49
CA MET A 78 7.92 -6.05 -5.82
C MET A 78 9.03 -7.08 -5.76
N ASP A 79 10.05 -6.77 -4.98
CA ASP A 79 11.19 -7.68 -4.81
C ASP A 79 10.72 -9.02 -4.23
N ILE A 80 9.85 -8.96 -3.23
CA ILE A 80 9.26 -10.16 -2.65
C ILE A 80 8.45 -10.92 -3.68
N LEU A 81 7.74 -10.21 -4.55
CA LEU A 81 7.00 -10.84 -5.64
C LEU A 81 7.94 -11.47 -6.66
N ASN A 82 9.07 -10.83 -6.90
CA ASN A 82 10.10 -11.41 -7.77
C ASN A 82 10.65 -12.69 -7.16
N PHE A 83 10.65 -12.73 -5.84
CA PHE A 83 11.08 -13.90 -5.09
C PHE A 83 10.00 -14.99 -5.13
N TYR A 84 8.76 -14.60 -4.89
CA TYR A 84 7.63 -15.54 -4.88
C TYR A 84 7.22 -15.96 -6.29
N ASN A 85 6.52 -15.08 -6.99
CA ASN A 85 5.98 -15.41 -8.30
C ASN A 85 6.18 -14.26 -9.27
N LYS A 86 7.35 -14.19 -9.88
CA LYS A 86 7.64 -13.16 -10.84
C LYS A 86 6.92 -13.44 -12.15
N ASP A 87 6.57 -14.70 -12.36
CA ASP A 87 5.81 -15.12 -13.52
C ASP A 87 4.47 -14.41 -13.58
N MET A 88 3.93 -14.11 -12.40
CA MET A 88 2.70 -13.33 -12.29
C MET A 88 3.04 -11.84 -12.34
N TYR A 89 4.19 -11.49 -11.79
CA TYR A 89 4.59 -10.10 -11.63
C TYR A 89 4.85 -9.44 -12.98
N ASN A 90 5.55 -10.13 -13.86
CA ASN A 90 5.92 -9.55 -15.15
C ASN A 90 4.73 -9.55 -16.11
N GLN A 91 3.65 -10.20 -15.70
CA GLN A 91 2.45 -10.26 -16.52
C GLN A 91 1.38 -9.33 -15.97
N LEU A 92 1.67 -8.70 -14.84
CA LEU A 92 0.78 -7.72 -14.26
C LEU A 92 0.78 -6.46 -15.11
N GLU A 93 1.97 -5.98 -15.41
CA GLU A 93 2.14 -4.81 -16.24
C GLU A 93 3.30 -5.01 -17.19
N HIS A 94 3.24 -4.35 -18.34
CA HIS A 94 4.38 -4.34 -19.26
C HIS A 94 5.35 -3.24 -18.87
N HIS A 95 6.05 -3.48 -17.77
CA HIS A 95 7.01 -2.51 -17.23
C HIS A 95 8.24 -2.47 -18.13
N HIS A 96 8.76 -3.64 -18.44
CA HIS A 96 9.88 -3.79 -19.36
C HIS A 96 10.15 -5.27 -19.56
N HIS A 97 9.88 -5.76 -20.76
CA HIS A 97 9.98 -7.18 -21.04
C HIS A 97 11.41 -7.60 -21.33
N HIS A 98 11.74 -8.83 -20.95
CA HIS A 98 13.03 -9.45 -21.21
C HIS A 98 13.50 -9.23 -22.65
N HIS A 99 14.74 -8.77 -22.79
CA HIS A 99 15.38 -8.65 -24.09
C HIS A 99 16.57 -9.60 -24.19
N MET A 1 -7.10 15.30 15.21
CA MET A 1 -8.01 14.61 14.26
C MET A 1 -7.31 13.42 13.59
N ASP A 2 -6.33 12.86 14.28
CA ASP A 2 -5.54 11.75 13.72
C ASP A 2 -6.29 10.44 13.82
N GLN A 3 -7.25 10.24 12.91
CA GLN A 3 -7.97 8.98 12.80
C GLN A 3 -7.00 7.88 12.40
N LEU A 4 -5.92 8.27 11.72
CA LEU A 4 -4.87 7.37 11.30
C LEU A 4 -4.28 6.60 12.49
N LYS A 5 -4.28 7.22 13.66
CA LYS A 5 -3.75 6.60 14.86
C LYS A 5 -4.46 5.27 15.13
N THR A 6 -5.79 5.32 15.14
CA THR A 6 -6.61 4.13 15.33
C THR A 6 -6.29 3.09 14.27
N ILE A 7 -6.11 3.54 13.05
CA ILE A 7 -5.83 2.66 11.92
C ILE A 7 -4.51 1.93 12.12
N LYS A 8 -3.47 2.66 12.55
CA LYS A 8 -2.18 2.04 12.87
C LYS A 8 -2.37 0.91 13.88
N GLU A 9 -3.12 1.20 14.93
CA GLU A 9 -3.35 0.25 16.01
C GLU A 9 -4.10 -0.98 15.50
N LEU A 10 -5.07 -0.76 14.62
CA LEU A 10 -5.84 -1.85 14.03
C LEU A 10 -4.93 -2.76 13.20
N ILE A 11 -4.05 -2.14 12.43
CA ILE A 11 -3.11 -2.88 11.60
C ILE A 11 -2.14 -3.69 12.46
N ASN A 12 -1.67 -3.08 13.54
CA ASN A 12 -0.75 -3.74 14.47
C ASN A 12 -1.40 -4.96 15.10
N GLN A 13 -2.66 -4.82 15.47
CA GLN A 13 -3.41 -5.90 16.12
C GLN A 13 -3.71 -7.03 15.13
N GLY A 14 -4.27 -6.67 14.00
CA GLY A 14 -4.68 -7.67 13.03
C GLY A 14 -6.04 -7.34 12.43
N ASP A 15 -6.66 -6.28 12.93
CA ASP A 15 -7.96 -5.84 12.42
C ASP A 15 -7.79 -4.99 11.17
N ILE A 16 -7.09 -5.56 10.18
CA ILE A 16 -6.85 -4.88 8.91
C ILE A 16 -8.16 -4.47 8.26
N GLU A 17 -9.17 -5.32 8.37
CA GLU A 17 -10.49 -5.03 7.85
C GLU A 17 -11.06 -3.73 8.41
N ASN A 18 -10.89 -3.52 9.71
CA ASN A 18 -11.36 -2.29 10.36
C ASN A 18 -10.47 -1.12 9.97
N ALA A 19 -9.18 -1.40 9.76
CA ALA A 19 -8.25 -0.38 9.29
C ALA A 19 -8.64 0.09 7.90
N LEU A 20 -8.87 -0.88 7.01
CA LEU A 20 -9.22 -0.59 5.61
C LEU A 20 -10.43 0.31 5.49
N GLN A 21 -11.49 -0.01 6.22
CA GLN A 21 -12.73 0.78 6.15
C GLN A 21 -12.49 2.20 6.67
N ALA A 22 -11.71 2.32 7.74
CA ALA A 22 -11.38 3.62 8.29
C ALA A 22 -10.46 4.40 7.34
N LEU A 23 -9.65 3.66 6.60
CA LEU A 23 -8.76 4.26 5.62
C LEU A 23 -9.55 4.81 4.44
N GLU A 24 -10.49 4.03 3.92
CA GLU A 24 -11.35 4.47 2.84
C GLU A 24 -12.16 5.70 3.27
N GLU A 25 -12.46 5.76 4.56
CA GLU A 25 -13.14 6.89 5.15
C GLU A 25 -12.22 8.11 5.20
N PHE A 26 -11.00 7.90 5.69
CA PHE A 26 -10.03 8.98 5.85
C PHE A 26 -9.66 9.60 4.50
N LEU A 27 -9.71 8.78 3.45
CA LEU A 27 -9.38 9.25 2.10
C LEU A 27 -10.24 10.44 1.70
N GLN A 28 -11.43 10.52 2.26
CA GLN A 28 -12.36 11.59 1.91
C GLN A 28 -12.19 12.80 2.83
N THR A 29 -11.43 12.63 3.90
CA THR A 29 -11.27 13.69 4.88
C THR A 29 -10.15 14.65 4.47
N GLU A 30 -9.00 14.09 4.10
CA GLU A 30 -7.83 14.87 3.74
C GLU A 30 -7.18 14.32 2.49
N PRO A 31 -7.42 14.98 1.35
CA PRO A 31 -6.81 14.60 0.06
C PRO A 31 -5.29 14.57 0.13
N VAL A 32 -4.74 15.54 0.85
CA VAL A 32 -3.29 15.68 0.98
C VAL A 32 -2.73 14.67 1.98
N GLY A 33 -3.60 14.13 2.82
CA GLY A 33 -3.16 13.18 3.84
C GLY A 33 -3.43 11.75 3.43
N LYS A 34 -3.89 11.56 2.20
CA LYS A 34 -4.20 10.23 1.69
C LYS A 34 -2.92 9.42 1.51
N ASP A 35 -1.78 10.10 1.44
CA ASP A 35 -0.49 9.43 1.25
C ASP A 35 -0.21 8.49 2.42
N GLU A 36 -0.55 8.94 3.62
CA GLU A 36 -0.39 8.13 4.83
C GLU A 36 -1.42 7.01 4.80
N ALA A 37 -2.64 7.35 4.43
CA ALA A 37 -3.74 6.39 4.38
C ALA A 37 -3.43 5.27 3.40
N TYR A 38 -3.09 5.62 2.17
CA TYR A 38 -2.77 4.62 1.13
C TYR A 38 -1.62 3.73 1.55
N TYR A 39 -0.64 4.31 2.24
CA TYR A 39 0.48 3.54 2.76
C TYR A 39 -0.02 2.51 3.76
N LEU A 40 -0.88 2.97 4.67
CA LEU A 40 -1.48 2.08 5.66
C LEU A 40 -2.32 1.00 5.01
N MET A 41 -3.03 1.37 3.94
CA MET A 41 -3.87 0.43 3.22
C MET A 41 -3.01 -0.69 2.64
N GLY A 42 -1.99 -0.31 1.89
CA GLY A 42 -1.09 -1.29 1.30
C GLY A 42 -0.38 -2.10 2.37
N ASN A 43 -0.04 -1.44 3.47
CA ASN A 43 0.62 -2.09 4.59
C ASN A 43 -0.29 -3.15 5.20
N ALA A 44 -1.56 -2.81 5.34
CA ALA A 44 -2.55 -3.73 5.87
C ALA A 44 -2.75 -4.92 4.93
N TYR A 45 -2.81 -4.63 3.63
CA TYR A 45 -2.99 -5.67 2.63
C TYR A 45 -1.84 -6.66 2.62
N ARG A 46 -0.60 -6.17 2.73
CA ARG A 46 0.56 -7.06 2.70
C ARG A 46 0.60 -7.92 3.95
N LYS A 47 0.05 -7.40 5.05
CA LYS A 47 -0.04 -8.15 6.28
C LYS A 47 -1.08 -9.26 6.16
N LEU A 48 -2.05 -9.06 5.27
CA LEU A 48 -3.03 -10.10 4.95
C LEU A 48 -2.39 -11.14 4.04
N GLY A 49 -1.57 -10.67 3.11
CA GLY A 49 -0.91 -11.55 2.17
C GLY A 49 -1.21 -11.16 0.75
N ASP A 50 -2.05 -10.15 0.56
CA ASP A 50 -2.40 -9.68 -0.76
C ASP A 50 -1.38 -8.67 -1.25
N TRP A 51 -0.60 -9.07 -2.24
CA TRP A 51 0.47 -8.22 -2.75
C TRP A 51 -0.07 -7.28 -3.82
N GLN A 52 -1.12 -7.73 -4.49
CA GLN A 52 -1.68 -6.97 -5.60
C GLN A 52 -2.25 -5.65 -5.10
N LYS A 53 -3.09 -5.73 -4.08
CA LYS A 53 -3.69 -4.54 -3.48
C LYS A 53 -2.63 -3.69 -2.79
N ALA A 54 -1.64 -4.35 -2.21
CA ALA A 54 -0.55 -3.66 -1.53
C ALA A 54 0.17 -2.72 -2.49
N LEU A 55 0.57 -3.25 -3.64
CA LEU A 55 1.28 -2.48 -4.65
C LEU A 55 0.43 -1.32 -5.17
N ASN A 56 -0.84 -1.59 -5.45
CA ASN A 56 -1.76 -0.57 -5.97
C ASN A 56 -1.81 0.63 -5.02
N ASN A 57 -2.05 0.34 -3.75
CA ASN A 57 -2.18 1.38 -2.73
C ASN A 57 -0.85 2.06 -2.46
N TYR A 58 0.23 1.28 -2.46
CA TYR A 58 1.58 1.84 -2.29
C TYR A 58 1.86 2.88 -3.36
N GLN A 59 1.57 2.54 -4.61
CA GLN A 59 1.84 3.42 -5.73
C GLN A 59 1.03 4.71 -5.59
N SER A 60 -0.24 4.57 -5.22
CA SER A 60 -1.11 5.72 -5.05
C SER A 60 -0.58 6.65 -3.94
N ALA A 61 0.05 6.07 -2.94
CA ALA A 61 0.67 6.85 -1.86
C ALA A 61 1.87 7.62 -2.39
N ILE A 62 2.65 6.97 -3.24
CA ILE A 62 3.84 7.56 -3.84
C ILE A 62 3.45 8.73 -4.74
N GLU A 63 2.31 8.61 -5.40
CA GLU A 63 1.82 9.66 -6.30
C GLU A 63 1.61 10.95 -5.53
N LEU A 64 1.03 10.84 -4.34
CA LEU A 64 0.74 12.00 -3.52
C LEU A 64 1.99 12.46 -2.77
N ASN A 65 2.74 11.50 -2.25
CA ASN A 65 3.98 11.77 -1.53
C ASN A 65 5.07 10.82 -1.98
N PRO A 66 5.97 11.30 -2.85
CA PRO A 66 7.03 10.48 -3.45
C PRO A 66 8.23 10.30 -2.52
N ASP A 67 8.08 10.70 -1.27
CA ASP A 67 9.15 10.55 -0.29
C ASP A 67 8.64 9.73 0.89
N SER A 68 7.53 9.06 0.68
CA SER A 68 6.94 8.19 1.69
C SER A 68 7.67 6.85 1.72
N PRO A 69 7.48 6.04 2.78
CA PRO A 69 8.10 4.72 2.88
C PRO A 69 7.54 3.74 1.85
N ALA A 70 6.50 4.16 1.13
CA ALA A 70 5.82 3.31 0.18
C ALA A 70 6.70 2.98 -1.02
N LEU A 71 7.70 3.83 -1.28
CA LEU A 71 8.60 3.61 -2.40
C LEU A 71 9.35 2.29 -2.24
N GLN A 72 10.01 2.15 -1.10
CA GLN A 72 10.84 0.99 -0.84
C GLN A 72 9.95 -0.22 -0.55
N ALA A 73 8.78 0.04 0.02
CA ALA A 73 7.82 -1.01 0.30
C ALA A 73 7.30 -1.61 -1.00
N ARG A 74 7.11 -0.77 -2.01
CA ARG A 74 6.69 -1.24 -3.33
C ARG A 74 7.73 -2.18 -3.93
N LYS A 75 8.98 -1.74 -3.98
CA LYS A 75 10.05 -2.57 -4.51
C LYS A 75 10.25 -3.81 -3.67
N MET A 76 10.00 -3.68 -2.37
CA MET A 76 10.06 -4.81 -1.45
C MET A 76 9.12 -5.91 -1.92
N VAL A 77 7.87 -5.54 -2.18
CA VAL A 77 6.86 -6.49 -2.63
C VAL A 77 7.19 -7.01 -4.03
N MET A 78 7.67 -6.12 -4.89
CA MET A 78 8.07 -6.50 -6.24
C MET A 78 9.12 -7.61 -6.20
N ASP A 79 10.10 -7.44 -5.33
CA ASP A 79 11.16 -8.43 -5.15
C ASP A 79 10.58 -9.74 -4.63
N ILE A 80 9.56 -9.64 -3.79
CA ILE A 80 8.88 -10.82 -3.26
C ILE A 80 8.13 -11.56 -4.37
N LEU A 81 7.37 -10.82 -5.16
CA LEU A 81 6.64 -11.41 -6.28
C LEU A 81 7.60 -11.97 -7.31
N ASN A 82 8.73 -11.30 -7.49
CA ASN A 82 9.79 -11.77 -8.36
C ASN A 82 10.29 -13.14 -7.90
N PHE A 83 10.28 -13.34 -6.58
CA PHE A 83 10.68 -14.61 -5.99
C PHE A 83 9.60 -15.66 -6.16
N TYR A 84 8.37 -15.31 -5.79
CA TYR A 84 7.25 -16.26 -5.88
C TYR A 84 6.89 -16.57 -7.32
N ASN A 85 6.21 -15.63 -7.96
CA ASN A 85 5.67 -15.85 -9.29
C ASN A 85 5.81 -14.60 -10.16
N LYS A 86 6.82 -14.61 -11.01
CA LYS A 86 7.07 -13.49 -11.92
C LYS A 86 6.17 -13.59 -13.14
N ASP A 87 5.25 -14.54 -13.10
CA ASP A 87 4.33 -14.76 -14.21
C ASP A 87 3.20 -13.73 -14.15
N MET A 88 2.97 -13.22 -12.95
CA MET A 88 2.05 -12.11 -12.73
C MET A 88 2.84 -10.81 -12.51
N TYR A 89 4.11 -10.97 -12.13
CA TYR A 89 4.95 -9.84 -11.81
C TYR A 89 5.38 -9.08 -13.06
N ASN A 90 5.53 -9.79 -14.18
CA ASN A 90 5.96 -9.18 -15.44
C ASN A 90 4.92 -8.20 -15.97
N GLN A 91 3.68 -8.34 -15.51
CA GLN A 91 2.62 -7.42 -15.91
C GLN A 91 2.65 -6.17 -15.05
N LEU A 92 2.95 -6.35 -13.76
CA LEU A 92 2.92 -5.25 -12.81
C LEU A 92 4.08 -4.30 -13.03
N GLU A 93 5.29 -4.79 -12.86
CA GLU A 93 6.47 -3.99 -13.12
C GLU A 93 6.97 -4.29 -14.52
N HIS A 94 6.14 -3.95 -15.50
CA HIS A 94 6.38 -4.31 -16.88
C HIS A 94 7.44 -3.42 -17.51
N HIS A 95 8.69 -3.87 -17.48
CA HIS A 95 9.79 -3.14 -18.10
C HIS A 95 10.65 -4.08 -18.93
N HIS A 96 10.64 -3.90 -20.23
CA HIS A 96 11.48 -4.68 -21.14
C HIS A 96 12.00 -3.79 -22.25
N HIS A 97 13.05 -3.04 -21.96
CA HIS A 97 13.61 -2.09 -22.92
C HIS A 97 14.46 -2.84 -23.95
N HIS A 98 14.22 -2.57 -25.22
CA HIS A 98 14.91 -3.28 -26.28
C HIS A 98 16.21 -2.59 -26.67
N HIS A 99 16.27 -1.28 -26.47
CA HIS A 99 17.46 -0.52 -26.79
C HIS A 99 18.19 -0.09 -25.53
N MET A 1 -6.18 14.28 16.23
CA MET A 1 -5.95 14.19 14.77
C MET A 1 -5.08 12.97 14.46
N ASP A 2 -5.27 11.90 15.24
CA ASP A 2 -4.44 10.71 15.11
C ASP A 2 -5.31 9.48 14.86
N GLN A 3 -6.34 9.63 14.03
CA GLN A 3 -7.16 8.49 13.63
C GLN A 3 -6.31 7.47 12.87
N LEU A 4 -5.25 7.95 12.24
CA LEU A 4 -4.32 7.09 11.53
C LEU A 4 -3.56 6.20 12.50
N LYS A 5 -3.41 6.68 13.73
CA LYS A 5 -2.82 5.87 14.79
C LYS A 5 -3.81 4.78 15.18
N THR A 6 -5.08 5.16 15.24
CA THR A 6 -6.17 4.21 15.47
C THR A 6 -6.10 3.07 14.44
N ILE A 7 -5.93 3.46 13.19
CA ILE A 7 -5.79 2.51 12.09
C ILE A 7 -4.59 1.60 12.33
N LYS A 8 -3.48 2.19 12.76
CA LYS A 8 -2.29 1.42 13.08
C LYS A 8 -2.57 0.43 14.20
N GLU A 9 -3.24 0.90 15.25
CA GLU A 9 -3.63 0.05 16.38
C GLU A 9 -4.47 -1.13 15.90
N LEU A 10 -5.35 -0.86 14.93
CA LEU A 10 -6.24 -1.88 14.38
C LEU A 10 -5.46 -2.90 13.56
N ILE A 11 -4.60 -2.41 12.67
CA ILE A 11 -3.77 -3.29 11.84
C ILE A 11 -2.90 -4.19 12.71
N ASN A 12 -2.38 -3.63 13.80
CA ASN A 12 -1.55 -4.37 14.73
C ASN A 12 -2.33 -5.48 15.43
N GLN A 13 -3.52 -5.15 15.92
CA GLN A 13 -4.33 -6.11 16.68
C GLN A 13 -5.00 -7.12 15.76
N GLY A 14 -4.96 -6.87 14.45
CA GLY A 14 -5.50 -7.81 13.50
C GLY A 14 -6.85 -7.40 12.95
N ASP A 15 -7.30 -6.21 13.32
CA ASP A 15 -8.58 -5.70 12.83
C ASP A 15 -8.35 -4.90 11.56
N ILE A 16 -8.10 -5.61 10.47
CA ILE A 16 -7.72 -5.01 9.20
C ILE A 16 -8.87 -4.24 8.58
N GLU A 17 -10.07 -4.82 8.60
CA GLU A 17 -11.21 -4.22 7.91
C GLU A 17 -11.63 -2.91 8.56
N ASN A 18 -11.54 -2.81 9.87
CA ASN A 18 -11.83 -1.56 10.57
C ASN A 18 -10.76 -0.53 10.25
N ALA A 19 -9.52 -0.99 10.13
CA ALA A 19 -8.43 -0.11 9.71
C ALA A 19 -8.68 0.43 8.31
N LEU A 20 -9.02 -0.47 7.40
CA LEU A 20 -9.21 -0.12 5.99
C LEU A 20 -10.33 0.88 5.78
N GLN A 21 -11.47 0.67 6.43
CA GLN A 21 -12.62 1.56 6.25
C GLN A 21 -12.34 2.93 6.85
N ALA A 22 -11.55 2.96 7.92
CA ALA A 22 -11.14 4.22 8.53
C ALA A 22 -10.16 4.95 7.60
N LEU A 23 -9.38 4.17 6.87
CA LEU A 23 -8.49 4.71 5.86
C LEU A 23 -9.29 5.36 4.73
N GLU A 24 -10.31 4.65 4.26
CA GLU A 24 -11.20 5.16 3.22
C GLU A 24 -11.84 6.47 3.65
N GLU A 25 -12.21 6.53 4.93
CA GLU A 25 -12.76 7.74 5.52
C GLU A 25 -11.75 8.89 5.43
N PHE A 26 -10.51 8.58 5.76
CA PHE A 26 -9.45 9.59 5.78
C PHE A 26 -9.13 10.04 4.35
N LEU A 27 -9.32 9.15 3.38
CA LEU A 27 -9.10 9.46 1.98
C LEU A 27 -10.02 10.60 1.53
N GLN A 28 -11.11 10.79 2.26
CA GLN A 28 -12.08 11.82 1.94
C GLN A 28 -11.77 13.12 2.65
N THR A 29 -11.39 13.03 3.92
CA THR A 29 -11.20 14.21 4.74
C THR A 29 -9.85 14.89 4.48
N GLU A 30 -8.82 14.10 4.19
CA GLU A 30 -7.49 14.64 3.93
C GLU A 30 -6.88 13.97 2.71
N PRO A 31 -7.06 14.58 1.53
CA PRO A 31 -6.48 14.06 0.28
C PRO A 31 -4.96 14.10 0.30
N VAL A 32 -4.41 15.05 1.04
CA VAL A 32 -2.96 15.15 1.21
C VAL A 32 -2.44 14.06 2.14
N GLY A 33 -3.31 13.63 3.06
CA GLY A 33 -2.92 12.62 4.02
C GLY A 33 -3.13 11.22 3.50
N LYS A 34 -3.63 11.12 2.27
CA LYS A 34 -3.86 9.81 1.66
C LYS A 34 -2.54 9.06 1.45
N ASP A 35 -1.43 9.81 1.45
CA ASP A 35 -0.10 9.20 1.43
C ASP A 35 0.08 8.26 2.63
N GLU A 36 -0.28 8.76 3.81
CA GLU A 36 -0.23 7.96 5.03
C GLU A 36 -1.26 6.85 4.98
N ALA A 37 -2.46 7.20 4.52
CA ALA A 37 -3.58 6.28 4.49
C ALA A 37 -3.33 5.10 3.55
N TYR A 38 -2.85 5.38 2.35
CA TYR A 38 -2.58 4.34 1.38
C TYR A 38 -1.38 3.49 1.79
N TYR A 39 -0.45 4.11 2.51
CA TYR A 39 0.68 3.39 3.06
C TYR A 39 0.19 2.33 4.06
N LEU A 40 -0.75 2.74 4.92
CA LEU A 40 -1.34 1.83 5.88
C LEU A 40 -2.17 0.76 5.19
N MET A 41 -2.85 1.15 4.12
CA MET A 41 -3.61 0.21 3.28
C MET A 41 -2.71 -0.92 2.81
N GLY A 42 -1.58 -0.56 2.22
CA GLY A 42 -0.65 -1.54 1.72
C GLY A 42 -0.15 -2.48 2.81
N ASN A 43 0.07 -1.92 3.99
CA ASN A 43 0.52 -2.70 5.14
C ASN A 43 -0.54 -3.71 5.55
N ALA A 44 -1.79 -3.26 5.59
CA ALA A 44 -2.91 -4.12 5.98
C ALA A 44 -3.08 -5.27 5.00
N TYR A 45 -3.12 -4.95 3.71
CA TYR A 45 -3.31 -5.96 2.68
C TYR A 45 -2.10 -6.91 2.58
N ARG A 46 -0.90 -6.37 2.82
CA ARG A 46 0.30 -7.20 2.86
C ARG A 46 0.25 -8.15 4.06
N LYS A 47 -0.29 -7.67 5.16
CA LYS A 47 -0.45 -8.47 6.36
C LYS A 47 -1.47 -9.58 6.11
N LEU A 48 -2.52 -9.26 5.36
CA LEU A 48 -3.52 -10.25 4.94
C LEU A 48 -2.88 -11.28 4.01
N GLY A 49 -1.99 -10.81 3.15
CA GLY A 49 -1.27 -11.70 2.26
C GLY A 49 -1.62 -11.49 0.80
N ASP A 50 -2.10 -10.30 0.46
CA ASP A 50 -2.41 -10.00 -0.93
C ASP A 50 -1.43 -8.97 -1.47
N TRP A 51 -0.69 -9.36 -2.50
CA TRP A 51 0.38 -8.52 -3.02
C TRP A 51 -0.14 -7.49 -4.00
N GLN A 52 -1.15 -7.85 -4.79
CA GLN A 52 -1.67 -6.94 -5.80
C GLN A 52 -2.38 -5.77 -5.12
N LYS A 53 -3.13 -6.06 -4.07
CA LYS A 53 -3.76 -5.02 -3.27
C LYS A 53 -2.71 -4.12 -2.63
N ALA A 54 -1.66 -4.73 -2.09
CA ALA A 54 -0.58 -3.97 -1.49
C ALA A 54 0.11 -3.08 -2.51
N LEU A 55 0.39 -3.64 -3.68
CA LEU A 55 1.08 -2.92 -4.75
C LEU A 55 0.33 -1.66 -5.16
N ASN A 56 -0.96 -1.81 -5.48
CA ASN A 56 -1.70 -0.68 -6.02
C ASN A 56 -1.97 0.38 -4.95
N ASN A 57 -2.06 -0.05 -3.69
CA ASN A 57 -2.26 0.90 -2.60
C ASN A 57 -0.97 1.62 -2.26
N TYR A 58 0.15 0.90 -2.26
CA TYR A 58 1.46 1.53 -2.11
C TYR A 58 1.68 2.50 -3.26
N GLN A 59 1.30 2.07 -4.46
CA GLN A 59 1.42 2.91 -5.63
C GLN A 59 0.54 4.16 -5.49
N SER A 60 -0.65 3.99 -4.94
CA SER A 60 -1.57 5.11 -4.73
C SER A 60 -0.93 6.18 -3.87
N ALA A 61 -0.13 5.77 -2.89
CA ALA A 61 0.58 6.71 -2.03
C ALA A 61 1.69 7.40 -2.82
N ILE A 62 2.41 6.63 -3.63
CA ILE A 62 3.51 7.15 -4.44
C ILE A 62 2.99 8.15 -5.48
N GLU A 63 1.84 7.83 -6.07
CA GLU A 63 1.20 8.69 -7.06
C GLU A 63 0.98 10.10 -6.49
N LEU A 64 0.69 10.16 -5.21
CA LEU A 64 0.48 11.44 -4.54
C LEU A 64 1.81 12.00 -4.04
N ASN A 65 2.52 11.20 -3.26
CA ASN A 65 3.79 11.61 -2.68
C ASN A 65 4.92 10.75 -3.25
N PRO A 66 5.78 11.35 -4.10
CA PRO A 66 6.90 10.64 -4.71
C PRO A 66 7.92 10.18 -3.68
N ASP A 67 8.17 11.03 -2.69
CA ASP A 67 9.13 10.71 -1.64
C ASP A 67 8.39 10.10 -0.47
N SER A 68 7.67 9.03 -0.74
CA SER A 68 6.88 8.34 0.26
C SER A 68 7.59 7.07 0.72
N PRO A 69 7.46 6.72 2.01
CA PRO A 69 7.96 5.45 2.54
C PRO A 69 7.34 4.27 1.78
N ALA A 70 6.23 4.53 1.10
CA ALA A 70 5.55 3.52 0.31
C ALA A 70 6.35 3.18 -0.94
N LEU A 71 7.29 4.07 -1.29
CA LEU A 71 8.17 3.84 -2.43
C LEU A 71 8.96 2.57 -2.22
N GLN A 72 9.56 2.50 -1.05
CA GLN A 72 10.43 1.41 -0.68
C GLN A 72 9.61 0.16 -0.34
N ALA A 73 8.41 0.38 0.16
CA ALA A 73 7.50 -0.71 0.45
C ALA A 73 6.97 -1.32 -0.85
N ARG A 74 6.71 -0.47 -1.84
CA ARG A 74 6.31 -0.92 -3.17
C ARG A 74 7.44 -1.76 -3.76
N LYS A 75 8.66 -1.27 -3.58
CA LYS A 75 9.86 -1.99 -4.02
C LYS A 75 9.99 -3.33 -3.29
N MET A 76 9.70 -3.31 -1.99
CA MET A 76 9.75 -4.52 -1.17
C MET A 76 8.86 -5.59 -1.77
N VAL A 77 7.61 -5.22 -2.06
CA VAL A 77 6.64 -6.16 -2.63
C VAL A 77 7.06 -6.59 -4.03
N MET A 78 7.59 -5.66 -4.81
CA MET A 78 8.06 -5.99 -6.16
C MET A 78 9.22 -6.97 -6.09
N ASP A 79 10.14 -6.74 -5.15
CA ASP A 79 11.30 -7.61 -4.99
C ASP A 79 10.88 -8.97 -4.45
N ILE A 80 9.96 -8.98 -3.50
CA ILE A 80 9.50 -10.23 -2.91
C ILE A 80 8.71 -11.04 -3.93
N LEU A 81 7.94 -10.35 -4.78
CA LEU A 81 7.22 -11.01 -5.87
C LEU A 81 8.19 -11.51 -6.93
N ASN A 82 9.19 -10.69 -7.25
CA ASN A 82 10.22 -11.10 -8.19
C ASN A 82 10.94 -12.35 -7.70
N PHE A 83 11.15 -12.39 -6.39
CA PHE A 83 11.74 -13.54 -5.73
C PHE A 83 10.81 -14.76 -5.87
N TYR A 84 9.52 -14.54 -5.68
CA TYR A 84 8.53 -15.61 -5.82
C TYR A 84 8.47 -16.11 -7.26
N ASN A 85 7.99 -15.25 -8.15
CA ASN A 85 7.81 -15.62 -9.54
C ASN A 85 7.77 -14.38 -10.42
N LYS A 86 8.24 -14.51 -11.66
CA LYS A 86 8.42 -13.37 -12.54
C LYS A 86 7.30 -13.29 -13.58
N ASP A 87 6.38 -14.25 -13.51
CA ASP A 87 5.27 -14.37 -14.46
C ASP A 87 4.57 -13.04 -14.72
N MET A 88 3.89 -12.52 -13.69
CA MET A 88 3.12 -11.30 -13.86
C MET A 88 4.00 -10.08 -13.67
N TYR A 89 5.22 -10.28 -13.18
CA TYR A 89 6.12 -9.18 -12.94
C TYR A 89 6.60 -8.61 -14.28
N ASN A 90 6.69 -9.47 -15.28
CA ASN A 90 7.14 -9.05 -16.60
C ASN A 90 6.08 -8.15 -17.26
N GLN A 91 4.81 -8.47 -17.02
CA GLN A 91 3.72 -7.73 -17.65
C GLN A 91 3.36 -6.47 -16.85
N LEU A 92 3.64 -6.49 -15.56
CA LEU A 92 3.40 -5.33 -14.71
C LEU A 92 4.18 -4.12 -15.19
N GLU A 93 5.34 -4.37 -15.78
CA GLU A 93 6.13 -3.30 -16.39
C GLU A 93 5.83 -3.24 -17.88
N HIS A 94 5.09 -2.22 -18.29
CA HIS A 94 4.68 -2.09 -19.68
C HIS A 94 5.67 -1.24 -20.48
N HIS A 95 6.90 -1.17 -20.01
CA HIS A 95 7.98 -0.54 -20.77
C HIS A 95 8.24 -1.36 -22.03
N HIS A 96 7.82 -0.83 -23.17
CA HIS A 96 7.89 -1.59 -24.42
C HIS A 96 9.32 -1.71 -24.91
N HIS A 97 10.17 -0.77 -24.53
CA HIS A 97 11.59 -0.84 -24.89
C HIS A 97 12.34 -1.67 -23.84
N HIS A 98 11.68 -1.87 -22.71
CA HIS A 98 12.18 -2.74 -21.65
C HIS A 98 13.49 -2.23 -21.07
N HIS A 99 13.56 -0.95 -20.76
CA HIS A 99 14.74 -0.39 -20.10
C HIS A 99 14.34 0.50 -18.94
N MET A 1 -8.67 13.40 15.02
CA MET A 1 -7.28 13.70 15.42
C MET A 1 -6.46 12.42 15.50
N ASP A 2 -5.43 12.34 14.66
CA ASP A 2 -4.50 11.19 14.65
C ASP A 2 -5.24 9.86 14.51
N GLN A 3 -6.34 9.85 13.77
CA GLN A 3 -7.14 8.64 13.62
C GLN A 3 -6.36 7.55 12.89
N LEU A 4 -5.30 7.97 12.20
CA LEU A 4 -4.39 7.05 11.54
C LEU A 4 -3.68 6.16 12.56
N LYS A 5 -3.52 6.65 13.79
CA LYS A 5 -2.95 5.86 14.87
C LYS A 5 -3.81 4.63 15.11
N THR A 6 -5.11 4.86 15.25
CA THR A 6 -6.07 3.79 15.43
C THR A 6 -5.93 2.75 14.32
N ILE A 7 -5.82 3.23 13.10
CA ILE A 7 -5.67 2.38 11.94
C ILE A 7 -4.38 1.56 12.02
N LYS A 8 -3.28 2.23 12.36
CA LYS A 8 -1.99 1.56 12.47
C LYS A 8 -2.02 0.49 13.56
N GLU A 9 -2.68 0.81 14.67
CA GLU A 9 -2.82 -0.15 15.76
C GLU A 9 -3.69 -1.33 15.33
N LEU A 10 -4.74 -1.04 14.59
CA LEU A 10 -5.60 -2.08 14.04
C LEU A 10 -4.79 -3.02 13.15
N ILE A 11 -4.00 -2.44 12.26
CA ILE A 11 -3.13 -3.21 11.38
C ILE A 11 -2.15 -4.06 12.19
N ASN A 12 -1.56 -3.45 13.22
CA ASN A 12 -0.63 -4.16 14.11
C ASN A 12 -1.30 -5.36 14.76
N GLN A 13 -2.54 -5.17 15.21
CA GLN A 13 -3.30 -6.25 15.83
C GLN A 13 -3.71 -7.29 14.81
N GLY A 14 -3.99 -6.84 13.60
CA GLY A 14 -4.43 -7.74 12.56
C GLY A 14 -5.83 -7.42 12.10
N ASP A 15 -6.42 -6.39 12.68
CA ASP A 15 -7.75 -5.96 12.31
C ASP A 15 -7.67 -5.08 11.06
N ILE A 16 -7.41 -5.73 9.94
CA ILE A 16 -7.16 -5.04 8.68
C ILE A 16 -8.42 -4.38 8.11
N GLU A 17 -9.56 -5.02 8.31
CA GLU A 17 -10.80 -4.56 7.70
C GLU A 17 -11.29 -3.27 8.38
N ASN A 18 -11.14 -3.20 9.70
CA ASN A 18 -11.46 -1.98 10.42
C ASN A 18 -10.48 -0.88 10.06
N ALA A 19 -9.22 -1.28 9.85
CA ALA A 19 -8.18 -0.35 9.42
C ALA A 19 -8.54 0.25 8.06
N LEU A 20 -8.79 -0.63 7.09
CA LEU A 20 -9.12 -0.21 5.74
C LEU A 20 -10.38 0.65 5.72
N GLN A 21 -11.34 0.29 6.57
CA GLN A 21 -12.60 1.01 6.65
C GLN A 21 -12.37 2.49 6.96
N ALA A 22 -11.56 2.73 7.98
CA ALA A 22 -11.25 4.09 8.42
C ALA A 22 -10.31 4.78 7.43
N LEU A 23 -9.54 3.97 6.70
CA LEU A 23 -8.63 4.49 5.70
C LEU A 23 -9.38 5.08 4.52
N GLU A 24 -10.33 4.32 3.99
CA GLU A 24 -11.14 4.78 2.87
C GLU A 24 -12.00 5.97 3.29
N GLU A 25 -12.37 5.99 4.56
CA GLU A 25 -13.13 7.11 5.11
C GLU A 25 -12.25 8.34 5.22
N PHE A 26 -10.99 8.13 5.60
CA PHE A 26 -10.02 9.22 5.75
C PHE A 26 -9.72 9.84 4.39
N LEU A 27 -9.68 9.02 3.36
CA LEU A 27 -9.43 9.50 1.99
C LEU A 27 -10.50 10.49 1.57
N GLN A 28 -11.66 10.38 2.19
CA GLN A 28 -12.80 11.23 1.83
C GLN A 28 -12.79 12.54 2.61
N THR A 29 -11.92 12.66 3.61
CA THR A 29 -11.94 13.82 4.49
C THR A 29 -10.61 14.59 4.49
N GLU A 30 -9.52 13.92 4.14
CA GLU A 30 -8.20 14.55 4.15
C GLU A 30 -7.49 14.35 2.82
N PRO A 31 -7.60 15.34 1.92
CA PRO A 31 -7.01 15.30 0.56
C PRO A 31 -5.49 15.15 0.54
N VAL A 32 -4.82 15.75 1.50
CA VAL A 32 -3.37 15.78 1.47
C VAL A 32 -2.75 14.66 2.32
N GLY A 33 -3.47 14.22 3.35
CA GLY A 33 -2.96 13.20 4.23
C GLY A 33 -3.19 11.80 3.70
N LYS A 34 -3.59 11.70 2.44
CA LYS A 34 -3.90 10.42 1.83
C LYS A 34 -2.63 9.59 1.64
N ASP A 35 -1.48 10.24 1.63
CA ASP A 35 -0.21 9.52 1.48
C ASP A 35 0.01 8.60 2.67
N GLU A 36 -0.36 9.06 3.86
CA GLU A 36 -0.24 8.26 5.06
C GLU A 36 -1.25 7.11 5.00
N ALA A 37 -2.47 7.46 4.59
CA ALA A 37 -3.56 6.50 4.52
C ALA A 37 -3.26 5.40 3.50
N TYR A 38 -2.92 5.80 2.27
CA TYR A 38 -2.67 4.85 1.19
C TYR A 38 -1.53 3.90 1.54
N TYR A 39 -0.51 4.39 2.24
CA TYR A 39 0.56 3.54 2.72
C TYR A 39 -0.01 2.47 3.65
N LEU A 40 -0.83 2.90 4.59
CA LEU A 40 -1.42 2.00 5.56
C LEU A 40 -2.32 0.98 4.87
N MET A 41 -3.01 1.42 3.83
CA MET A 41 -3.89 0.53 3.07
C MET A 41 -3.09 -0.59 2.43
N GLY A 42 -2.04 -0.21 1.69
CA GLY A 42 -1.19 -1.19 1.06
C GLY A 42 -0.50 -2.08 2.08
N ASN A 43 -0.07 -1.47 3.18
CA ASN A 43 0.61 -2.18 4.24
C ASN A 43 -0.34 -3.14 4.95
N ALA A 44 -1.63 -2.82 4.92
CA ALA A 44 -2.66 -3.67 5.49
C ALA A 44 -2.88 -4.90 4.60
N TYR A 45 -3.04 -4.67 3.30
CA TYR A 45 -3.18 -5.76 2.34
C TYR A 45 -1.92 -6.64 2.35
N ARG A 46 -0.79 -5.98 2.56
CA ARG A 46 0.49 -6.66 2.73
C ARG A 46 0.44 -7.67 3.87
N LYS A 47 -0.08 -7.24 5.01
CA LYS A 47 -0.16 -8.07 6.20
C LYS A 47 -1.16 -9.21 6.00
N LEU A 48 -2.11 -9.00 5.10
CA LEU A 48 -3.06 -10.04 4.73
C LEU A 48 -2.39 -11.10 3.87
N GLY A 49 -1.90 -10.68 2.71
CA GLY A 49 -1.30 -11.61 1.78
C GLY A 49 -1.65 -11.29 0.35
N ASP A 50 -2.29 -10.15 0.13
CA ASP A 50 -2.61 -9.71 -1.22
C ASP A 50 -1.63 -8.64 -1.65
N TRP A 51 -0.66 -9.05 -2.43
CA TRP A 51 0.43 -8.17 -2.82
C TRP A 51 -0.01 -7.22 -3.93
N GLN A 52 -0.92 -7.69 -4.78
CA GLN A 52 -1.41 -6.88 -5.89
C GLN A 52 -2.12 -5.63 -5.36
N LYS A 53 -2.95 -5.83 -4.33
CA LYS A 53 -3.64 -4.71 -3.69
C LYS A 53 -2.63 -3.77 -3.05
N ALA A 54 -1.64 -4.34 -2.37
CA ALA A 54 -0.60 -3.56 -1.71
C ALA A 54 0.11 -2.65 -2.69
N LEU A 55 0.49 -3.21 -3.83
CA LEU A 55 1.22 -2.47 -4.86
C LEU A 55 0.42 -1.27 -5.36
N ASN A 56 -0.87 -1.49 -5.62
CA ASN A 56 -1.74 -0.43 -6.14
C ASN A 56 -1.90 0.69 -5.11
N ASN A 57 -2.07 0.31 -3.86
CA ASN A 57 -2.25 1.28 -2.79
C ASN A 57 -0.95 2.03 -2.51
N TYR A 58 0.17 1.31 -2.52
CA TYR A 58 1.48 1.95 -2.39
C TYR A 58 1.69 2.95 -3.51
N GLN A 59 1.40 2.52 -4.73
CA GLN A 59 1.54 3.36 -5.91
C GLN A 59 0.71 4.64 -5.78
N SER A 60 -0.50 4.49 -5.26
CA SER A 60 -1.40 5.62 -5.09
C SER A 60 -0.80 6.65 -4.12
N ALA A 61 -0.11 6.18 -3.09
CA ALA A 61 0.56 7.06 -2.15
C ALA A 61 1.75 7.75 -2.82
N ILE A 62 2.49 6.97 -3.61
CA ILE A 62 3.67 7.48 -4.32
C ILE A 62 3.28 8.63 -5.27
N GLU A 63 2.14 8.49 -5.92
CA GLU A 63 1.66 9.52 -6.85
C GLU A 63 1.42 10.83 -6.12
N LEU A 64 0.88 10.76 -4.91
CA LEU A 64 0.54 11.95 -4.15
C LEU A 64 1.76 12.49 -3.41
N ASN A 65 2.63 11.61 -2.96
CA ASN A 65 3.82 12.00 -2.23
C ASN A 65 4.98 11.06 -2.55
N PRO A 66 5.97 11.55 -3.31
CA PRO A 66 7.10 10.73 -3.77
C PRO A 66 8.17 10.53 -2.69
N ASP A 67 7.92 11.07 -1.51
CA ASP A 67 8.85 10.92 -0.39
C ASP A 67 8.28 9.99 0.65
N SER A 68 7.14 9.39 0.34
CA SER A 68 6.46 8.50 1.26
C SER A 68 7.22 7.18 1.41
N PRO A 69 7.00 6.47 2.54
CA PRO A 69 7.61 5.16 2.77
C PRO A 69 7.03 4.08 1.84
N ALA A 70 5.99 4.46 1.11
CA ALA A 70 5.32 3.56 0.17
C ALA A 70 6.28 3.11 -0.92
N LEU A 71 7.25 3.95 -1.24
CA LEU A 71 8.28 3.62 -2.21
C LEU A 71 9.09 2.42 -1.74
N GLN A 72 9.60 2.53 -0.52
CA GLN A 72 10.43 1.49 0.08
C GLN A 72 9.64 0.19 0.18
N ALA A 73 8.38 0.32 0.58
CA ALA A 73 7.51 -0.82 0.81
C ALA A 73 7.16 -1.51 -0.51
N ARG A 74 7.00 -0.72 -1.56
CA ARG A 74 6.66 -1.27 -2.87
C ARG A 74 7.84 -2.05 -3.44
N LYS A 75 9.06 -1.56 -3.17
CA LYS A 75 10.27 -2.22 -3.64
C LYS A 75 10.40 -3.63 -3.07
N MET A 76 10.27 -3.73 -1.75
CA MET A 76 10.41 -5.02 -1.08
C MET A 76 9.34 -6.01 -1.52
N VAL A 77 8.11 -5.52 -1.75
CA VAL A 77 7.03 -6.39 -2.20
C VAL A 77 7.33 -6.98 -3.57
N MET A 78 7.91 -6.17 -4.45
CA MET A 78 8.30 -6.64 -5.78
C MET A 78 9.31 -7.77 -5.67
N ASP A 79 10.22 -7.65 -4.71
CA ASP A 79 11.22 -8.67 -4.46
C ASP A 79 10.56 -9.96 -3.97
N ILE A 80 9.64 -9.81 -3.02
CA ILE A 80 8.88 -10.94 -2.49
C ILE A 80 8.10 -11.63 -3.61
N LEU A 81 7.47 -10.83 -4.46
CA LEU A 81 6.76 -11.35 -5.62
C LEU A 81 7.69 -12.20 -6.49
N ASN A 82 8.89 -11.70 -6.73
CA ASN A 82 9.88 -12.40 -7.54
C ASN A 82 10.22 -13.77 -6.96
N PHE A 83 10.15 -13.89 -5.64
CA PHE A 83 10.36 -15.17 -4.98
C PHE A 83 9.21 -16.13 -5.30
N TYR A 84 7.98 -15.63 -5.22
CA TYR A 84 6.82 -16.46 -5.49
C TYR A 84 6.74 -16.82 -6.97
N ASN A 85 6.61 -15.81 -7.82
CA ASN A 85 6.55 -16.03 -9.26
C ASN A 85 6.74 -14.71 -9.98
N LYS A 86 7.35 -14.76 -11.15
CA LYS A 86 7.57 -13.58 -11.94
C LYS A 86 6.53 -13.50 -13.05
N ASP A 87 5.72 -14.55 -13.16
CA ASP A 87 4.65 -14.63 -14.16
C ASP A 87 3.72 -13.44 -14.05
N MET A 88 3.21 -13.19 -12.85
CA MET A 88 2.32 -12.07 -12.60
C MET A 88 3.07 -10.76 -12.77
N TYR A 89 4.35 -10.78 -12.39
CA TYR A 89 5.20 -9.61 -12.47
C TYR A 89 5.46 -9.20 -13.92
N ASN A 90 5.47 -10.18 -14.81
CA ASN A 90 5.68 -9.92 -16.25
C ASN A 90 4.53 -9.11 -16.82
N GLN A 91 3.40 -9.10 -16.12
CA GLN A 91 2.24 -8.32 -16.52
C GLN A 91 2.31 -6.93 -15.89
N LEU A 92 3.01 -6.86 -14.75
CA LEU A 92 3.20 -5.59 -14.05
C LEU A 92 4.21 -4.74 -14.81
N GLU A 93 5.16 -5.41 -15.44
CA GLU A 93 6.11 -4.73 -16.30
C GLU A 93 5.45 -4.42 -17.64
N HIS A 94 5.35 -3.13 -17.95
CA HIS A 94 4.64 -2.69 -19.13
C HIS A 94 5.47 -2.91 -20.39
N HIS A 95 4.89 -3.63 -21.34
CA HIS A 95 5.53 -3.94 -22.61
C HIS A 95 5.99 -2.68 -23.32
N HIS A 96 7.29 -2.59 -23.53
CA HIS A 96 7.89 -1.49 -24.30
C HIS A 96 8.50 -2.05 -25.57
N HIS A 97 8.52 -1.27 -26.64
CA HIS A 97 9.12 -1.69 -27.89
C HIS A 97 10.63 -1.86 -27.72
N HIS A 98 11.04 -3.06 -27.33
CA HIS A 98 12.46 -3.35 -27.14
C HIS A 98 13.20 -3.31 -28.47
N HIS A 99 14.24 -2.48 -28.52
CA HIS A 99 15.07 -2.30 -29.71
C HIS A 99 14.29 -1.62 -30.83
N MET A 1 -6.44 14.36 17.53
CA MET A 1 -7.19 13.14 17.15
C MET A 1 -6.49 12.47 15.97
N ASP A 2 -5.79 11.38 16.26
CA ASP A 2 -4.97 10.73 15.24
C ASP A 2 -5.65 9.49 14.70
N GLN A 3 -6.50 9.68 13.71
CA GLN A 3 -7.18 8.56 13.07
C GLN A 3 -6.16 7.63 12.43
N LEU A 4 -5.15 8.20 11.80
CA LEU A 4 -4.07 7.44 11.19
C LEU A 4 -3.36 6.57 12.22
N LYS A 5 -3.30 7.07 13.46
CA LYS A 5 -2.64 6.32 14.54
C LYS A 5 -3.50 5.13 14.93
N THR A 6 -4.80 5.38 15.09
CA THR A 6 -5.75 4.33 15.41
C THR A 6 -5.72 3.24 14.32
N ILE A 7 -5.69 3.67 13.07
CA ILE A 7 -5.61 2.75 11.96
C ILE A 7 -4.34 1.90 12.02
N LYS A 8 -3.21 2.53 12.32
CA LYS A 8 -1.95 1.82 12.48
C LYS A 8 -2.05 0.82 13.64
N GLU A 9 -2.70 1.24 14.72
CA GLU A 9 -2.93 0.36 15.87
C GLU A 9 -3.75 -0.86 15.45
N LEU A 10 -4.75 -0.62 14.60
CA LEU A 10 -5.58 -1.70 14.08
C LEU A 10 -4.74 -2.68 13.26
N ILE A 11 -3.91 -2.13 12.39
CA ILE A 11 -3.05 -2.92 11.52
C ILE A 11 -2.01 -3.69 12.33
N ASN A 12 -1.52 -3.09 13.40
CA ASN A 12 -0.60 -3.77 14.32
C ASN A 12 -1.26 -4.99 14.94
N GLN A 13 -2.49 -4.81 15.41
CA GLN A 13 -3.25 -5.89 16.04
C GLN A 13 -3.62 -6.95 15.00
N GLY A 14 -4.07 -6.49 13.84
CA GLY A 14 -4.52 -7.41 12.81
C GLY A 14 -5.94 -7.12 12.39
N ASP A 15 -6.47 -6.00 12.84
CA ASP A 15 -7.84 -5.61 12.53
C ASP A 15 -7.87 -4.81 11.22
N ILE A 16 -7.32 -5.43 10.18
CA ILE A 16 -7.13 -4.80 8.87
C ILE A 16 -8.43 -4.25 8.27
N GLU A 17 -9.50 -5.02 8.32
CA GLU A 17 -10.75 -4.61 7.66
C GLU A 17 -11.33 -3.35 8.29
N ASN A 18 -11.18 -3.21 9.61
CA ASN A 18 -11.60 -2.00 10.30
C ASN A 18 -10.66 -0.84 9.95
N ALA A 19 -9.39 -1.17 9.77
CA ALA A 19 -8.40 -0.19 9.36
C ALA A 19 -8.71 0.33 7.96
N LEU A 20 -9.03 -0.59 7.06
CA LEU A 20 -9.30 -0.25 5.66
C LEU A 20 -10.47 0.72 5.53
N GLN A 21 -11.60 0.39 6.16
CA GLN A 21 -12.78 1.24 6.07
C GLN A 21 -12.52 2.61 6.69
N ALA A 22 -11.73 2.64 7.76
CA ALA A 22 -11.35 3.90 8.38
C ALA A 22 -10.45 4.70 7.45
N LEU A 23 -9.61 3.99 6.71
CA LEU A 23 -8.71 4.62 5.74
C LEU A 23 -9.48 5.19 4.56
N GLU A 24 -10.40 4.41 4.02
CA GLU A 24 -11.21 4.84 2.88
C GLU A 24 -12.05 6.06 3.24
N GLU A 25 -12.53 6.09 4.49
CA GLU A 25 -13.29 7.24 4.98
C GLU A 25 -12.36 8.42 5.22
N PHE A 26 -11.14 8.14 5.67
CA PHE A 26 -10.13 9.17 5.88
C PHE A 26 -9.85 9.91 4.57
N LEU A 27 -9.76 9.14 3.48
CA LEU A 27 -9.51 9.70 2.16
C LEU A 27 -10.55 10.76 1.81
N GLN A 28 -11.76 10.56 2.29
CA GLN A 28 -12.87 11.45 1.99
C GLN A 28 -12.90 12.65 2.93
N THR A 29 -12.60 12.42 4.20
CA THR A 29 -12.75 13.45 5.21
C THR A 29 -11.58 14.43 5.22
N GLU A 30 -10.41 13.98 4.79
CA GLU A 30 -9.25 14.86 4.73
C GLU A 30 -8.19 14.30 3.78
N PRO A 31 -8.18 14.80 2.53
CA PRO A 31 -7.27 14.35 1.49
C PRO A 31 -5.81 14.73 1.74
N VAL A 32 -5.59 15.51 2.79
CA VAL A 32 -4.26 16.04 3.08
C VAL A 32 -3.31 14.95 3.57
N GLY A 33 -3.86 13.86 4.09
CA GLY A 33 -3.03 12.80 4.62
C GLY A 33 -3.29 11.46 3.95
N LYS A 34 -3.65 11.50 2.68
CA LYS A 34 -3.98 10.29 1.95
C LYS A 34 -2.74 9.48 1.60
N ASP A 35 -1.60 10.16 1.50
CA ASP A 35 -0.33 9.47 1.23
C ASP A 35 0.02 8.55 2.39
N GLU A 36 -0.22 9.02 3.60
CA GLU A 36 -0.04 8.20 4.80
C GLU A 36 -1.08 7.09 4.81
N ALA A 37 -2.30 7.45 4.43
CA ALA A 37 -3.42 6.50 4.41
C ALA A 37 -3.17 5.36 3.42
N TYR A 38 -2.85 5.70 2.17
CA TYR A 38 -2.61 4.69 1.14
C TYR A 38 -1.44 3.79 1.52
N TYR A 39 -0.46 4.35 2.21
CA TYR A 39 0.65 3.56 2.73
C TYR A 39 0.13 2.50 3.69
N LEU A 40 -0.77 2.93 4.58
CA LEU A 40 -1.39 2.02 5.54
C LEU A 40 -2.31 1.03 4.86
N MET A 41 -3.02 1.49 3.84
CA MET A 41 -3.93 0.64 3.09
C MET A 41 -3.16 -0.50 2.43
N GLY A 42 -2.10 -0.16 1.71
CA GLY A 42 -1.27 -1.17 1.09
C GLY A 42 -0.63 -2.07 2.11
N ASN A 43 -0.29 -1.51 3.27
CA ASN A 43 0.32 -2.27 4.36
C ASN A 43 -0.68 -3.26 4.95
N ALA A 44 -1.95 -2.88 4.96
CA ALA A 44 -3.00 -3.75 5.46
C ALA A 44 -3.23 -4.93 4.52
N TYR A 45 -3.33 -4.65 3.23
CA TYR A 45 -3.46 -5.70 2.22
C TYR A 45 -2.23 -6.60 2.22
N ARG A 46 -1.08 -5.98 2.51
CA ARG A 46 0.19 -6.69 2.65
C ARG A 46 0.11 -7.75 3.75
N LYS A 47 -0.54 -7.40 4.85
CA LYS A 47 -0.74 -8.34 5.95
C LYS A 47 -1.81 -9.37 5.63
N LEU A 48 -2.65 -9.05 4.65
CA LEU A 48 -3.66 -10.00 4.18
C LEU A 48 -3.03 -11.02 3.24
N GLY A 49 -2.06 -10.57 2.48
CA GLY A 49 -1.36 -11.45 1.56
C GLY A 49 -1.65 -11.11 0.11
N ASP A 50 -2.35 -10.00 -0.11
CA ASP A 50 -2.67 -9.59 -1.47
C ASP A 50 -1.66 -8.56 -1.95
N TRP A 51 -0.86 -8.95 -2.93
CA TRP A 51 0.23 -8.11 -3.39
C TRP A 51 -0.25 -7.11 -4.44
N GLN A 52 -1.28 -7.49 -5.20
CA GLN A 52 -1.83 -6.61 -6.22
C GLN A 52 -2.46 -5.38 -5.58
N LYS A 53 -3.27 -5.60 -4.57
CA LYS A 53 -3.88 -4.49 -3.83
C LYS A 53 -2.80 -3.63 -3.18
N ALA A 54 -1.80 -4.29 -2.61
CA ALA A 54 -0.69 -3.60 -1.96
C ALA A 54 0.05 -2.71 -2.96
N LEU A 55 0.40 -3.28 -4.11
CA LEU A 55 1.14 -2.57 -5.14
C LEU A 55 0.38 -1.35 -5.65
N ASN A 56 -0.93 -1.49 -5.81
CA ASN A 56 -1.75 -0.40 -6.32
C ASN A 56 -1.93 0.70 -5.27
N ASN A 57 -2.06 0.31 -4.02
CA ASN A 57 -2.22 1.29 -2.94
C ASN A 57 -0.90 2.00 -2.66
N TYR A 58 0.20 1.25 -2.66
CA TYR A 58 1.53 1.85 -2.53
C TYR A 58 1.80 2.82 -3.67
N GLN A 59 1.38 2.42 -4.88
CA GLN A 59 1.54 3.26 -6.06
C GLN A 59 0.83 4.59 -5.87
N SER A 60 -0.39 4.54 -5.34
CA SER A 60 -1.17 5.74 -5.10
C SER A 60 -0.52 6.62 -4.05
N ALA A 61 0.09 6.00 -3.04
CA ALA A 61 0.81 6.73 -2.00
C ALA A 61 2.01 7.47 -2.59
N ILE A 62 2.76 6.77 -3.43
CA ILE A 62 3.93 7.35 -4.11
C ILE A 62 3.51 8.52 -4.99
N GLU A 63 2.37 8.38 -5.65
CA GLU A 63 1.86 9.42 -6.53
C GLU A 63 1.50 10.68 -5.75
N LEU A 64 0.91 10.52 -4.58
CA LEU A 64 0.54 11.65 -3.75
C LEU A 64 1.75 12.24 -3.04
N ASN A 65 2.64 11.38 -2.59
CA ASN A 65 3.85 11.81 -1.91
C ASN A 65 5.01 10.89 -2.27
N PRO A 66 5.92 11.38 -3.13
CA PRO A 66 7.05 10.59 -3.62
C PRO A 66 8.12 10.36 -2.56
N ASP A 67 8.03 11.07 -1.45
CA ASP A 67 9.01 10.95 -0.38
C ASP A 67 8.48 10.04 0.72
N SER A 68 7.38 9.36 0.45
CA SER A 68 6.81 8.41 1.39
C SER A 68 7.61 7.12 1.40
N PRO A 69 7.57 6.36 2.50
CA PRO A 69 8.27 5.07 2.61
C PRO A 69 7.64 4.01 1.71
N ALA A 70 6.61 4.40 0.95
CA ALA A 70 5.92 3.50 0.05
C ALA A 70 6.85 2.94 -1.02
N LEU A 71 7.90 3.69 -1.34
CA LEU A 71 8.92 3.20 -2.28
C LEU A 71 9.60 1.97 -1.72
N GLN A 72 10.07 2.05 -0.49
CA GLN A 72 10.76 0.94 0.15
C GLN A 72 9.80 -0.24 0.30
N ALA A 73 8.55 0.07 0.60
CA ALA A 73 7.52 -0.94 0.79
C ALA A 73 7.19 -1.63 -0.54
N ARG A 74 7.04 -0.84 -1.59
CA ARG A 74 6.74 -1.40 -2.91
C ARG A 74 7.95 -2.15 -3.45
N LYS A 75 9.14 -1.67 -3.07
CA LYS A 75 10.41 -2.27 -3.47
C LYS A 75 10.51 -3.69 -2.94
N MET A 76 10.28 -3.86 -1.64
CA MET A 76 10.37 -5.17 -1.02
C MET A 76 9.32 -6.12 -1.58
N VAL A 77 8.14 -5.59 -1.90
CA VAL A 77 7.09 -6.42 -2.49
C VAL A 77 7.54 -6.98 -3.84
N MET A 78 8.11 -6.13 -4.68
CA MET A 78 8.64 -6.55 -5.97
C MET A 78 9.71 -7.63 -5.79
N ASP A 79 10.56 -7.43 -4.79
CA ASP A 79 11.61 -8.38 -4.47
C ASP A 79 11.03 -9.73 -4.06
N ILE A 80 9.99 -9.70 -3.24
CA ILE A 80 9.31 -10.91 -2.81
C ILE A 80 8.61 -11.59 -3.98
N LEU A 81 7.95 -10.78 -4.81
CA LEU A 81 7.28 -11.30 -6.00
C LEU A 81 8.28 -11.94 -6.95
N ASN A 82 9.42 -11.29 -7.12
CA ASN A 82 10.51 -11.83 -7.94
C ASN A 82 10.94 -13.19 -7.41
N PHE A 83 10.97 -13.32 -6.08
CA PHE A 83 11.36 -14.55 -5.43
C PHE A 83 10.32 -15.64 -5.69
N TYR A 84 9.05 -15.23 -5.78
CA TYR A 84 7.96 -16.17 -6.02
C TYR A 84 7.95 -16.66 -7.46
N ASN A 85 7.57 -15.79 -8.39
CA ASN A 85 7.35 -16.22 -9.76
C ASN A 85 7.66 -15.11 -10.75
N LYS A 86 7.55 -15.42 -12.03
CA LYS A 86 7.68 -14.43 -13.08
C LYS A 86 6.38 -14.33 -13.87
N ASP A 87 5.57 -15.38 -13.81
CA ASP A 87 4.32 -15.44 -14.58
C ASP A 87 3.36 -14.31 -14.17
N MET A 88 3.45 -13.89 -12.92
CA MET A 88 2.61 -12.81 -12.45
C MET A 88 3.42 -11.52 -12.35
N TYR A 89 4.67 -11.66 -11.91
CA TYR A 89 5.57 -10.54 -11.73
C TYR A 89 5.84 -9.80 -13.05
N ASN A 90 5.94 -10.54 -14.15
CA ASN A 90 6.20 -9.93 -15.45
C ASN A 90 4.95 -9.25 -15.98
N GLN A 91 3.80 -9.85 -15.69
CA GLN A 91 2.51 -9.34 -16.13
C GLN A 91 2.22 -7.98 -15.51
N LEU A 92 2.79 -7.74 -14.34
CA LEU A 92 2.60 -6.49 -13.63
C LEU A 92 3.25 -5.32 -14.37
N GLU A 93 4.15 -5.63 -15.29
CA GLU A 93 4.86 -4.60 -16.02
C GLU A 93 4.03 -4.10 -17.20
N HIS A 94 3.24 -3.08 -16.93
CA HIS A 94 2.46 -2.43 -17.99
C HIS A 94 3.25 -1.24 -18.51
N HIS A 95 3.29 -1.08 -19.82
CA HIS A 95 4.12 -0.06 -20.44
C HIS A 95 3.49 1.32 -20.31
N HIS A 96 3.89 2.05 -19.27
CA HIS A 96 3.46 3.41 -19.08
C HIS A 96 4.68 4.32 -18.96
N HIS A 97 5.75 3.94 -19.66
CA HIS A 97 6.99 4.70 -19.67
C HIS A 97 6.82 5.96 -20.52
N HIS A 98 5.97 5.84 -21.53
CA HIS A 98 5.58 6.98 -22.33
C HIS A 98 4.07 6.98 -22.50
N HIS A 99 3.37 7.36 -21.44
CA HIS A 99 1.92 7.39 -21.44
C HIS A 99 1.42 8.83 -21.50
N MET A 1 -6.83 14.15 14.08
CA MET A 1 -5.42 14.17 13.63
C MET A 1 -4.73 12.84 13.94
N ASP A 2 -5.39 11.98 14.71
CA ASP A 2 -4.78 10.71 15.10
C ASP A 2 -5.57 9.54 14.57
N GLN A 3 -6.53 9.80 13.69
CA GLN A 3 -7.33 8.73 13.08
C GLN A 3 -6.41 7.72 12.41
N LEU A 4 -5.45 8.24 11.66
CA LEU A 4 -4.39 7.43 11.05
C LEU A 4 -3.72 6.52 12.08
N LYS A 5 -3.43 7.08 13.25
CA LYS A 5 -2.77 6.34 14.31
C LYS A 5 -3.67 5.20 14.80
N THR A 6 -4.96 5.50 14.90
CA THR A 6 -5.97 4.49 15.23
C THR A 6 -5.94 3.35 14.21
N ILE A 7 -5.84 3.72 12.95
CA ILE A 7 -5.81 2.76 11.84
C ILE A 7 -4.61 1.84 11.93
N LYS A 8 -3.42 2.42 12.08
CA LYS A 8 -2.20 1.63 12.13
C LYS A 8 -2.15 0.74 13.38
N GLU A 9 -2.77 1.21 14.47
CA GLU A 9 -2.91 0.38 15.66
C GLU A 9 -3.77 -0.85 15.37
N LEU A 10 -4.83 -0.65 14.59
CA LEU A 10 -5.67 -1.77 14.15
C LEU A 10 -4.86 -2.75 13.32
N ILE A 11 -4.05 -2.20 12.42
CA ILE A 11 -3.19 -3.00 11.56
C ILE A 11 -2.23 -3.85 12.40
N ASN A 12 -1.71 -3.28 13.47
CA ASN A 12 -0.82 -4.00 14.39
C ASN A 12 -1.56 -5.16 15.05
N GLN A 13 -2.81 -4.91 15.43
CA GLN A 13 -3.63 -5.91 16.09
C GLN A 13 -4.06 -7.01 15.13
N GLY A 14 -4.01 -6.71 13.84
CA GLY A 14 -4.44 -7.67 12.85
C GLY A 14 -5.86 -7.41 12.40
N ASP A 15 -6.41 -6.27 12.82
CA ASP A 15 -7.74 -5.89 12.43
C ASP A 15 -7.67 -5.07 11.15
N ILE A 16 -7.44 -5.76 10.05
CA ILE A 16 -7.21 -5.13 8.76
C ILE A 16 -8.49 -4.52 8.21
N GLU A 17 -9.59 -5.20 8.43
CA GLU A 17 -10.87 -4.78 7.85
C GLU A 17 -11.36 -3.46 8.42
N ASN A 18 -11.20 -3.26 9.73
CA ASN A 18 -11.58 -1.98 10.33
C ASN A 18 -10.56 -0.91 9.99
N ALA A 19 -9.30 -1.32 9.88
CA ALA A 19 -8.24 -0.41 9.44
C ALA A 19 -8.53 0.13 8.05
N LEU A 20 -8.77 -0.78 7.11
CA LEU A 20 -9.09 -0.42 5.73
C LEU A 20 -10.34 0.46 5.66
N GLN A 21 -11.30 0.15 6.52
CA GLN A 21 -12.55 0.88 6.56
C GLN A 21 -12.30 2.35 6.93
N ALA A 22 -11.50 2.56 7.97
CA ALA A 22 -11.19 3.91 8.43
C ALA A 22 -10.30 4.63 7.44
N LEU A 23 -9.52 3.87 6.68
CA LEU A 23 -8.67 4.43 5.65
C LEU A 23 -9.51 5.05 4.53
N GLU A 24 -10.53 4.30 4.09
CA GLU A 24 -11.47 4.80 3.09
C GLU A 24 -12.10 6.10 3.55
N GLU A 25 -12.49 6.13 4.82
CA GLU A 25 -13.09 7.30 5.43
C GLU A 25 -12.13 8.49 5.34
N PHE A 26 -10.88 8.25 5.73
CA PHE A 26 -9.88 9.31 5.78
C PHE A 26 -9.65 9.93 4.40
N LEU A 27 -9.65 9.08 3.37
CA LEU A 27 -9.41 9.52 1.99
C LEU A 27 -10.44 10.59 1.58
N GLN A 28 -11.67 10.40 2.06
CA GLN A 28 -12.77 11.25 1.64
C GLN A 28 -12.78 12.57 2.38
N THR A 29 -12.32 12.56 3.63
CA THR A 29 -12.35 13.76 4.46
C THR A 29 -11.05 14.57 4.32
N GLU A 30 -9.90 13.91 4.45
CA GLU A 30 -8.63 14.61 4.49
C GLU A 30 -7.70 14.12 3.37
N PRO A 31 -7.68 14.85 2.26
CA PRO A 31 -6.80 14.54 1.13
C PRO A 31 -5.33 14.72 1.46
N VAL A 32 -5.06 15.49 2.51
CA VAL A 32 -3.71 15.85 2.88
C VAL A 32 -2.88 14.63 3.34
N GLY A 33 -3.53 13.70 4.02
CA GLY A 33 -2.81 12.59 4.60
C GLY A 33 -3.13 11.26 3.94
N LYS A 34 -3.56 11.32 2.68
CA LYS A 34 -3.91 10.11 1.97
C LYS A 34 -2.67 9.27 1.67
N ASP A 35 -1.51 9.91 1.63
CA ASP A 35 -0.26 9.22 1.36
C ASP A 35 0.05 8.23 2.49
N GLU A 36 -0.18 8.67 3.72
CA GLU A 36 -0.03 7.81 4.88
C GLU A 36 -1.09 6.72 4.86
N ALA A 37 -2.30 7.11 4.45
CA ALA A 37 -3.43 6.19 4.39
C ALA A 37 -3.19 5.07 3.38
N TYR A 38 -2.72 5.43 2.19
CA TYR A 38 -2.44 4.43 1.15
C TYR A 38 -1.30 3.52 1.58
N TYR A 39 -0.33 4.07 2.29
CA TYR A 39 0.77 3.27 2.82
C TYR A 39 0.22 2.26 3.82
N LEU A 40 -0.64 2.73 4.72
CA LEU A 40 -1.29 1.87 5.69
C LEU A 40 -2.13 0.81 5.00
N MET A 41 -2.81 1.21 3.94
CA MET A 41 -3.58 0.27 3.12
C MET A 41 -2.70 -0.86 2.60
N GLY A 42 -1.62 -0.48 1.93
CA GLY A 42 -0.72 -1.47 1.37
C GLY A 42 -0.14 -2.37 2.44
N ASN A 43 0.16 -1.77 3.59
CA ASN A 43 0.72 -2.52 4.72
C ASN A 43 -0.31 -3.50 5.28
N ALA A 44 -1.57 -3.09 5.27
CA ALA A 44 -2.66 -3.95 5.71
C ALA A 44 -2.86 -5.09 4.73
N TYR A 45 -2.75 -4.78 3.44
CA TYR A 45 -2.95 -5.78 2.39
C TYR A 45 -1.82 -6.81 2.38
N ARG A 46 -0.59 -6.38 2.64
CA ARG A 46 0.54 -7.30 2.68
C ARG A 46 0.41 -8.24 3.89
N LYS A 47 -0.19 -7.75 4.96
CA LYS A 47 -0.48 -8.58 6.11
C LYS A 47 -1.51 -9.65 5.76
N LEU A 48 -2.48 -9.28 4.92
CA LEU A 48 -3.48 -10.23 4.44
C LEU A 48 -2.86 -11.22 3.48
N GLY A 49 -2.07 -10.72 2.55
CA GLY A 49 -1.41 -11.58 1.59
C GLY A 49 -1.78 -11.27 0.16
N ASP A 50 -2.43 -10.12 -0.05
CA ASP A 50 -2.81 -9.71 -1.39
C ASP A 50 -1.80 -8.72 -1.93
N TRP A 51 -1.14 -9.07 -3.02
CA TRP A 51 -0.07 -8.26 -3.57
C TRP A 51 -0.61 -7.23 -4.56
N GLN A 52 -1.68 -7.58 -5.28
CA GLN A 52 -2.33 -6.64 -6.19
C GLN A 52 -2.78 -5.41 -5.43
N LYS A 53 -3.52 -5.62 -4.36
CA LYS A 53 -3.99 -4.54 -3.51
C LYS A 53 -2.83 -3.71 -3.00
N ALA A 54 -1.78 -4.38 -2.54
CA ALA A 54 -0.62 -3.69 -1.98
C ALA A 54 0.08 -2.83 -3.03
N LEU A 55 0.40 -3.43 -4.17
CA LEU A 55 1.12 -2.73 -5.23
C LEU A 55 0.36 -1.52 -5.73
N ASN A 56 -0.94 -1.68 -5.92
CA ASN A 56 -1.79 -0.62 -6.44
C ASN A 56 -1.89 0.55 -5.47
N ASN A 57 -2.11 0.24 -4.20
CA ASN A 57 -2.29 1.29 -3.19
C ASN A 57 -0.98 1.97 -2.83
N TYR A 58 0.11 1.22 -2.83
CA TYR A 58 1.43 1.82 -2.62
C TYR A 58 1.72 2.85 -3.69
N GLN A 59 1.28 2.56 -4.91
CA GLN A 59 1.43 3.49 -6.02
C GLN A 59 0.67 4.78 -5.72
N SER A 60 -0.57 4.64 -5.25
CA SER A 60 -1.43 5.78 -4.96
C SER A 60 -0.79 6.72 -3.93
N ALA A 61 -0.05 6.16 -2.99
CA ALA A 61 0.65 6.95 -1.98
C ALA A 61 1.77 7.76 -2.63
N ILE A 62 2.51 7.11 -3.53
CA ILE A 62 3.64 7.74 -4.19
C ILE A 62 3.18 8.84 -5.15
N GLU A 63 1.98 8.68 -5.69
CA GLU A 63 1.41 9.68 -6.59
C GLU A 63 1.28 11.02 -5.88
N LEU A 64 0.99 10.97 -4.59
CA LEU A 64 0.82 12.17 -3.78
C LEU A 64 2.17 12.66 -3.26
N ASN A 65 2.97 11.74 -2.76
CA ASN A 65 4.26 12.10 -2.20
C ASN A 65 5.36 11.14 -2.64
N PRO A 66 6.28 11.62 -3.49
CA PRO A 66 7.41 10.80 -3.99
C PRO A 66 8.48 10.57 -2.93
N ASP A 67 8.31 11.17 -1.76
CA ASP A 67 9.25 10.97 -0.67
C ASP A 67 8.65 10.05 0.37
N SER A 68 7.51 9.47 0.02
CA SER A 68 6.80 8.55 0.90
C SER A 68 7.61 7.27 1.13
N PRO A 69 7.48 6.66 2.32
CA PRO A 69 8.08 5.36 2.61
C PRO A 69 7.49 4.25 1.73
N ALA A 70 6.40 4.59 1.03
CA ALA A 70 5.74 3.65 0.14
C ALA A 70 6.68 3.21 -0.99
N LEU A 71 7.70 4.02 -1.26
CA LEU A 71 8.70 3.65 -2.24
C LEU A 71 9.41 2.39 -1.82
N GLN A 72 9.89 2.37 -0.59
CA GLN A 72 10.61 1.21 -0.06
C GLN A 72 9.66 0.03 0.08
N ALA A 73 8.42 0.36 0.46
CA ALA A 73 7.38 -0.65 0.66
C ALA A 73 6.99 -1.33 -0.66
N ARG A 74 6.90 -0.55 -1.72
CA ARG A 74 6.52 -1.11 -3.01
C ARG A 74 7.67 -1.95 -3.57
N LYS A 75 8.89 -1.50 -3.32
CA LYS A 75 10.09 -2.23 -3.74
C LYS A 75 10.18 -3.58 -3.05
N MET A 76 10.04 -3.57 -1.73
CA MET A 76 10.12 -4.80 -0.95
C MET A 76 9.05 -5.80 -1.36
N VAL A 77 7.87 -5.30 -1.72
CA VAL A 77 6.80 -6.17 -2.18
C VAL A 77 7.19 -6.84 -3.50
N MET A 78 7.72 -6.05 -4.44
CA MET A 78 8.15 -6.58 -5.73
C MET A 78 9.29 -7.58 -5.55
N ASP A 79 10.12 -7.31 -4.55
CA ASP A 79 11.21 -8.21 -4.17
C ASP A 79 10.65 -9.57 -3.74
N ILE A 80 9.66 -9.52 -2.84
CA ILE A 80 8.98 -10.72 -2.39
C ILE A 80 8.32 -11.44 -3.57
N LEU A 81 7.76 -10.66 -4.48
CA LEU A 81 7.11 -11.20 -5.68
C LEU A 81 8.09 -12.02 -6.50
N ASN A 82 9.31 -11.52 -6.64
CA ASN A 82 10.34 -12.22 -7.41
C ASN A 82 10.68 -13.56 -6.75
N PHE A 83 10.62 -13.59 -5.41
CA PHE A 83 10.82 -14.84 -4.68
C PHE A 83 9.66 -15.80 -4.92
N TYR A 84 8.46 -15.26 -5.10
CA TYR A 84 7.30 -16.09 -5.44
C TYR A 84 7.36 -16.55 -6.89
N ASN A 85 7.05 -15.66 -7.81
CA ASN A 85 6.97 -16.00 -9.22
C ASN A 85 7.15 -14.77 -10.11
N LYS A 86 7.57 -15.00 -11.34
CA LYS A 86 7.72 -13.93 -12.31
C LYS A 86 6.62 -14.08 -13.36
N ASP A 87 5.50 -14.61 -12.94
CA ASP A 87 4.35 -14.80 -13.82
C ASP A 87 3.40 -13.62 -13.71
N MET A 88 3.29 -13.07 -12.51
CA MET A 88 2.56 -11.83 -12.32
C MET A 88 3.50 -10.66 -12.59
N TYR A 89 4.76 -10.83 -12.21
CA TYR A 89 5.80 -9.89 -12.58
C TYR A 89 6.06 -10.01 -14.06
N ASN A 90 6.56 -8.95 -14.68
CA ASN A 90 6.78 -8.90 -16.12
C ASN A 90 5.46 -8.78 -16.88
N GLN A 91 4.35 -8.91 -16.16
CA GLN A 91 3.04 -8.70 -16.73
C GLN A 91 2.55 -7.28 -16.43
N LEU A 92 2.45 -6.97 -15.13
CA LEU A 92 2.11 -5.62 -14.68
C LEU A 92 3.07 -4.64 -15.32
N GLU A 93 4.35 -4.93 -15.15
CA GLU A 93 5.41 -4.24 -15.85
C GLU A 93 6.57 -5.19 -16.02
N HIS A 94 7.27 -5.06 -17.13
CA HIS A 94 8.32 -6.00 -17.49
C HIS A 94 9.64 -5.54 -16.88
N HIS A 95 10.38 -4.76 -17.65
CA HIS A 95 11.61 -4.14 -17.19
C HIS A 95 11.85 -2.88 -18.00
N HIS A 96 11.93 -1.75 -17.32
CA HIS A 96 12.16 -0.46 -17.98
C HIS A 96 13.49 -0.47 -18.73
N HIS A 97 13.67 0.50 -19.61
CA HIS A 97 14.89 0.58 -20.41
C HIS A 97 16.11 0.64 -19.50
N HIS A 98 17.10 -0.15 -19.84
CA HIS A 98 18.31 -0.27 -19.04
C HIS A 98 19.53 -0.22 -19.92
N HIS A 99 20.58 0.42 -19.42
CA HIS A 99 21.85 0.56 -20.13
C HIS A 99 21.71 1.49 -21.35
N MET A 1 -3.53 14.47 17.40
CA MET A 1 -4.73 13.64 17.13
C MET A 1 -4.85 13.34 15.64
N ASP A 2 -4.48 12.12 15.26
CA ASP A 2 -4.56 11.70 13.87
C ASP A 2 -5.27 10.35 13.76
N GLN A 3 -6.23 10.29 12.86
CA GLN A 3 -7.05 9.09 12.67
C GLN A 3 -6.17 7.94 12.18
N LEU A 4 -5.15 8.29 11.42
CA LEU A 4 -4.18 7.34 10.88
C LEU A 4 -3.56 6.50 11.99
N LYS A 5 -3.32 7.13 13.14
CA LYS A 5 -2.71 6.45 14.27
C LYS A 5 -3.61 5.33 14.78
N THR A 6 -4.92 5.60 14.82
CA THR A 6 -5.90 4.61 15.22
C THR A 6 -5.90 3.43 14.25
N ILE A 7 -5.80 3.74 12.96
CA ILE A 7 -5.77 2.74 11.92
C ILE A 7 -4.51 1.89 12.04
N LYS A 8 -3.39 2.54 12.34
CA LYS A 8 -2.13 1.84 12.55
C LYS A 8 -2.26 0.87 13.73
N GLU A 9 -2.96 1.30 14.76
CA GLU A 9 -3.25 0.42 15.90
C GLU A 9 -4.00 -0.82 15.43
N LEU A 10 -5.02 -0.62 14.60
CA LEU A 10 -5.81 -1.70 14.05
C LEU A 10 -4.95 -2.68 13.26
N ILE A 11 -4.05 -2.14 12.45
CA ILE A 11 -3.16 -2.95 11.62
C ILE A 11 -2.24 -3.81 12.49
N ASN A 12 -1.76 -3.24 13.59
CA ASN A 12 -0.92 -3.98 14.52
C ASN A 12 -1.74 -5.03 15.25
N GLN A 13 -2.97 -4.67 15.62
CA GLN A 13 -3.86 -5.58 16.32
C GLN A 13 -4.23 -6.77 15.44
N GLY A 14 -4.30 -6.54 14.15
CA GLY A 14 -4.64 -7.60 13.22
C GLY A 14 -6.02 -7.39 12.62
N ASP A 15 -6.68 -6.32 13.03
CA ASP A 15 -7.99 -5.98 12.50
C ASP A 15 -7.83 -5.21 11.20
N ILE A 16 -7.57 -5.94 10.14
CA ILE A 16 -7.31 -5.35 8.84
C ILE A 16 -8.57 -4.73 8.26
N GLU A 17 -9.70 -5.38 8.47
CA GLU A 17 -10.97 -4.90 7.93
C GLU A 17 -11.29 -3.52 8.46
N ASN A 18 -11.22 -3.33 9.77
CA ASN A 18 -11.50 -2.04 10.38
C ASN A 18 -10.50 -1.00 9.89
N ALA A 19 -9.24 -1.41 9.76
CA ALA A 19 -8.22 -0.51 9.25
C ALA A 19 -8.54 -0.07 7.82
N LEU A 20 -8.83 -1.03 6.96
CA LEU A 20 -9.11 -0.75 5.54
C LEU A 20 -10.27 0.22 5.36
N GLN A 21 -11.40 -0.07 6.00
CA GLN A 21 -12.58 0.76 5.83
C GLN A 21 -12.37 2.14 6.46
N ALA A 22 -11.64 2.19 7.58
CA ALA A 22 -11.34 3.47 8.21
C ALA A 22 -10.44 4.32 7.32
N LEU A 23 -9.54 3.65 6.59
CA LEU A 23 -8.62 4.33 5.69
C LEU A 23 -9.34 5.03 4.55
N GLU A 24 -10.26 4.32 3.89
CA GLU A 24 -11.01 4.92 2.79
C GLU A 24 -12.00 5.96 3.30
N GLU A 25 -12.49 5.77 4.52
CA GLU A 25 -13.29 6.80 5.19
C GLU A 25 -12.43 8.03 5.46
N PHE A 26 -11.20 7.79 5.91
CA PHE A 26 -10.24 8.84 6.21
C PHE A 26 -9.95 9.70 4.98
N LEU A 27 -9.99 9.10 3.81
CA LEU A 27 -9.67 9.79 2.56
C LEU A 27 -10.58 11.01 2.36
N GLN A 28 -11.77 10.96 2.93
CA GLN A 28 -12.73 12.04 2.82
C GLN A 28 -12.48 13.12 3.89
N THR A 29 -11.63 12.80 4.85
CA THR A 29 -11.44 13.69 5.99
C THR A 29 -10.18 14.54 5.82
N GLU A 30 -9.07 13.89 5.49
CA GLU A 30 -7.80 14.58 5.31
C GLU A 30 -7.10 14.09 4.05
N PRO A 31 -7.35 14.76 2.91
CA PRO A 31 -6.71 14.42 1.64
C PRO A 31 -5.20 14.65 1.69
N VAL A 32 -4.78 15.48 2.63
CA VAL A 32 -3.38 15.81 2.79
C VAL A 32 -2.58 14.61 3.30
N GLY A 33 -3.24 13.67 3.96
CA GLY A 33 -2.54 12.52 4.52
C GLY A 33 -2.90 11.22 3.83
N LYS A 34 -3.31 11.30 2.57
CA LYS A 34 -3.73 10.11 1.84
C LYS A 34 -2.53 9.21 1.50
N ASP A 35 -1.35 9.80 1.32
CA ASP A 35 -0.15 9.01 1.03
C ASP A 35 0.22 8.15 2.22
N GLU A 36 0.01 8.71 3.42
CA GLU A 36 0.19 7.96 4.65
C GLU A 36 -0.87 6.85 4.72
N ALA A 37 -2.09 7.20 4.32
CA ALA A 37 -3.21 6.27 4.33
C ALA A 37 -2.99 5.11 3.38
N TYR A 38 -2.67 5.41 2.12
CA TYR A 38 -2.46 4.37 1.11
C TYR A 38 -1.30 3.46 1.49
N TYR A 39 -0.31 4.03 2.16
CA TYR A 39 0.80 3.25 2.69
C TYR A 39 0.28 2.22 3.70
N LEU A 40 -0.64 2.66 4.54
CA LEU A 40 -1.26 1.79 5.54
C LEU A 40 -2.19 0.77 4.87
N MET A 41 -2.91 1.23 3.86
CA MET A 41 -3.83 0.35 3.13
C MET A 41 -3.07 -0.82 2.52
N GLY A 42 -1.97 -0.50 1.84
CA GLY A 42 -1.13 -1.53 1.27
C GLY A 42 -0.56 -2.47 2.32
N ASN A 43 -0.24 -1.90 3.48
CA ASN A 43 0.29 -2.69 4.60
C ASN A 43 -0.76 -3.66 5.11
N ALA A 44 -2.00 -3.16 5.21
CA ALA A 44 -3.11 -3.98 5.66
C ALA A 44 -3.39 -5.12 4.68
N TYR A 45 -3.41 -4.81 3.39
CA TYR A 45 -3.61 -5.82 2.36
C TYR A 45 -2.48 -6.84 2.37
N ARG A 46 -1.30 -6.40 2.79
CA ARG A 46 -0.15 -7.28 2.92
C ARG A 46 -0.41 -8.34 3.98
N LYS A 47 -1.02 -7.93 5.10
CA LYS A 47 -1.34 -8.86 6.18
C LYS A 47 -2.49 -9.79 5.78
N LEU A 48 -3.28 -9.36 4.81
CA LEU A 48 -4.33 -10.22 4.26
C LEU A 48 -3.71 -11.25 3.31
N GLY A 49 -2.61 -10.87 2.69
CA GLY A 49 -1.94 -11.75 1.75
C GLY A 49 -2.25 -11.40 0.32
N ASP A 50 -2.61 -10.15 0.07
CA ASP A 50 -2.88 -9.69 -1.28
C ASP A 50 -1.80 -8.73 -1.72
N TRP A 51 -0.89 -9.21 -2.55
CA TRP A 51 0.26 -8.42 -2.94
C TRP A 51 -0.12 -7.39 -4.00
N GLN A 52 -1.12 -7.72 -4.81
CA GLN A 52 -1.53 -6.83 -5.89
C GLN A 52 -2.21 -5.59 -5.31
N LYS A 53 -3.13 -5.80 -4.37
CA LYS A 53 -3.76 -4.69 -3.67
C LYS A 53 -2.73 -3.85 -2.95
N ALA A 54 -1.75 -4.51 -2.36
CA ALA A 54 -0.66 -3.82 -1.68
C ALA A 54 0.11 -2.95 -2.68
N LEU A 55 0.53 -3.57 -3.78
CA LEU A 55 1.27 -2.87 -4.82
C LEU A 55 0.51 -1.67 -5.35
N ASN A 56 -0.78 -1.84 -5.58
CA ASN A 56 -1.62 -0.79 -6.12
C ASN A 56 -1.83 0.33 -5.13
N ASN A 57 -2.07 -0.01 -3.87
CA ASN A 57 -2.27 1.01 -2.84
C ASN A 57 -0.99 1.77 -2.55
N TYR A 58 0.13 1.05 -2.50
CA TYR A 58 1.43 1.71 -2.35
C TYR A 58 1.68 2.63 -3.54
N GLN A 59 1.34 2.15 -4.73
CA GLN A 59 1.50 2.91 -5.96
C GLN A 59 0.64 4.18 -5.90
N SER A 60 -0.56 4.05 -5.32
CA SER A 60 -1.48 5.17 -5.20
C SER A 60 -0.87 6.29 -4.36
N ALA A 61 -0.10 5.91 -3.34
CA ALA A 61 0.61 6.88 -2.51
C ALA A 61 1.74 7.52 -3.31
N ILE A 62 2.49 6.69 -4.03
CA ILE A 62 3.63 7.16 -4.82
C ILE A 62 3.16 8.11 -5.93
N GLU A 63 1.94 7.92 -6.41
CA GLU A 63 1.36 8.81 -7.41
C GLU A 63 1.18 10.21 -6.83
N LEU A 64 0.87 10.28 -5.56
CA LEU A 64 0.66 11.57 -4.88
C LEU A 64 2.01 12.22 -4.59
N ASN A 65 2.93 11.44 -4.07
CA ASN A 65 4.29 11.92 -3.79
C ASN A 65 5.32 10.81 -4.03
N PRO A 66 6.18 11.01 -5.04
CA PRO A 66 7.19 10.02 -5.44
C PRO A 66 8.33 9.90 -4.42
N ASP A 67 8.15 10.51 -3.26
CA ASP A 67 9.14 10.43 -2.19
C ASP A 67 8.46 9.91 -0.93
N SER A 68 7.31 9.29 -1.12
CA SER A 68 6.53 8.72 -0.03
C SER A 68 7.28 7.55 0.62
N PRO A 69 7.04 7.30 1.92
CA PRO A 69 7.58 6.13 2.62
C PRO A 69 7.06 4.83 2.01
N ALA A 70 6.03 4.95 1.17
CA ALA A 70 5.45 3.80 0.49
C ALA A 70 6.43 3.19 -0.51
N LEU A 71 7.44 3.97 -0.88
CA LEU A 71 8.47 3.50 -1.82
C LEU A 71 9.20 2.29 -1.26
N GLN A 72 9.66 2.43 -0.02
CA GLN A 72 10.44 1.39 0.63
C GLN A 72 9.65 0.10 0.71
N ALA A 73 8.36 0.24 1.01
CA ALA A 73 7.47 -0.91 1.10
C ALA A 73 7.18 -1.48 -0.28
N ARG A 74 6.94 -0.60 -1.24
CA ARG A 74 6.65 -1.02 -2.62
C ARG A 74 7.80 -1.85 -3.17
N LYS A 75 9.02 -1.36 -2.99
CA LYS A 75 10.20 -2.05 -3.50
C LYS A 75 10.40 -3.39 -2.79
N MET A 76 10.09 -3.45 -1.51
CA MET A 76 10.26 -4.66 -0.74
C MET A 76 9.26 -5.73 -1.20
N VAL A 77 8.04 -5.30 -1.49
CA VAL A 77 7.02 -6.21 -2.01
C VAL A 77 7.41 -6.71 -3.40
N MET A 78 7.93 -5.80 -4.21
CA MET A 78 8.42 -6.16 -5.54
C MET A 78 9.49 -7.24 -5.45
N ASP A 79 10.41 -7.09 -4.52
CA ASP A 79 11.51 -8.04 -4.36
C ASP A 79 10.98 -9.40 -3.90
N ILE A 80 9.99 -9.37 -3.02
CA ILE A 80 9.35 -10.59 -2.55
C ILE A 80 8.65 -11.32 -3.70
N LEU A 81 7.89 -10.57 -4.49
CA LEU A 81 7.20 -11.15 -5.64
C LEU A 81 8.19 -11.58 -6.72
N ASN A 82 9.27 -10.82 -6.86
CA ASN A 82 10.36 -11.17 -7.78
C ASN A 82 10.95 -12.53 -7.38
N PHE A 83 10.99 -12.74 -6.07
CA PHE A 83 11.50 -13.97 -5.49
C PHE A 83 10.53 -15.13 -5.73
N TYR A 84 9.23 -14.82 -5.79
CA TYR A 84 8.21 -15.86 -5.89
C TYR A 84 7.75 -16.11 -7.32
N ASN A 85 7.05 -15.14 -7.91
CA ASN A 85 6.22 -15.42 -9.08
C ASN A 85 6.65 -14.61 -10.30
N LYS A 86 6.53 -15.22 -11.47
CA LYS A 86 6.86 -14.58 -12.74
C LYS A 86 5.60 -14.47 -13.62
N ASP A 87 4.51 -15.09 -13.17
CA ASP A 87 3.26 -15.13 -13.94
C ASP A 87 2.71 -13.74 -14.23
N MET A 88 2.32 -13.04 -13.17
CA MET A 88 1.77 -11.69 -13.32
C MET A 88 2.88 -10.66 -13.26
N TYR A 89 4.08 -11.14 -12.95
CA TYR A 89 5.25 -10.27 -12.86
C TYR A 89 5.62 -9.76 -14.26
N ASN A 90 6.47 -8.73 -14.30
CA ASN A 90 6.93 -8.12 -15.54
C ASN A 90 5.90 -7.14 -16.10
N GLN A 91 4.69 -7.16 -15.54
CA GLN A 91 3.66 -6.18 -15.90
C GLN A 91 3.83 -4.94 -15.02
N LEU A 92 4.43 -5.15 -13.87
CA LEU A 92 4.57 -4.13 -12.85
C LEU A 92 5.71 -3.18 -13.17
N GLU A 93 6.82 -3.73 -13.62
CA GLU A 93 7.95 -2.93 -14.09
C GLU A 93 7.86 -2.71 -15.60
N HIS A 94 6.66 -2.89 -16.15
CA HIS A 94 6.44 -2.73 -17.57
C HIS A 94 6.28 -1.25 -17.92
N HIS A 95 6.48 -0.41 -16.91
CA HIS A 95 6.49 1.03 -17.08
C HIS A 95 7.78 1.59 -16.48
N HIS A 96 8.35 2.60 -17.12
CA HIS A 96 9.62 3.15 -16.67
C HIS A 96 9.42 4.12 -15.50
N HIS A 97 10.46 4.30 -14.71
CA HIS A 97 10.43 5.29 -13.63
C HIS A 97 11.68 6.17 -13.70
N HIS A 98 11.65 7.27 -12.96
CA HIS A 98 12.69 8.28 -13.05
C HIS A 98 13.99 7.84 -12.39
N HIS A 99 14.99 7.52 -13.22
CA HIS A 99 16.34 7.23 -12.76
C HIS A 99 17.28 7.06 -13.96
N MET A 1 -5.43 13.65 17.48
CA MET A 1 -6.35 13.87 16.35
C MET A 1 -6.10 12.85 15.24
N ASP A 2 -4.97 12.13 15.31
CA ASP A 2 -4.58 11.22 14.24
C ASP A 2 -5.53 10.04 14.13
N GLN A 3 -6.45 10.13 13.18
CA GLN A 3 -7.44 9.09 12.96
C GLN A 3 -6.73 7.84 12.46
N LEU A 4 -5.71 8.05 11.64
CA LEU A 4 -4.91 6.98 11.08
C LEU A 4 -4.30 6.12 12.19
N LYS A 5 -4.08 6.71 13.37
CA LYS A 5 -3.52 5.99 14.51
C LYS A 5 -4.37 4.79 14.86
N THR A 6 -5.69 4.97 14.81
CA THR A 6 -6.62 3.89 15.03
C THR A 6 -6.35 2.76 14.05
N ILE A 7 -6.21 3.14 12.79
CA ILE A 7 -5.93 2.20 11.71
C ILE A 7 -4.59 1.50 11.93
N LYS A 8 -3.58 2.27 12.31
CA LYS A 8 -2.27 1.74 12.60
C LYS A 8 -2.34 0.66 13.68
N GLU A 9 -3.05 0.97 14.76
CA GLU A 9 -3.23 0.02 15.85
C GLU A 9 -4.06 -1.18 15.40
N LEU A 10 -5.08 -0.93 14.57
CA LEU A 10 -5.92 -2.00 14.06
C LEU A 10 -5.10 -3.00 13.27
N ILE A 11 -4.21 -2.50 12.41
CA ILE A 11 -3.33 -3.35 11.61
C ILE A 11 -2.36 -4.11 12.52
N ASN A 12 -1.85 -3.42 13.54
CA ASN A 12 -0.98 -4.04 14.53
C ASN A 12 -1.68 -5.21 15.23
N GLN A 13 -2.95 -5.00 15.58
CA GLN A 13 -3.75 -6.03 16.22
C GLN A 13 -4.10 -7.14 15.23
N GLY A 14 -4.55 -6.74 14.05
CA GLY A 14 -4.92 -7.71 13.04
C GLY A 14 -6.29 -7.44 12.45
N ASP A 15 -6.87 -6.29 12.79
CA ASP A 15 -8.17 -5.92 12.25
C ASP A 15 -7.99 -5.07 11.01
N ILE A 16 -7.71 -5.74 9.91
CA ILE A 16 -7.45 -5.07 8.64
C ILE A 16 -8.72 -4.44 8.07
N GLU A 17 -9.86 -5.11 8.27
CA GLU A 17 -11.13 -4.62 7.73
C GLU A 17 -11.50 -3.26 8.32
N ASN A 18 -11.43 -3.14 9.65
CA ASN A 18 -11.74 -1.87 10.29
C ASN A 18 -10.71 -0.82 9.92
N ALA A 19 -9.47 -1.26 9.73
CA ALA A 19 -8.41 -0.38 9.27
C ALA A 19 -8.73 0.18 7.89
N LEU A 20 -9.08 -0.72 6.96
CA LEU A 20 -9.34 -0.34 5.57
C LEU A 20 -10.48 0.66 5.46
N GLN A 21 -11.60 0.37 6.12
CA GLN A 21 -12.78 1.23 6.02
C GLN A 21 -12.51 2.62 6.60
N ALA A 22 -11.73 2.67 7.67
CA ALA A 22 -11.37 3.94 8.28
C ALA A 22 -10.42 4.71 7.35
N LEU A 23 -9.60 3.95 6.62
CA LEU A 23 -8.71 4.54 5.62
C LEU A 23 -9.52 5.15 4.49
N GLU A 24 -10.51 4.41 4.01
CA GLU A 24 -11.38 4.87 2.94
C GLU A 24 -12.08 6.17 3.32
N GLU A 25 -12.46 6.27 4.59
CA GLU A 25 -13.07 7.49 5.12
C GLU A 25 -12.07 8.64 5.12
N PHE A 26 -10.86 8.36 5.59
CA PHE A 26 -9.82 9.38 5.72
C PHE A 26 -9.46 9.97 4.35
N LEU A 27 -9.54 9.14 3.31
CA LEU A 27 -9.23 9.57 1.95
C LEU A 27 -10.18 10.68 1.50
N GLN A 28 -11.33 10.76 2.14
CA GLN A 28 -12.36 11.70 1.75
C GLN A 28 -12.22 13.02 2.53
N THR A 29 -11.74 12.93 3.77
CA THR A 29 -11.66 14.10 4.63
C THR A 29 -10.34 14.86 4.45
N GLU A 30 -9.22 14.13 4.40
CA GLU A 30 -7.91 14.77 4.31
C GLU A 30 -7.10 14.19 3.15
N PRO A 31 -7.17 14.84 1.98
CA PRO A 31 -6.40 14.42 0.79
C PRO A 31 -4.89 14.53 1.00
N VAL A 32 -4.50 15.46 1.85
CA VAL A 32 -3.09 15.75 2.10
C VAL A 32 -2.41 14.59 2.84
N GLY A 33 -3.20 13.78 3.55
CA GLY A 33 -2.65 12.68 4.31
C GLY A 33 -2.97 11.34 3.70
N LYS A 34 -3.41 11.34 2.45
CA LYS A 34 -3.78 10.10 1.78
C LYS A 34 -2.56 9.21 1.53
N ASP A 35 -1.38 9.83 1.46
CA ASP A 35 -0.16 9.07 1.20
C ASP A 35 0.15 8.14 2.37
N GLU A 36 -0.11 8.62 3.59
CA GLU A 36 0.06 7.80 4.78
C GLU A 36 -1.05 6.75 4.86
N ALA A 37 -2.23 7.14 4.42
CA ALA A 37 -3.39 6.25 4.42
C ALA A 37 -3.21 5.09 3.45
N TYR A 38 -2.81 5.40 2.23
CA TYR A 38 -2.56 4.37 1.22
C TYR A 38 -1.40 3.47 1.62
N TYR A 39 -0.42 4.05 2.30
CA TYR A 39 0.69 3.28 2.84
C TYR A 39 0.16 2.26 3.85
N LEU A 40 -0.75 2.71 4.71
CA LEU A 40 -1.39 1.83 5.68
C LEU A 40 -2.20 0.75 4.99
N MET A 41 -2.90 1.12 3.92
CA MET A 41 -3.63 0.15 3.11
C MET A 41 -2.69 -0.97 2.65
N GLY A 42 -1.56 -0.58 2.08
CA GLY A 42 -0.59 -1.55 1.65
C GLY A 42 -0.12 -2.44 2.78
N ASN A 43 0.10 -1.85 3.95
CA ASN A 43 0.54 -2.60 5.12
C ASN A 43 -0.51 -3.63 5.53
N ALA A 44 -1.77 -3.25 5.40
CA ALA A 44 -2.87 -4.13 5.73
C ALA A 44 -2.91 -5.34 4.79
N TYR A 45 -2.80 -5.05 3.49
CA TYR A 45 -2.87 -6.10 2.47
C TYR A 45 -1.64 -7.01 2.51
N ARG A 46 -0.46 -6.44 2.72
CA ARG A 46 0.76 -7.24 2.77
C ARG A 46 0.75 -8.14 4.01
N LYS A 47 0.03 -7.72 5.04
CA LYS A 47 -0.12 -8.54 6.23
C LYS A 47 -1.07 -9.70 5.96
N LEU A 48 -2.13 -9.43 5.20
CA LEU A 48 -3.08 -10.46 4.80
C LEU A 48 -2.39 -11.48 3.89
N GLY A 49 -1.48 -11.00 3.06
CA GLY A 49 -0.79 -11.88 2.14
C GLY A 49 -1.12 -11.57 0.71
N ASP A 50 -1.80 -10.45 0.48
CA ASP A 50 -2.15 -10.01 -0.86
C ASP A 50 -1.25 -8.87 -1.28
N TRP A 51 -0.30 -9.17 -2.16
CA TRP A 51 0.68 -8.18 -2.57
C TRP A 51 0.13 -7.32 -3.71
N GLN A 52 -0.91 -7.82 -4.37
CA GLN A 52 -1.50 -7.15 -5.52
C GLN A 52 -2.14 -5.83 -5.08
N LYS A 53 -3.03 -5.92 -4.10
CA LYS A 53 -3.71 -4.76 -3.57
C LYS A 53 -2.72 -3.83 -2.89
N ALA A 54 -1.70 -4.42 -2.29
CA ALA A 54 -0.68 -3.65 -1.60
C ALA A 54 0.05 -2.73 -2.59
N LEU A 55 0.55 -3.32 -3.67
CA LEU A 55 1.30 -2.56 -4.67
C LEU A 55 0.46 -1.44 -5.27
N ASN A 56 -0.79 -1.75 -5.58
CA ASN A 56 -1.69 -0.80 -6.22
C ASN A 56 -1.91 0.42 -5.33
N ASN A 57 -2.19 0.17 -4.06
CA ASN A 57 -2.46 1.24 -3.11
C ASN A 57 -1.17 1.95 -2.70
N TYR A 58 -0.06 1.22 -2.66
CA TYR A 58 1.24 1.84 -2.42
C TYR A 58 1.54 2.87 -3.50
N GLN A 59 1.17 2.53 -4.74
CA GLN A 59 1.40 3.42 -5.87
C GLN A 59 0.54 4.67 -5.75
N SER A 60 -0.66 4.50 -5.23
CA SER A 60 -1.57 5.61 -4.98
C SER A 60 -0.95 6.59 -3.98
N ALA A 61 -0.15 6.07 -3.06
CA ALA A 61 0.59 6.93 -2.14
C ALA A 61 1.77 7.60 -2.84
N ILE A 62 2.36 6.89 -3.80
CA ILE A 62 3.53 7.38 -4.53
C ILE A 62 3.18 8.59 -5.40
N GLU A 63 2.03 8.54 -6.06
CA GLU A 63 1.61 9.64 -6.92
C GLU A 63 1.37 10.91 -6.10
N LEU A 64 1.05 10.74 -4.83
CA LEU A 64 0.80 11.87 -3.94
C LEU A 64 2.10 12.35 -3.32
N ASN A 65 2.88 11.42 -2.79
CA ASN A 65 4.15 11.75 -2.17
C ASN A 65 5.22 10.76 -2.62
N PRO A 66 6.11 11.21 -3.53
CA PRO A 66 7.15 10.35 -4.12
C PRO A 66 8.29 10.04 -3.15
N ASP A 67 8.31 10.72 -2.02
CA ASP A 67 9.34 10.51 -1.01
C ASP A 67 8.74 9.88 0.24
N SER A 68 7.68 9.12 0.04
CA SER A 68 7.03 8.39 1.12
C SER A 68 7.70 7.03 1.32
N PRO A 69 7.51 6.41 2.49
CA PRO A 69 8.01 5.05 2.74
C PRO A 69 7.34 4.02 1.83
N ALA A 70 6.26 4.45 1.19
CA ALA A 70 5.51 3.59 0.27
C ALA A 70 6.36 3.22 -0.93
N LEU A 71 7.30 4.11 -1.27
CA LEU A 71 8.22 3.87 -2.37
C LEU A 71 9.05 2.64 -2.09
N GLN A 72 9.51 2.56 -0.85
CA GLN A 72 10.40 1.51 -0.40
C GLN A 72 9.64 0.19 -0.31
N ALA A 73 8.45 0.25 0.27
CA ALA A 73 7.59 -0.91 0.35
C ALA A 73 7.25 -1.44 -1.04
N ARG A 74 6.83 -0.53 -1.91
CA ARG A 74 6.54 -0.86 -3.31
C ARG A 74 7.69 -1.62 -3.96
N LYS A 75 8.91 -1.14 -3.73
CA LYS A 75 10.10 -1.71 -4.33
C LYS A 75 10.43 -3.07 -3.71
N MET A 76 10.29 -3.16 -2.39
CA MET A 76 10.63 -4.38 -1.67
C MET A 76 9.63 -5.50 -1.98
N VAL A 77 8.35 -5.13 -2.15
CA VAL A 77 7.32 -6.10 -2.49
C VAL A 77 7.61 -6.70 -3.86
N MET A 78 7.97 -5.84 -4.82
CA MET A 78 8.30 -6.28 -6.17
C MET A 78 9.38 -7.35 -6.16
N ASP A 79 10.43 -7.11 -5.38
CA ASP A 79 11.53 -8.06 -5.29
C ASP A 79 11.06 -9.37 -4.66
N ILE A 80 10.20 -9.27 -3.64
CA ILE A 80 9.65 -10.44 -2.99
C ILE A 80 8.74 -11.23 -3.94
N LEU A 81 7.97 -10.52 -4.75
CA LEU A 81 7.12 -11.14 -5.76
C LEU A 81 7.96 -11.84 -6.81
N ASN A 82 9.10 -11.26 -7.16
CA ASN A 82 10.02 -11.87 -8.10
C ASN A 82 10.55 -13.18 -7.52
N PHE A 83 10.63 -13.23 -6.21
CA PHE A 83 11.07 -14.43 -5.48
C PHE A 83 9.94 -15.46 -5.44
N TYR A 84 8.71 -15.00 -5.22
CA TYR A 84 7.56 -15.89 -5.14
C TYR A 84 6.98 -16.18 -6.52
N ASN A 85 6.03 -15.36 -6.93
CA ASN A 85 5.33 -15.54 -8.19
C ASN A 85 5.50 -14.31 -9.08
N LYS A 86 6.41 -14.42 -10.03
CA LYS A 86 6.81 -13.31 -10.86
C LYS A 86 5.74 -12.97 -11.92
N ASP A 87 4.77 -13.84 -12.08
CA ASP A 87 3.75 -13.66 -13.11
C ASP A 87 2.90 -12.43 -12.81
N MET A 88 2.39 -12.36 -11.60
CA MET A 88 1.61 -11.21 -11.17
C MET A 88 2.51 -9.99 -10.97
N TYR A 89 3.81 -10.23 -10.93
CA TYR A 89 4.78 -9.15 -10.78
C TYR A 89 4.99 -8.45 -12.12
N ASN A 90 5.31 -9.22 -13.16
CA ASN A 90 5.64 -8.65 -14.45
C ASN A 90 4.39 -8.36 -15.28
N GLN A 91 3.22 -8.63 -14.71
CA GLN A 91 1.98 -8.24 -15.38
C GLN A 91 1.73 -6.76 -15.14
N LEU A 92 2.26 -6.28 -14.02
CA LEU A 92 2.24 -4.86 -13.72
C LEU A 92 3.37 -4.16 -14.46
N GLU A 93 4.59 -4.48 -14.07
CA GLU A 93 5.76 -3.96 -14.75
C GLU A 93 6.59 -5.08 -15.35
N HIS A 94 6.31 -5.37 -16.61
CA HIS A 94 7.10 -6.32 -17.38
C HIS A 94 8.42 -5.66 -17.76
N HIS A 95 9.47 -6.45 -17.94
CA HIS A 95 10.78 -5.92 -18.34
C HIS A 95 10.62 -4.93 -19.49
N HIS A 96 10.94 -3.67 -19.22
CA HIS A 96 10.68 -2.59 -20.16
C HIS A 96 11.64 -2.66 -21.34
N HIS A 97 12.81 -2.05 -21.17
CA HIS A 97 13.86 -2.08 -22.18
C HIS A 97 15.10 -1.39 -21.64
N HIS A 98 16.14 -1.28 -22.46
CA HIS A 98 17.40 -0.72 -22.00
C HIS A 98 17.49 0.76 -22.30
N HIS A 99 18.24 1.47 -21.45
CA HIS A 99 18.52 2.89 -21.64
C HIS A 99 19.56 3.35 -20.61
N MET A 1 -9.95 13.30 16.30
CA MET A 1 -9.82 12.62 15.00
C MET A 1 -8.72 11.56 15.10
N ASP A 2 -7.51 11.91 14.66
CA ASP A 2 -6.32 11.07 14.79
C ASP A 2 -6.54 9.63 14.30
N GLN A 3 -7.38 9.46 13.28
CA GLN A 3 -7.72 8.13 12.78
C GLN A 3 -6.48 7.34 12.36
N LEU A 4 -5.47 8.05 11.86
CA LEU A 4 -4.26 7.40 11.35
C LEU A 4 -3.61 6.52 12.43
N LYS A 5 -3.61 6.99 13.68
CA LYS A 5 -3.04 6.19 14.76
C LYS A 5 -3.90 4.96 15.00
N THR A 6 -5.21 5.18 15.07
CA THR A 6 -6.18 4.11 15.26
C THR A 6 -6.01 3.02 14.20
N ILE A 7 -5.92 3.45 12.96
CA ILE A 7 -5.74 2.55 11.82
C ILE A 7 -4.48 1.71 11.97
N LYS A 8 -3.37 2.37 12.32
CA LYS A 8 -2.10 1.68 12.50
C LYS A 8 -2.20 0.65 13.62
N GLU A 9 -2.85 1.02 14.71
CA GLU A 9 -3.04 0.12 15.83
C GLU A 9 -3.82 -1.13 15.41
N LEU A 10 -4.90 -0.90 14.66
CA LEU A 10 -5.74 -1.99 14.19
C LEU A 10 -4.93 -2.96 13.32
N ILE A 11 -4.15 -2.41 12.40
CA ILE A 11 -3.31 -3.23 11.52
C ILE A 11 -2.28 -4.02 12.31
N ASN A 12 -1.67 -3.38 13.31
CA ASN A 12 -0.68 -4.04 14.16
C ASN A 12 -1.28 -5.27 14.84
N GLN A 13 -2.54 -5.16 15.23
CA GLN A 13 -3.23 -6.23 15.94
C GLN A 13 -3.74 -7.29 14.98
N GLY A 14 -4.32 -6.85 13.87
CA GLY A 14 -4.85 -7.78 12.89
C GLY A 14 -6.20 -7.36 12.35
N ASP A 15 -6.68 -6.22 12.82
CA ASP A 15 -7.98 -5.69 12.39
C ASP A 15 -7.82 -4.86 11.11
N ILE A 16 -7.39 -5.52 10.05
CA ILE A 16 -7.11 -4.86 8.79
C ILE A 16 -8.37 -4.23 8.20
N GLU A 17 -9.44 -5.01 8.09
CA GLU A 17 -10.69 -4.52 7.53
C GLU A 17 -11.18 -3.30 8.29
N ASN A 18 -11.08 -3.35 9.62
CA ASN A 18 -11.47 -2.24 10.48
C ASN A 18 -10.66 -0.99 10.11
N ALA A 19 -9.36 -1.18 9.97
CA ALA A 19 -8.47 -0.12 9.56
C ALA A 19 -8.85 0.43 8.19
N LEU A 20 -9.17 -0.49 7.27
CA LEU A 20 -9.57 -0.10 5.92
C LEU A 20 -10.83 0.75 5.94
N GLN A 21 -11.75 0.45 6.85
CA GLN A 21 -12.99 1.23 6.97
C GLN A 21 -12.64 2.68 7.28
N ALA A 22 -11.76 2.85 8.25
CA ALA A 22 -11.33 4.19 8.67
C ALA A 22 -10.50 4.86 7.57
N LEU A 23 -9.69 4.05 6.88
CA LEU A 23 -8.87 4.54 5.77
C LEU A 23 -9.73 5.10 4.65
N GLU A 24 -10.74 4.33 4.24
CA GLU A 24 -11.65 4.76 3.19
C GLU A 24 -12.32 6.08 3.55
N GLU A 25 -12.75 6.19 4.78
CA GLU A 25 -13.39 7.40 5.27
C GLU A 25 -12.39 8.55 5.34
N PHE A 26 -11.16 8.22 5.73
CA PHE A 26 -10.09 9.21 5.82
C PHE A 26 -9.85 9.87 4.47
N LEU A 27 -9.90 9.06 3.41
CA LEU A 27 -9.68 9.57 2.05
C LEU A 27 -10.76 10.58 1.68
N GLN A 28 -11.96 10.36 2.18
CA GLN A 28 -13.12 11.16 1.84
C GLN A 28 -13.13 12.49 2.60
N THR A 29 -12.36 12.56 3.68
CA THR A 29 -12.35 13.75 4.51
C THR A 29 -11.00 14.49 4.45
N GLU A 30 -9.90 13.76 4.46
CA GLU A 30 -8.57 14.37 4.51
C GLU A 30 -7.76 13.96 3.29
N PRO A 31 -7.86 14.74 2.20
CA PRO A 31 -7.18 14.45 0.93
C PRO A 31 -5.65 14.56 1.02
N VAL A 32 -5.15 15.34 1.95
CA VAL A 32 -3.72 15.61 2.03
C VAL A 32 -2.95 14.44 2.65
N GLY A 33 -3.60 13.72 3.55
CA GLY A 33 -2.92 12.64 4.26
C GLY A 33 -3.14 11.29 3.61
N LYS A 34 -3.67 11.30 2.39
CA LYS A 34 -3.96 10.07 1.68
C LYS A 34 -2.67 9.33 1.35
N ASP A 35 -1.56 10.05 1.30
CA ASP A 35 -0.27 9.44 0.99
C ASP A 35 0.10 8.45 2.08
N GLU A 36 -0.07 8.84 3.34
CA GLU A 36 0.21 7.95 4.46
C GLU A 36 -0.90 6.90 4.58
N ALA A 37 -2.13 7.32 4.28
CA ALA A 37 -3.27 6.42 4.34
C ALA A 37 -3.12 5.26 3.35
N TYR A 38 -2.73 5.57 2.12
CA TYR A 38 -2.49 4.54 1.12
C TYR A 38 -1.31 3.66 1.53
N TYR A 39 -0.33 4.27 2.18
CA TYR A 39 0.80 3.51 2.73
C TYR A 39 0.29 2.51 3.78
N LEU A 40 -0.61 2.97 4.63
CA LEU A 40 -1.21 2.11 5.65
C LEU A 40 -2.01 0.99 5.01
N MET A 41 -2.70 1.32 3.92
CA MET A 41 -3.46 0.32 3.15
C MET A 41 -2.53 -0.78 2.67
N GLY A 42 -1.42 -0.39 2.05
CA GLY A 42 -0.44 -1.36 1.57
C GLY A 42 0.06 -2.26 2.69
N ASN A 43 0.25 -1.67 3.86
CA ASN A 43 0.68 -2.43 5.04
C ASN A 43 -0.38 -3.43 5.45
N ALA A 44 -1.63 -3.00 5.42
CA ALA A 44 -2.75 -3.86 5.80
C ALA A 44 -2.91 -5.02 4.82
N TYR A 45 -2.87 -4.72 3.53
CA TYR A 45 -3.05 -5.74 2.50
C TYR A 45 -1.89 -6.73 2.49
N ARG A 46 -0.66 -6.26 2.68
CA ARG A 46 0.49 -7.15 2.65
C ARG A 46 0.49 -8.07 3.87
N LYS A 47 -0.12 -7.61 4.96
CA LYS A 47 -0.27 -8.43 6.16
C LYS A 47 -1.29 -9.54 5.92
N LEU A 48 -2.30 -9.23 5.13
CA LEU A 48 -3.29 -10.23 4.73
C LEU A 48 -2.66 -11.23 3.77
N GLY A 49 -2.00 -10.68 2.76
CA GLY A 49 -1.41 -11.52 1.73
C GLY A 49 -1.82 -11.05 0.35
N ASP A 50 -2.57 -9.94 0.30
CA ASP A 50 -3.01 -9.38 -0.96
C ASP A 50 -1.96 -8.42 -1.50
N TRP A 51 -1.30 -8.83 -2.57
CA TRP A 51 -0.21 -8.05 -3.14
C TRP A 51 -0.74 -7.14 -4.24
N GLN A 52 -1.87 -7.52 -4.81
CA GLN A 52 -2.48 -6.76 -5.89
C GLN A 52 -2.85 -5.36 -5.43
N LYS A 53 -3.65 -5.26 -4.36
CA LYS A 53 -4.05 -3.97 -3.86
C LYS A 53 -2.93 -3.29 -3.10
N ALA A 54 -2.03 -4.09 -2.53
CA ALA A 54 -0.86 -3.54 -1.86
C ALA A 54 -0.05 -2.68 -2.81
N LEU A 55 0.25 -3.23 -3.98
CA LEU A 55 1.03 -2.52 -4.98
C LEU A 55 0.26 -1.33 -5.54
N ASN A 56 -1.05 -1.49 -5.73
CA ASN A 56 -1.86 -0.43 -6.32
C ASN A 56 -1.97 0.75 -5.37
N ASN A 57 -2.14 0.45 -4.09
CA ASN A 57 -2.29 1.50 -3.09
C ASN A 57 -0.95 2.12 -2.75
N TYR A 58 0.13 1.34 -2.81
CA TYR A 58 1.46 1.90 -2.68
C TYR A 58 1.74 2.86 -3.82
N GLN A 59 1.38 2.45 -5.04
CA GLN A 59 1.52 3.31 -6.22
C GLN A 59 0.72 4.59 -6.03
N SER A 60 -0.46 4.47 -5.45
CA SER A 60 -1.31 5.62 -5.18
C SER A 60 -0.61 6.58 -4.21
N ALA A 61 0.07 6.02 -3.21
CA ALA A 61 0.82 6.82 -2.26
C ALA A 61 2.04 7.46 -2.92
N ILE A 62 2.70 6.71 -3.79
CA ILE A 62 3.89 7.19 -4.49
C ILE A 62 3.57 8.39 -5.38
N GLU A 63 2.37 8.41 -5.95
CA GLU A 63 1.97 9.51 -6.83
C GLU A 63 1.49 10.71 -6.04
N LEU A 64 1.24 10.52 -4.76
CA LEU A 64 0.85 11.61 -3.89
C LEU A 64 2.05 12.15 -3.13
N ASN A 65 2.89 11.25 -2.65
CA ASN A 65 4.12 11.60 -1.96
C ASN A 65 5.30 10.90 -2.62
N PRO A 66 6.09 11.63 -3.42
CA PRO A 66 7.19 11.06 -4.20
C PRO A 66 8.38 10.65 -3.35
N ASP A 67 8.33 10.93 -2.06
CA ASP A 67 9.44 10.60 -1.15
C ASP A 67 8.92 9.76 0.01
N SER A 68 7.74 9.19 -0.16
CA SER A 68 7.11 8.41 0.89
C SER A 68 7.81 7.06 1.06
N PRO A 69 7.75 6.47 2.26
CA PRO A 69 8.32 5.14 2.53
C PRO A 69 7.63 4.04 1.72
N ALA A 70 6.53 4.41 1.05
CA ALA A 70 5.78 3.48 0.21
C ALA A 70 6.63 3.00 -0.95
N LEU A 71 7.60 3.83 -1.35
CA LEU A 71 8.52 3.47 -2.41
C LEU A 71 9.35 2.26 -2.02
N GLN A 72 9.97 2.36 -0.84
CA GLN A 72 10.81 1.29 -0.33
C GLN A 72 9.96 0.04 -0.09
N ALA A 73 8.77 0.27 0.46
CA ALA A 73 7.86 -0.82 0.79
C ALA A 73 7.46 -1.59 -0.47
N ARG A 74 7.11 -0.86 -1.52
CA ARG A 74 6.74 -1.48 -2.79
C ARG A 74 7.89 -2.33 -3.34
N LYS A 75 9.10 -1.78 -3.27
CA LYS A 75 10.28 -2.46 -3.80
C LYS A 75 10.49 -3.80 -3.11
N MET A 76 10.33 -3.82 -1.80
CA MET A 76 10.50 -5.06 -1.04
C MET A 76 9.40 -6.06 -1.39
N VAL A 77 8.20 -5.56 -1.65
CA VAL A 77 7.08 -6.40 -2.06
C VAL A 77 7.35 -7.03 -3.44
N MET A 78 7.80 -6.20 -4.36
CA MET A 78 8.10 -6.65 -5.71
C MET A 78 9.30 -7.60 -5.69
N ASP A 79 10.24 -7.34 -4.79
CA ASP A 79 11.38 -8.22 -4.59
C ASP A 79 10.91 -9.61 -4.17
N ILE A 80 9.98 -9.63 -3.22
CA ILE A 80 9.39 -10.87 -2.73
C ILE A 80 8.58 -11.56 -3.83
N LEU A 81 7.76 -10.80 -4.53
CA LEU A 81 6.96 -11.35 -5.63
C LEU A 81 7.84 -11.93 -6.73
N ASN A 82 8.96 -11.28 -6.99
CA ASN A 82 9.94 -11.77 -7.96
C ASN A 82 10.45 -13.15 -7.53
N PHE A 83 10.69 -13.30 -6.23
CA PHE A 83 11.17 -14.55 -5.69
C PHE A 83 10.06 -15.60 -5.71
N TYR A 84 8.84 -15.18 -5.45
CA TYR A 84 7.69 -16.08 -5.44
C TYR A 84 7.45 -16.71 -6.81
N ASN A 85 6.99 -15.93 -7.77
CA ASN A 85 6.61 -16.47 -9.07
C ASN A 85 6.81 -15.46 -10.19
N LYS A 86 7.63 -15.84 -11.17
CA LYS A 86 7.80 -15.05 -12.39
C LYS A 86 6.61 -15.32 -13.31
N ASP A 87 5.46 -14.81 -12.91
CA ASP A 87 4.23 -14.95 -13.68
C ASP A 87 3.57 -13.59 -13.87
N MET A 88 2.97 -13.08 -12.80
CA MET A 88 2.38 -11.76 -12.84
C MET A 88 3.47 -10.71 -12.68
N TYR A 89 4.61 -11.12 -12.14
CA TYR A 89 5.76 -10.25 -12.04
C TYR A 89 6.36 -10.05 -13.42
N ASN A 90 5.86 -9.04 -14.09
CA ASN A 90 6.18 -8.68 -15.47
C ASN A 90 5.18 -7.64 -15.91
N GLN A 91 3.92 -8.03 -15.81
CA GLN A 91 2.79 -7.14 -16.09
C GLN A 91 2.78 -6.01 -15.08
N LEU A 92 3.13 -6.35 -13.83
CA LEU A 92 3.20 -5.38 -12.75
C LEU A 92 4.26 -4.31 -13.03
N GLU A 93 5.18 -4.62 -13.94
CA GLU A 93 6.22 -3.67 -14.32
C GLU A 93 5.89 -2.98 -15.63
N HIS A 94 5.11 -3.67 -16.47
CA HIS A 94 4.73 -3.13 -17.77
C HIS A 94 3.68 -2.03 -17.61
N HIS A 95 4.14 -0.79 -17.50
CA HIS A 95 3.27 0.36 -17.41
C HIS A 95 3.86 1.49 -18.24
N HIS A 96 3.27 2.68 -18.14
CA HIS A 96 3.72 3.82 -18.94
C HIS A 96 5.20 4.13 -18.69
N HIS A 97 5.96 4.24 -19.77
CA HIS A 97 7.32 4.76 -19.70
C HIS A 97 7.30 6.21 -20.09
N HIS A 98 7.68 7.08 -19.17
CA HIS A 98 7.48 8.51 -19.35
C HIS A 98 8.79 9.28 -19.18
N HIS A 99 9.07 10.16 -20.13
CA HIS A 99 10.24 11.02 -20.06
C HIS A 99 10.08 12.08 -18.97
N MET A 1 -5.40 14.37 18.66
CA MET A 1 -5.87 13.07 18.14
C MET A 1 -5.39 12.86 16.71
N ASP A 2 -5.64 11.67 16.18
CA ASP A 2 -5.18 11.31 14.83
C ASP A 2 -5.79 9.98 14.42
N GLN A 3 -6.77 10.04 13.54
CA GLN A 3 -7.50 8.85 13.08
C GLN A 3 -6.52 7.83 12.51
N LEU A 4 -5.53 8.33 11.80
CA LEU A 4 -4.52 7.50 11.18
C LEU A 4 -3.80 6.61 12.20
N LYS A 5 -3.48 7.17 13.36
CA LYS A 5 -2.79 6.41 14.40
C LYS A 5 -3.70 5.32 14.95
N THR A 6 -4.98 5.65 15.09
CA THR A 6 -5.98 4.68 15.50
C THR A 6 -6.00 3.49 14.54
N ILE A 7 -5.95 3.81 13.25
CA ILE A 7 -5.92 2.82 12.19
C ILE A 7 -4.63 1.98 12.27
N LYS A 8 -3.52 2.64 12.57
CA LYS A 8 -2.23 1.97 12.71
C LYS A 8 -2.30 0.91 13.81
N GLU A 9 -2.96 1.25 14.92
CA GLU A 9 -3.14 0.32 16.02
C GLU A 9 -3.99 -0.88 15.58
N LEU A 10 -4.95 -0.64 14.71
CA LEU A 10 -5.80 -1.70 14.19
C LEU A 10 -4.97 -2.66 13.36
N ILE A 11 -4.10 -2.11 12.52
CA ILE A 11 -3.20 -2.91 11.70
C ILE A 11 -2.22 -3.69 12.58
N ASN A 12 -1.80 -3.07 13.67
CA ASN A 12 -0.87 -3.71 14.60
C ASN A 12 -1.49 -4.94 15.24
N GLN A 13 -2.76 -4.84 15.63
CA GLN A 13 -3.42 -5.92 16.35
C GLN A 13 -3.99 -6.96 15.40
N GLY A 14 -4.05 -6.62 14.11
CA GLY A 14 -4.46 -7.59 13.12
C GLY A 14 -5.86 -7.35 12.62
N ASP A 15 -6.49 -6.27 13.06
CA ASP A 15 -7.80 -5.92 12.56
C ASP A 15 -7.67 -5.10 11.29
N ILE A 16 -7.42 -5.80 10.21
CA ILE A 16 -7.15 -5.18 8.93
C ILE A 16 -8.40 -4.52 8.35
N GLU A 17 -9.54 -5.18 8.44
CA GLU A 17 -10.77 -4.67 7.83
C GLU A 17 -11.23 -3.41 8.54
N ASN A 18 -11.08 -3.37 9.86
CA ASN A 18 -11.40 -2.18 10.62
C ASN A 18 -10.52 -1.02 10.15
N ALA A 19 -9.24 -1.32 9.97
CA ALA A 19 -8.29 -0.34 9.46
C ALA A 19 -8.69 0.12 8.06
N LEU A 20 -8.95 -0.84 7.18
CA LEU A 20 -9.26 -0.55 5.78
C LEU A 20 -10.45 0.39 5.65
N GLN A 21 -11.55 0.06 6.31
CA GLN A 21 -12.78 0.85 6.21
C GLN A 21 -12.55 2.26 6.74
N ALA A 22 -11.73 2.38 7.78
CA ALA A 22 -11.38 3.69 8.33
C ALA A 22 -10.46 4.45 7.38
N LEU A 23 -9.58 3.71 6.70
CA LEU A 23 -8.66 4.29 5.76
C LEU A 23 -9.38 4.81 4.52
N GLU A 24 -10.24 3.98 3.96
CA GLU A 24 -11.03 4.38 2.79
C GLU A 24 -11.87 5.61 3.11
N GLU A 25 -12.35 5.66 4.33
CA GLU A 25 -13.12 6.81 4.80
C GLU A 25 -12.26 8.06 4.82
N PHE A 26 -11.04 7.91 5.34
CA PHE A 26 -10.11 9.03 5.43
C PHE A 26 -9.73 9.54 4.04
N LEU A 27 -9.64 8.62 3.07
CA LEU A 27 -9.33 8.99 1.70
C LEU A 27 -10.36 9.97 1.16
N GLN A 28 -11.60 9.78 1.58
CA GLN A 28 -12.70 10.60 1.10
C GLN A 28 -12.85 11.87 1.92
N THR A 29 -12.47 11.82 3.19
CA THR A 29 -12.61 12.99 4.05
C THR A 29 -11.43 13.95 3.89
N GLU A 30 -10.22 13.42 3.69
CA GLU A 30 -9.05 14.25 3.49
C GLU A 30 -8.17 13.70 2.37
N PRO A 31 -8.39 14.17 1.14
CA PRO A 31 -7.60 13.74 -0.02
C PRO A 31 -6.14 14.21 0.04
N VAL A 32 -5.91 15.23 0.86
CA VAL A 32 -4.58 15.83 0.97
C VAL A 32 -3.64 14.97 1.82
N GLY A 33 -4.21 14.10 2.64
CA GLY A 33 -3.39 13.30 3.53
C GLY A 33 -3.48 11.83 3.21
N LYS A 34 -3.87 11.52 1.98
CA LYS A 34 -4.04 10.15 1.54
C LYS A 34 -2.71 9.40 1.48
N ASP A 35 -1.62 10.14 1.40
CA ASP A 35 -0.29 9.54 1.36
C ASP A 35 -0.02 8.70 2.60
N GLU A 36 -0.43 9.20 3.76
CA GLU A 36 -0.29 8.45 5.01
C GLU A 36 -1.24 7.27 5.01
N ALA A 37 -2.45 7.52 4.55
CA ALA A 37 -3.49 6.49 4.52
C ALA A 37 -3.10 5.33 3.61
N TYR A 38 -2.75 5.64 2.37
CA TYR A 38 -2.38 4.61 1.40
C TYR A 38 -1.18 3.81 1.87
N TYR A 39 -0.25 4.46 2.56
CA TYR A 39 0.88 3.77 3.17
C TYR A 39 0.38 2.70 4.14
N LEU A 40 -0.58 3.08 4.96
CA LEU A 40 -1.15 2.16 5.95
C LEU A 40 -1.98 1.07 5.28
N MET A 41 -2.73 1.45 4.25
CA MET A 41 -3.55 0.50 3.51
C MET A 41 -2.68 -0.58 2.90
N GLY A 42 -1.54 -0.17 2.35
CA GLY A 42 -0.60 -1.12 1.80
C GLY A 42 -0.10 -2.10 2.84
N ASN A 43 0.20 -1.59 4.04
CA ASN A 43 0.65 -2.42 5.14
C ASN A 43 -0.43 -3.43 5.54
N ALA A 44 -1.67 -2.98 5.52
CA ALA A 44 -2.79 -3.82 5.86
C ALA A 44 -2.92 -4.99 4.88
N TYR A 45 -2.90 -4.69 3.59
CA TYR A 45 -3.00 -5.72 2.57
C TYR A 45 -1.76 -6.61 2.55
N ARG A 46 -0.63 -6.05 2.98
CA ARG A 46 0.60 -6.82 3.11
C ARG A 46 0.40 -7.95 4.13
N LYS A 47 -0.30 -7.64 5.22
CA LYS A 47 -0.57 -8.64 6.24
C LYS A 47 -1.62 -9.64 5.76
N LEU A 48 -2.48 -9.21 4.85
CA LEU A 48 -3.49 -10.09 4.27
C LEU A 48 -2.84 -11.09 3.31
N GLY A 49 -1.82 -10.63 2.60
CA GLY A 49 -1.15 -11.48 1.64
C GLY A 49 -1.46 -11.09 0.21
N ASP A 50 -2.25 -10.04 0.05
CA ASP A 50 -2.60 -9.56 -1.27
C ASP A 50 -1.58 -8.53 -1.72
N TRP A 51 -0.66 -8.97 -2.57
CA TRP A 51 0.42 -8.10 -3.02
C TRP A 51 -0.07 -7.10 -4.06
N GLN A 52 -1.20 -7.40 -4.70
CA GLN A 52 -1.70 -6.55 -5.76
C GLN A 52 -2.20 -5.23 -5.18
N LYS A 53 -3.06 -5.34 -4.17
CA LYS A 53 -3.57 -4.16 -3.49
C LYS A 53 -2.45 -3.44 -2.74
N ALA A 54 -1.55 -4.23 -2.17
CA ALA A 54 -0.40 -3.68 -1.47
C ALA A 54 0.41 -2.78 -2.41
N LEU A 55 0.66 -3.28 -3.61
CA LEU A 55 1.37 -2.51 -4.63
C LEU A 55 0.61 -1.24 -4.99
N ASN A 56 -0.69 -1.40 -5.26
CA ASN A 56 -1.53 -0.26 -5.64
C ASN A 56 -1.50 0.82 -4.59
N ASN A 57 -1.73 0.44 -3.35
CA ASN A 57 -1.80 1.40 -2.25
C ASN A 57 -0.44 2.03 -1.99
N TYR A 58 0.61 1.23 -2.01
CA TYR A 58 1.96 1.77 -1.88
C TYR A 58 2.25 2.75 -3.00
N GLN A 59 1.90 2.36 -4.23
CA GLN A 59 2.11 3.19 -5.40
C GLN A 59 1.31 4.48 -5.31
N SER A 60 0.07 4.37 -4.86
CA SER A 60 -0.80 5.54 -4.70
C SER A 60 -0.20 6.55 -3.73
N ALA A 61 0.45 6.05 -2.68
CA ALA A 61 1.13 6.92 -1.73
C ALA A 61 2.38 7.53 -2.37
N ILE A 62 3.08 6.72 -3.17
CA ILE A 62 4.28 7.18 -3.87
C ILE A 62 3.94 8.26 -4.89
N GLU A 63 2.83 8.09 -5.60
CA GLU A 63 2.38 9.06 -6.59
C GLU A 63 2.10 10.41 -5.94
N LEU A 64 1.79 10.38 -4.66
CA LEU A 64 1.56 11.60 -3.91
C LEU A 64 2.88 12.11 -3.33
N ASN A 65 3.55 11.26 -2.55
CA ASN A 65 4.81 11.62 -1.92
C ASN A 65 5.93 10.69 -2.35
N PRO A 66 6.99 11.23 -2.96
CA PRO A 66 8.19 10.46 -3.28
C PRO A 66 9.01 10.19 -2.02
N ASP A 67 8.67 10.91 -0.97
CA ASP A 67 9.31 10.76 0.34
C ASP A 67 8.55 9.77 1.20
N SER A 68 7.45 9.26 0.67
CA SER A 68 6.59 8.34 1.42
C SER A 68 7.34 7.04 1.72
N PRO A 69 7.21 6.53 2.96
CA PRO A 69 7.84 5.27 3.37
C PRO A 69 7.36 4.09 2.52
N ALA A 70 6.24 4.31 1.83
CA ALA A 70 5.68 3.29 0.94
C ALA A 70 6.58 3.08 -0.27
N LEU A 71 7.53 3.99 -0.47
CA LEU A 71 8.49 3.89 -1.55
C LEU A 71 9.26 2.59 -1.44
N GLN A 72 9.83 2.40 -0.27
CA GLN A 72 10.69 1.27 0.00
C GLN A 72 9.87 0.00 0.19
N ALA A 73 8.68 0.17 0.75
CA ALA A 73 7.77 -0.93 0.97
C ALA A 73 7.27 -1.50 -0.37
N ARG A 74 7.02 -0.61 -1.32
CA ARG A 74 6.60 -1.03 -2.66
C ARG A 74 7.73 -1.77 -3.35
N LYS A 75 8.95 -1.29 -3.16
CA LYS A 75 10.13 -1.94 -3.71
C LYS A 75 10.30 -3.33 -3.08
N MET A 76 10.02 -3.40 -1.78
CA MET A 76 10.08 -4.65 -1.02
C MET A 76 9.16 -5.69 -1.65
N VAL A 77 7.91 -5.30 -1.86
CA VAL A 77 6.89 -6.20 -2.38
C VAL A 77 7.22 -6.70 -3.78
N MET A 78 7.66 -5.78 -4.65
CA MET A 78 7.97 -6.12 -6.03
C MET A 78 9.06 -7.17 -6.11
N ASP A 79 10.09 -7.01 -5.28
CA ASP A 79 11.20 -7.96 -5.26
C ASP A 79 10.70 -9.35 -4.90
N ILE A 80 9.80 -9.40 -3.92
CA ILE A 80 9.16 -10.65 -3.53
C ILE A 80 8.41 -11.27 -4.70
N LEU A 81 7.63 -10.47 -5.39
CA LEU A 81 6.82 -10.94 -6.52
C LEU A 81 7.69 -11.38 -7.70
N ASN A 82 8.81 -10.70 -7.90
CA ASN A 82 9.79 -11.12 -8.89
C ASN A 82 10.20 -12.57 -8.64
N PHE A 83 10.40 -12.88 -7.37
CA PHE A 83 10.79 -14.21 -6.96
C PHE A 83 9.61 -15.20 -7.00
N TYR A 84 8.46 -14.77 -6.51
CA TYR A 84 7.31 -15.65 -6.33
C TYR A 84 6.65 -16.09 -7.63
N ASN A 85 5.65 -15.34 -8.07
CA ASN A 85 4.83 -15.75 -9.19
C ASN A 85 4.96 -14.79 -10.36
N LYS A 86 5.20 -15.35 -11.53
CA LYS A 86 5.39 -14.56 -12.74
C LYS A 86 4.06 -14.23 -13.37
N ASP A 87 3.07 -15.06 -13.08
CA ASP A 87 1.71 -14.92 -13.62
C ASP A 87 1.26 -13.47 -13.67
N MET A 88 1.27 -12.80 -12.53
CA MET A 88 0.79 -11.43 -12.43
C MET A 88 1.90 -10.42 -12.78
N TYR A 89 3.12 -10.70 -12.36
CA TYR A 89 4.21 -9.77 -12.53
C TYR A 89 4.67 -9.66 -13.99
N ASN A 90 4.73 -10.80 -14.67
CA ASN A 90 5.34 -10.87 -15.99
C ASN A 90 4.45 -10.22 -17.05
N GLN A 91 3.16 -10.12 -16.77
CA GLN A 91 2.24 -9.44 -17.68
C GLN A 91 2.36 -7.94 -17.51
N LEU A 92 2.83 -7.53 -16.34
CA LEU A 92 3.06 -6.13 -16.05
C LEU A 92 4.52 -5.76 -16.21
N GLU A 93 5.31 -6.74 -16.65
CA GLU A 93 6.73 -6.54 -16.89
C GLU A 93 6.93 -5.73 -18.17
N HIS A 94 7.95 -4.90 -18.18
CA HIS A 94 8.24 -4.06 -19.33
C HIS A 94 9.18 -4.79 -20.27
N HIS A 95 8.85 -4.76 -21.56
CA HIS A 95 9.69 -5.41 -22.56
C HIS A 95 10.79 -4.46 -23.02
N HIS A 96 10.64 -3.20 -22.63
CA HIS A 96 11.74 -2.25 -22.65
C HIS A 96 12.55 -2.51 -21.39
N HIS A 97 13.41 -3.52 -21.46
CA HIS A 97 13.98 -4.12 -20.26
C HIS A 97 15.50 -3.99 -20.25
N HIS A 98 16.06 -3.95 -19.06
CA HIS A 98 17.52 -3.94 -18.90
C HIS A 98 18.01 -5.37 -18.73
N HIS A 99 19.28 -5.60 -19.03
CA HIS A 99 19.85 -6.94 -18.95
C HIS A 99 19.98 -7.38 -17.49
N MET A 1 -8.15 12.02 18.07
CA MET A 1 -8.74 12.21 16.72
C MET A 1 -7.83 11.66 15.63
N ASP A 2 -6.65 11.15 16.03
CA ASP A 2 -5.67 10.66 15.07
C ASP A 2 -6.14 9.35 14.44
N GLN A 3 -6.89 9.48 13.35
CA GLN A 3 -7.44 8.33 12.65
C GLN A 3 -6.32 7.43 12.12
N LEU A 4 -5.25 8.05 11.65
CA LEU A 4 -4.10 7.30 11.15
C LEU A 4 -3.49 6.45 12.26
N LYS A 5 -3.52 6.95 13.49
CA LYS A 5 -2.98 6.20 14.62
C LYS A 5 -3.89 5.02 14.92
N THR A 6 -5.19 5.28 14.95
CA THR A 6 -6.18 4.24 15.16
C THR A 6 -6.00 3.10 14.16
N ILE A 7 -5.84 3.46 12.90
CA ILE A 7 -5.65 2.49 11.84
C ILE A 7 -4.38 1.68 12.06
N LYS A 8 -3.29 2.35 12.41
CA LYS A 8 -2.02 1.68 12.68
C LYS A 8 -2.18 0.71 13.85
N GLU A 9 -2.87 1.15 14.88
CA GLU A 9 -3.18 0.30 16.03
C GLU A 9 -3.94 -0.94 15.60
N LEU A 10 -4.90 -0.75 14.71
CA LEU A 10 -5.70 -1.84 14.18
C LEU A 10 -4.81 -2.83 13.42
N ILE A 11 -3.94 -2.31 12.56
CA ILE A 11 -3.03 -3.15 11.79
C ILE A 11 -2.08 -3.91 12.71
N ASN A 12 -1.60 -3.24 13.76
CA ASN A 12 -0.71 -3.87 14.73
C ASN A 12 -1.40 -5.04 15.42
N GLN A 13 -2.70 -4.90 15.63
CA GLN A 13 -3.50 -5.95 16.27
C GLN A 13 -3.85 -7.04 15.27
N GLY A 14 -3.98 -6.66 14.02
CA GLY A 14 -4.35 -7.62 12.99
C GLY A 14 -5.77 -7.42 12.51
N ASP A 15 -6.38 -6.31 12.93
CA ASP A 15 -7.73 -6.00 12.52
C ASP A 15 -7.72 -5.24 11.21
N ILE A 16 -7.63 -5.99 10.12
CA ILE A 16 -7.49 -5.42 8.79
C ILE A 16 -8.78 -4.75 8.33
N GLU A 17 -9.92 -5.35 8.65
CA GLU A 17 -11.19 -4.85 8.15
C GLU A 17 -11.53 -3.48 8.73
N ASN A 18 -11.25 -3.27 10.01
CA ASN A 18 -11.45 -1.96 10.62
C ASN A 18 -10.46 -0.96 10.05
N ALA A 19 -9.22 -1.42 9.86
CA ALA A 19 -8.19 -0.57 9.28
C ALA A 19 -8.58 -0.11 7.88
N LEU A 20 -8.94 -1.05 7.01
CA LEU A 20 -9.27 -0.77 5.62
C LEU A 20 -10.39 0.25 5.48
N GLN A 21 -11.50 0.03 6.18
CA GLN A 21 -12.67 0.89 6.06
C GLN A 21 -12.35 2.32 6.53
N ALA A 22 -11.55 2.44 7.57
CA ALA A 22 -11.15 3.74 8.08
C ALA A 22 -10.18 4.42 7.13
N LEU A 23 -9.37 3.61 6.46
CA LEU A 23 -8.38 4.12 5.51
C LEU A 23 -9.04 4.78 4.31
N GLU A 24 -9.97 4.07 3.69
CA GLU A 24 -10.64 4.60 2.51
C GLU A 24 -11.50 5.81 2.87
N GLU A 25 -12.07 5.81 4.07
CA GLU A 25 -12.83 6.98 4.55
C GLU A 25 -11.90 8.18 4.69
N PHE A 26 -10.71 7.94 5.23
CA PHE A 26 -9.71 8.98 5.41
C PHE A 26 -9.39 9.65 4.08
N LEU A 27 -9.29 8.84 3.03
CA LEU A 27 -8.98 9.32 1.69
C LEU A 27 -10.08 10.23 1.16
N GLN A 28 -11.27 10.09 1.72
CA GLN A 28 -12.43 10.84 1.26
C GLN A 28 -12.59 12.15 2.02
N THR A 29 -11.86 12.30 3.12
CA THR A 29 -12.08 13.44 3.99
C THR A 29 -10.80 14.21 4.31
N GLU A 30 -9.70 13.50 4.54
CA GLU A 30 -8.42 14.14 4.84
C GLU A 30 -7.42 13.92 3.71
N PRO A 31 -7.44 14.80 2.70
CA PRO A 31 -6.59 14.69 1.52
C PRO A 31 -5.10 14.91 1.82
N VAL A 32 -4.81 15.50 2.96
CA VAL A 32 -3.46 15.93 3.27
C VAL A 32 -2.56 14.75 3.64
N GLY A 33 -3.12 13.70 4.21
CA GLY A 33 -2.33 12.58 4.66
C GLY A 33 -2.69 11.29 3.97
N LYS A 34 -3.08 11.39 2.70
CA LYS A 34 -3.50 10.20 1.95
C LYS A 34 -2.33 9.25 1.73
N ASP A 35 -1.13 9.79 1.62
CA ASP A 35 0.04 8.97 1.31
C ASP A 35 0.38 8.05 2.48
N GLU A 36 0.16 8.55 3.70
CA GLU A 36 0.29 7.71 4.89
C GLU A 36 -0.81 6.65 4.90
N ALA A 37 -2.02 7.07 4.53
CA ALA A 37 -3.17 6.18 4.51
C ALA A 37 -2.99 5.05 3.50
N TYR A 38 -2.63 5.39 2.26
CA TYR A 38 -2.38 4.39 1.22
C TYR A 38 -1.29 3.43 1.65
N TYR A 39 -0.27 3.97 2.31
CA TYR A 39 0.81 3.18 2.87
C TYR A 39 0.28 2.16 3.88
N LEU A 40 -0.63 2.61 4.74
CA LEU A 40 -1.25 1.74 5.74
C LEU A 40 -2.14 0.71 5.07
N MET A 41 -2.81 1.10 3.98
CA MET A 41 -3.66 0.18 3.23
C MET A 41 -2.83 -1.00 2.73
N GLY A 42 -1.69 -0.67 2.14
CA GLY A 42 -0.75 -1.69 1.73
C GLY A 42 -0.34 -2.60 2.87
N ASN A 43 -0.06 -2.02 4.03
CA ASN A 43 0.30 -2.81 5.22
C ASN A 43 -0.80 -3.79 5.57
N ALA A 44 -2.03 -3.34 5.48
CA ALA A 44 -3.18 -4.18 5.80
C ALA A 44 -3.32 -5.32 4.81
N TYR A 45 -3.24 -4.99 3.52
CA TYR A 45 -3.39 -6.00 2.47
C TYR A 45 -2.26 -7.02 2.47
N ARG A 46 -1.03 -6.57 2.74
CA ARG A 46 0.11 -7.48 2.75
C ARG A 46 0.04 -8.39 3.97
N LYS A 47 -0.61 -7.92 5.02
CA LYS A 47 -0.83 -8.74 6.22
C LYS A 47 -1.86 -9.83 5.92
N LEU A 48 -2.80 -9.52 5.02
CA LEU A 48 -3.78 -10.50 4.57
C LEU A 48 -3.12 -11.51 3.65
N GLY A 49 -2.17 -11.04 2.85
CA GLY A 49 -1.46 -11.92 1.95
C GLY A 49 -1.65 -11.52 0.49
N ASP A 50 -2.20 -10.35 0.25
CA ASP A 50 -2.40 -9.87 -1.10
C ASP A 50 -1.36 -8.82 -1.45
N TRP A 51 -0.74 -8.96 -2.60
CA TRP A 51 0.33 -8.06 -2.99
C TRP A 51 -0.11 -7.10 -4.08
N GLN A 52 -1.12 -7.49 -4.84
CA GLN A 52 -1.56 -6.68 -5.96
C GLN A 52 -2.25 -5.41 -5.48
N LYS A 53 -3.05 -5.54 -4.43
CA LYS A 53 -3.68 -4.40 -3.79
C LYS A 53 -2.60 -3.46 -3.24
N ALA A 54 -1.61 -4.06 -2.58
CA ALA A 54 -0.52 -3.31 -1.98
C ALA A 54 0.26 -2.53 -3.04
N LEU A 55 0.56 -3.18 -4.16
CA LEU A 55 1.29 -2.54 -5.23
C LEU A 55 0.58 -1.29 -5.71
N ASN A 56 -0.74 -1.37 -5.83
CA ASN A 56 -1.54 -0.26 -6.32
C ASN A 56 -1.66 0.86 -5.28
N ASN A 57 -1.98 0.51 -4.04
CA ASN A 57 -2.18 1.54 -3.02
C ASN A 57 -0.87 2.21 -2.63
N TYR A 58 0.23 1.46 -2.64
CA TYR A 58 1.55 2.04 -2.41
C TYR A 58 1.87 3.03 -3.52
N GLN A 59 1.62 2.62 -4.76
CA GLN A 59 1.86 3.46 -5.92
C GLN A 59 0.95 4.69 -5.88
N SER A 60 -0.23 4.53 -5.30
CA SER A 60 -1.16 5.63 -5.12
C SER A 60 -0.53 6.72 -4.25
N ALA A 61 0.14 6.30 -3.19
CA ALA A 61 0.83 7.23 -2.31
C ALA A 61 2.06 7.82 -2.99
N ILE A 62 2.82 6.96 -3.70
CA ILE A 62 4.05 7.39 -4.36
C ILE A 62 3.78 8.46 -5.42
N GLU A 63 2.71 8.29 -6.19
CA GLU A 63 2.40 9.25 -7.25
C GLU A 63 1.80 10.54 -6.68
N LEU A 64 1.46 10.53 -5.40
CA LEU A 64 1.06 11.75 -4.72
C LEU A 64 2.31 12.52 -4.28
N ASN A 65 3.25 11.79 -3.69
CA ASN A 65 4.53 12.37 -3.29
C ASN A 65 5.60 11.28 -3.24
N PRO A 66 6.66 11.43 -4.04
CA PRO A 66 7.73 10.42 -4.16
C PRO A 66 8.49 10.20 -2.85
N ASP A 67 8.46 11.19 -1.98
CA ASP A 67 9.14 11.10 -0.70
C ASP A 67 8.24 10.44 0.35
N SER A 68 7.43 9.51 -0.12
CA SER A 68 6.52 8.77 0.75
C SER A 68 7.20 7.49 1.23
N PRO A 69 6.92 7.05 2.46
CA PRO A 69 7.40 5.76 2.98
C PRO A 69 6.95 4.60 2.10
N ALA A 70 5.90 4.83 1.31
CA ALA A 70 5.36 3.82 0.42
C ALA A 70 6.33 3.51 -0.71
N LEU A 71 7.34 4.35 -0.87
CA LEU A 71 8.38 4.14 -1.88
C LEU A 71 9.09 2.82 -1.61
N GLN A 72 9.55 2.71 -0.39
CA GLN A 72 10.29 1.54 0.06
C GLN A 72 9.34 0.37 0.27
N ALA A 73 8.12 0.70 0.64
CA ALA A 73 7.08 -0.29 0.88
C ALA A 73 6.71 -1.03 -0.41
N ARG A 74 6.49 -0.28 -1.48
CA ARG A 74 6.15 -0.89 -2.77
C ARG A 74 7.30 -1.72 -3.28
N LYS A 75 8.50 -1.16 -3.21
CA LYS A 75 9.69 -1.85 -3.67
C LYS A 75 9.92 -3.12 -2.85
N MET A 76 9.59 -3.07 -1.57
CA MET A 76 9.62 -4.24 -0.71
C MET A 76 8.73 -5.33 -1.28
N VAL A 77 7.49 -4.96 -1.59
CA VAL A 77 6.52 -5.90 -2.16
C VAL A 77 7.03 -6.46 -3.48
N MET A 78 7.60 -5.60 -4.31
CA MET A 78 8.11 -6.00 -5.63
C MET A 78 9.30 -6.93 -5.46
N ASP A 79 10.03 -6.78 -4.36
CA ASP A 79 11.15 -7.66 -4.04
C ASP A 79 10.63 -9.00 -3.56
N ILE A 80 9.67 -8.97 -2.65
CA ILE A 80 9.03 -10.18 -2.14
C ILE A 80 8.36 -10.94 -3.29
N LEU A 81 7.67 -10.22 -4.15
CA LEU A 81 7.05 -10.80 -5.34
C LEU A 81 8.10 -11.43 -6.25
N ASN A 82 9.27 -10.83 -6.30
CA ASN A 82 10.37 -11.37 -7.09
C ASN A 82 10.73 -12.78 -6.61
N PHE A 83 10.71 -12.97 -5.30
CA PHE A 83 10.96 -14.29 -4.73
C PHE A 83 9.77 -15.22 -4.92
N TYR A 84 8.56 -14.68 -4.81
CA TYR A 84 7.35 -15.48 -4.97
C TYR A 84 7.09 -15.83 -6.43
N ASN A 85 6.66 -14.84 -7.19
CA ASN A 85 6.24 -15.06 -8.57
C ASN A 85 6.20 -13.74 -9.33
N LYS A 86 6.78 -13.73 -10.52
CA LYS A 86 6.72 -12.57 -11.39
C LYS A 86 5.62 -12.77 -12.40
N ASP A 87 4.76 -13.75 -12.14
CA ASP A 87 3.70 -14.17 -13.04
C ASP A 87 2.87 -12.99 -13.57
N MET A 88 2.14 -12.34 -12.68
CA MET A 88 1.27 -11.23 -13.08
C MET A 88 2.10 -9.98 -13.38
N TYR A 89 3.28 -9.88 -12.77
CA TYR A 89 4.18 -8.77 -13.00
C TYR A 89 4.67 -8.76 -14.43
N ASN A 90 4.91 -9.95 -14.96
CA ASN A 90 5.40 -10.13 -16.33
C ASN A 90 4.38 -9.67 -17.35
N GLN A 91 3.10 -9.89 -17.04
CA GLN A 91 2.03 -9.50 -17.96
C GLN A 91 1.58 -8.06 -17.70
N LEU A 92 1.71 -7.63 -16.45
CA LEU A 92 1.37 -6.27 -16.08
C LEU A 92 2.39 -5.30 -16.64
N GLU A 93 3.64 -5.43 -16.22
CA GLU A 93 4.68 -4.53 -16.65
C GLU A 93 5.59 -5.18 -17.68
N HIS A 94 5.19 -5.08 -18.93
CA HIS A 94 6.05 -5.48 -20.03
C HIS A 94 6.42 -4.26 -20.84
N HIS A 95 7.49 -3.59 -20.44
CA HIS A 95 7.92 -2.36 -21.08
C HIS A 95 8.53 -2.67 -22.44
N HIS A 96 7.72 -2.51 -23.47
CA HIS A 96 8.12 -2.85 -24.82
C HIS A 96 9.16 -1.88 -25.36
N HIS A 97 10.23 -2.42 -25.92
CA HIS A 97 11.28 -1.61 -26.53
C HIS A 97 12.06 -2.45 -27.54
N HIS A 98 11.56 -2.50 -28.76
CA HIS A 98 12.19 -3.28 -29.81
C HIS A 98 13.43 -2.58 -30.34
N HIS A 99 14.42 -3.36 -30.72
CA HIS A 99 15.67 -2.81 -31.23
C HIS A 99 16.03 -3.45 -32.55
N MET A 1 -7.12 12.49 18.37
CA MET A 1 -6.18 11.47 17.86
C MET A 1 -6.21 11.43 16.35
N ASP A 2 -5.10 11.04 15.75
CA ASP A 2 -5.06 10.86 14.29
C ASP A 2 -5.73 9.56 13.93
N GLN A 3 -6.68 9.63 13.00
CA GLN A 3 -7.38 8.46 12.50
C GLN A 3 -6.38 7.42 12.03
N LEU A 4 -5.41 7.89 11.27
CA LEU A 4 -4.32 7.06 10.74
C LEU A 4 -3.63 6.26 11.85
N LYS A 5 -3.45 6.86 13.02
CA LYS A 5 -2.78 6.18 14.12
C LYS A 5 -3.64 5.03 14.62
N THR A 6 -4.92 5.29 14.77
CA THR A 6 -5.87 4.25 15.15
C THR A 6 -5.86 3.11 14.12
N ILE A 7 -5.78 3.48 12.86
CA ILE A 7 -5.78 2.51 11.77
C ILE A 7 -4.56 1.60 11.84
N LYS A 8 -3.37 2.17 11.95
CA LYS A 8 -2.15 1.36 12.01
C LYS A 8 -2.15 0.49 13.27
N GLU A 9 -2.79 0.98 14.34
CA GLU A 9 -2.98 0.18 15.55
C GLU A 9 -3.87 -1.02 15.24
N LEU A 10 -4.96 -0.78 14.52
CA LEU A 10 -5.87 -1.84 14.11
C LEU A 10 -5.14 -2.89 13.29
N ILE A 11 -4.32 -2.43 12.35
CA ILE A 11 -3.51 -3.30 11.52
C ILE A 11 -2.60 -4.18 12.37
N ASN A 12 -1.95 -3.57 13.35
CA ASN A 12 -1.05 -4.29 14.25
C ASN A 12 -1.82 -5.29 15.10
N GLN A 13 -3.00 -4.90 15.56
CA GLN A 13 -3.85 -5.78 16.35
C GLN A 13 -4.31 -6.97 15.52
N GLY A 14 -4.88 -6.68 14.36
CA GLY A 14 -5.40 -7.73 13.50
C GLY A 14 -6.72 -7.34 12.87
N ASP A 15 -7.21 -6.16 13.22
CA ASP A 15 -8.48 -5.68 12.69
C ASP A 15 -8.25 -4.96 11.36
N ILE A 16 -8.04 -5.75 10.32
CA ILE A 16 -7.68 -5.22 9.01
C ILE A 16 -8.87 -4.51 8.35
N GLU A 17 -10.05 -5.12 8.44
CA GLU A 17 -11.23 -4.58 7.77
C GLU A 17 -11.62 -3.22 8.32
N ASN A 18 -11.55 -3.05 9.64
CA ASN A 18 -11.83 -1.75 10.24
C ASN A 18 -10.76 -0.74 9.84
N ALA A 19 -9.52 -1.20 9.77
CA ALA A 19 -8.42 -0.35 9.31
C ALA A 19 -8.69 0.17 7.90
N LEU A 20 -9.02 -0.74 6.99
CA LEU A 20 -9.25 -0.40 5.59
C LEU A 20 -10.40 0.59 5.42
N GLN A 21 -11.55 0.30 6.04
CA GLN A 21 -12.72 1.13 5.89
C GLN A 21 -12.50 2.51 6.49
N ALA A 22 -11.67 2.59 7.53
CA ALA A 22 -11.33 3.85 8.15
C ALA A 22 -10.34 4.62 7.27
N LEU A 23 -9.49 3.88 6.57
CA LEU A 23 -8.51 4.47 5.65
C LEU A 23 -9.22 5.20 4.52
N GLU A 24 -10.16 4.53 3.86
CA GLU A 24 -10.90 5.13 2.77
C GLU A 24 -11.78 6.27 3.28
N GLU A 25 -12.23 6.16 4.53
CA GLU A 25 -12.96 7.23 5.18
C GLU A 25 -12.06 8.45 5.37
N PHE A 26 -10.82 8.20 5.78
CA PHE A 26 -9.84 9.26 5.99
C PHE A 26 -9.51 9.96 4.67
N LEU A 27 -9.51 9.18 3.59
CA LEU A 27 -9.26 9.72 2.26
C LEU A 27 -10.27 10.81 1.93
N GLN A 28 -11.49 10.66 2.44
CA GLN A 28 -12.56 11.58 2.14
C GLN A 28 -12.38 12.91 2.86
N THR A 29 -11.78 12.87 4.05
CA THR A 29 -11.66 14.07 4.86
C THR A 29 -10.31 14.75 4.68
N GLU A 30 -9.27 13.97 4.36
CA GLU A 30 -7.93 14.52 4.20
C GLU A 30 -7.34 14.18 2.84
N PRO A 31 -7.50 15.08 1.86
CA PRO A 31 -6.89 14.93 0.53
C PRO A 31 -5.37 15.03 0.59
N VAL A 32 -4.86 15.52 1.70
CA VAL A 32 -3.42 15.64 1.90
C VAL A 32 -2.89 14.48 2.75
N GLY A 33 -3.81 13.70 3.30
CA GLY A 33 -3.44 12.59 4.15
C GLY A 33 -3.57 11.27 3.42
N LYS A 34 -3.73 11.37 2.10
CA LYS A 34 -3.87 10.20 1.25
C LYS A 34 -2.63 9.31 1.34
N ASP A 35 -1.46 9.97 1.45
CA ASP A 35 -0.18 9.27 1.40
C ASP A 35 -0.04 8.28 2.54
N GLU A 36 -0.40 8.69 3.74
CA GLU A 36 -0.27 7.82 4.91
C GLU A 36 -1.35 6.75 4.86
N ALA A 37 -2.52 7.13 4.38
CA ALA A 37 -3.64 6.20 4.28
C ALA A 37 -3.33 5.07 3.31
N TYR A 38 -2.83 5.42 2.13
CA TYR A 38 -2.46 4.43 1.13
C TYR A 38 -1.29 3.57 1.61
N TYR A 39 -0.39 4.17 2.38
CA TYR A 39 0.71 3.43 2.97
C TYR A 39 0.19 2.37 3.92
N LEU A 40 -0.74 2.76 4.79
CA LEU A 40 -1.34 1.84 5.74
C LEU A 40 -2.17 0.78 5.03
N MET A 41 -2.83 1.20 3.95
CA MET A 41 -3.57 0.26 3.09
C MET A 41 -2.66 -0.87 2.64
N GLY A 42 -1.53 -0.49 2.06
CA GLY A 42 -0.58 -1.47 1.55
C GLY A 42 -0.04 -2.37 2.65
N ASN A 43 0.09 -1.83 3.85
CA ASN A 43 0.54 -2.61 4.99
C ASN A 43 -0.52 -3.62 5.41
N ALA A 44 -1.77 -3.17 5.45
CA ALA A 44 -2.88 -4.04 5.81
C ALA A 44 -3.03 -5.20 4.82
N TYR A 45 -3.03 -4.87 3.53
CA TYR A 45 -3.14 -5.89 2.49
C TYR A 45 -1.92 -6.82 2.52
N ARG A 46 -0.75 -6.25 2.80
CA ARG A 46 0.48 -7.04 2.88
C ARG A 46 0.36 -8.07 3.99
N LYS A 47 -0.17 -7.64 5.14
CA LYS A 47 -0.36 -8.51 6.28
C LYS A 47 -1.38 -9.60 5.96
N LEU A 48 -2.38 -9.26 5.16
CA LEU A 48 -3.37 -10.25 4.72
C LEU A 48 -2.71 -11.31 3.85
N GLY A 49 -1.78 -10.88 3.03
CA GLY A 49 -1.08 -11.79 2.15
C GLY A 49 -1.27 -11.45 0.70
N ASP A 50 -1.91 -10.32 0.44
CA ASP A 50 -2.14 -9.88 -0.93
C ASP A 50 -1.10 -8.83 -1.33
N TRP A 51 -0.54 -8.98 -2.51
CA TRP A 51 0.52 -8.08 -2.95
C TRP A 51 0.00 -7.11 -4.00
N GLN A 52 -1.01 -7.54 -4.74
CA GLN A 52 -1.57 -6.72 -5.82
C GLN A 52 -2.19 -5.44 -5.26
N LYS A 53 -3.03 -5.57 -4.25
CA LYS A 53 -3.66 -4.43 -3.62
C LYS A 53 -2.61 -3.59 -2.91
N ALA A 54 -1.61 -4.26 -2.33
CA ALA A 54 -0.54 -3.59 -1.63
C ALA A 54 0.22 -2.67 -2.59
N LEU A 55 0.64 -3.22 -3.73
CA LEU A 55 1.37 -2.45 -4.74
C LEU A 55 0.55 -1.27 -5.23
N ASN A 56 -0.72 -1.51 -5.53
CA ASN A 56 -1.62 -0.46 -6.01
C ASN A 56 -1.70 0.68 -5.01
N ASN A 57 -1.87 0.34 -3.73
CA ASN A 57 -1.99 1.35 -2.69
C ASN A 57 -0.65 2.02 -2.40
N TYR A 58 0.43 1.24 -2.42
CA TYR A 58 1.78 1.81 -2.25
C TYR A 58 2.03 2.85 -3.32
N GLN A 59 1.74 2.50 -4.57
CA GLN A 59 1.95 3.38 -5.69
C GLN A 59 1.10 4.64 -5.57
N SER A 60 -0.11 4.48 -5.09
CA SER A 60 -1.03 5.60 -4.93
C SER A 60 -0.50 6.62 -3.92
N ALA A 61 0.19 6.12 -2.90
CA ALA A 61 0.81 7.00 -1.90
C ALA A 61 2.00 7.75 -2.50
N ILE A 62 2.80 7.01 -3.27
CA ILE A 62 4.00 7.58 -3.91
C ILE A 62 3.61 8.66 -4.92
N GLU A 63 2.50 8.43 -5.62
CA GLU A 63 2.01 9.38 -6.63
C GLU A 63 1.84 10.78 -6.07
N LEU A 64 1.48 10.85 -4.80
CA LEU A 64 1.20 12.12 -4.16
C LEU A 64 2.42 12.61 -3.38
N ASN A 65 2.91 11.80 -2.46
CA ASN A 65 4.04 12.19 -1.64
C ASN A 65 5.23 11.27 -1.89
N PRO A 66 6.26 11.76 -2.58
CA PRO A 66 7.49 11.02 -2.82
C PRO A 66 8.31 10.87 -1.55
N ASP A 67 7.88 11.56 -0.50
CA ASP A 67 8.54 11.49 0.79
C ASP A 67 7.97 10.34 1.62
N SER A 68 6.95 9.68 1.07
CA SER A 68 6.29 8.58 1.73
C SER A 68 7.21 7.38 1.84
N PRO A 69 7.16 6.65 2.95
CA PRO A 69 7.92 5.41 3.14
C PRO A 69 7.42 4.30 2.23
N ALA A 70 6.33 4.56 1.51
CA ALA A 70 5.74 3.60 0.60
C ALA A 70 6.69 3.30 -0.57
N LEU A 71 7.66 4.18 -0.79
CA LEU A 71 8.67 3.97 -1.82
C LEU A 71 9.45 2.69 -1.53
N GLN A 72 9.89 2.56 -0.29
CA GLN A 72 10.67 1.40 0.13
C GLN A 72 9.79 0.16 0.13
N ALA A 73 8.51 0.36 0.43
CA ALA A 73 7.55 -0.73 0.49
C ALA A 73 7.20 -1.25 -0.90
N ARG A 74 7.05 -0.34 -1.86
CA ARG A 74 6.72 -0.72 -3.23
C ARG A 74 7.83 -1.59 -3.82
N LYS A 75 9.07 -1.12 -3.72
CA LYS A 75 10.20 -1.86 -4.26
C LYS A 75 10.42 -3.16 -3.50
N MET A 76 10.10 -3.15 -2.21
CA MET A 76 10.18 -4.35 -1.39
C MET A 76 9.29 -5.45 -1.96
N VAL A 77 8.04 -5.11 -2.24
CA VAL A 77 7.09 -6.08 -2.79
C VAL A 77 7.49 -6.51 -4.19
N MET A 78 7.99 -5.56 -4.98
CA MET A 78 8.47 -5.86 -6.33
C MET A 78 9.62 -6.85 -6.28
N ASP A 79 10.46 -6.71 -5.25
CA ASP A 79 11.58 -7.61 -5.03
C ASP A 79 11.07 -8.98 -4.62
N ILE A 80 10.18 -8.99 -3.64
CA ILE A 80 9.62 -10.24 -3.11
C ILE A 80 8.84 -10.99 -4.19
N LEU A 81 8.00 -10.27 -4.92
CA LEU A 81 7.21 -10.89 -6.00
C LEU A 81 8.10 -11.45 -7.09
N ASN A 82 9.23 -10.79 -7.35
CA ASN A 82 10.18 -11.27 -8.33
C ASN A 82 10.73 -12.63 -7.92
N PHE A 83 10.94 -12.81 -6.63
CA PHE A 83 11.38 -14.09 -6.10
C PHE A 83 10.24 -15.10 -6.10
N TYR A 84 9.05 -14.66 -5.69
CA TYR A 84 7.86 -15.52 -5.70
C TYR A 84 7.62 -16.11 -7.08
N ASN A 85 7.26 -15.26 -8.03
CA ASN A 85 7.02 -15.71 -9.40
C ASN A 85 7.01 -14.51 -10.33
N LYS A 86 7.74 -14.61 -11.42
CA LYS A 86 7.76 -13.54 -12.41
C LYS A 86 6.58 -13.69 -13.36
N ASP A 87 5.91 -14.83 -13.26
CA ASP A 87 4.74 -15.12 -14.08
C ASP A 87 3.73 -13.98 -13.99
N MET A 88 3.22 -13.74 -12.79
CA MET A 88 2.26 -12.66 -12.58
C MET A 88 2.95 -11.31 -12.79
N TYR A 89 4.24 -11.28 -12.47
CA TYR A 89 5.03 -10.06 -12.51
C TYR A 89 5.15 -9.50 -13.94
N ASN A 90 4.96 -10.34 -14.94
CA ASN A 90 4.97 -9.87 -16.34
C ASN A 90 3.59 -10.03 -16.98
N GLN A 91 2.74 -10.82 -16.36
CA GLN A 91 1.43 -11.13 -16.91
C GLN A 91 0.37 -10.12 -16.48
N LEU A 92 0.61 -9.46 -15.34
CA LEU A 92 -0.33 -8.50 -14.80
C LEU A 92 -0.63 -7.39 -15.81
N GLU A 93 0.33 -7.12 -16.68
CA GLU A 93 0.16 -6.13 -17.73
C GLU A 93 0.50 -6.75 -19.08
N HIS A 94 -0.43 -7.53 -19.62
CA HIS A 94 -0.27 -8.13 -20.94
C HIS A 94 -0.21 -7.03 -21.99
N HIS A 95 0.90 -7.01 -22.74
CA HIS A 95 1.22 -5.88 -23.59
C HIS A 95 0.64 -6.04 -24.99
N HIS A 96 -0.56 -5.52 -25.17
CA HIS A 96 -1.19 -5.48 -26.49
C HIS A 96 -1.80 -4.10 -26.72
N HIS A 97 -1.26 -3.38 -27.68
CA HIS A 97 -1.71 -2.02 -27.93
C HIS A 97 -2.78 -2.01 -29.03
N HIS A 98 -4.04 -1.95 -28.62
CA HIS A 98 -5.13 -1.86 -29.57
C HIS A 98 -6.04 -0.69 -29.21
N HIS A 99 -6.65 -0.09 -30.21
CA HIS A 99 -7.49 1.09 -30.00
C HIS A 99 -8.66 1.09 -30.97
N MET A 1 -3.60 15.90 15.45
CA MET A 1 -4.19 14.60 15.82
C MET A 1 -4.47 13.79 14.57
N ASP A 2 -4.19 12.49 14.62
CA ASP A 2 -4.37 11.63 13.47
C ASP A 2 -5.13 10.38 13.85
N GLN A 3 -6.31 10.20 13.29
CA GLN A 3 -7.10 8.98 13.51
C GLN A 3 -6.38 7.78 12.90
N LEU A 4 -5.43 8.10 12.02
CA LEU A 4 -4.55 7.11 11.43
C LEU A 4 -3.81 6.32 12.51
N LYS A 5 -3.61 6.96 13.67
CA LYS A 5 -3.00 6.31 14.82
C LYS A 5 -3.83 5.09 15.22
N THR A 6 -5.14 5.28 15.31
CA THR A 6 -6.07 4.21 15.60
C THR A 6 -6.02 3.13 14.52
N ILE A 7 -5.95 3.57 13.26
CA ILE A 7 -5.88 2.66 12.13
C ILE A 7 -4.64 1.78 12.23
N LYS A 8 -3.51 2.39 12.55
CA LYS A 8 -2.25 1.67 12.74
C LYS A 8 -2.36 0.68 13.89
N GLU A 9 -3.08 1.08 14.95
CA GLU A 9 -3.34 0.18 16.07
C GLU A 9 -4.13 -1.03 15.60
N LEU A 10 -5.15 -0.77 14.79
CA LEU A 10 -5.99 -1.83 14.23
C LEU A 10 -5.17 -2.79 13.39
N ILE A 11 -4.35 -2.23 12.51
CA ILE A 11 -3.52 -3.02 11.59
C ILE A 11 -2.63 -4.00 12.36
N ASN A 12 -2.01 -3.54 13.43
CA ASN A 12 -1.11 -4.38 14.20
C ASN A 12 -1.87 -5.43 15.02
N GLN A 13 -3.09 -5.09 15.43
CA GLN A 13 -3.92 -6.02 16.19
C GLN A 13 -4.45 -7.13 15.29
N GLY A 14 -4.84 -6.76 14.08
CA GLY A 14 -5.44 -7.71 13.17
C GLY A 14 -6.76 -7.19 12.63
N ASP A 15 -7.16 -6.02 13.10
CA ASP A 15 -8.38 -5.37 12.63
C ASP A 15 -8.12 -4.71 11.27
N ILE A 16 -7.64 -5.51 10.33
CA ILE A 16 -7.29 -5.03 9.00
C ILE A 16 -8.51 -4.43 8.30
N GLU A 17 -9.63 -5.14 8.36
CA GLU A 17 -10.85 -4.72 7.67
C GLU A 17 -11.35 -3.40 8.26
N ASN A 18 -11.24 -3.27 9.57
CA ASN A 18 -11.66 -2.06 10.27
C ASN A 18 -10.70 -0.92 9.95
N ALA A 19 -9.44 -1.26 9.76
CA ALA A 19 -8.42 -0.28 9.39
C ALA A 19 -8.67 0.24 7.98
N LEU A 20 -8.91 -0.67 7.04
CA LEU A 20 -9.12 -0.32 5.65
C LEU A 20 -10.29 0.65 5.47
N GLN A 21 -11.40 0.37 6.13
CA GLN A 21 -12.59 1.19 6.00
C GLN A 21 -12.41 2.54 6.70
N ALA A 22 -11.63 2.55 7.78
CA ALA A 22 -11.31 3.79 8.48
C ALA A 22 -10.39 4.65 7.62
N LEU A 23 -9.55 4.00 6.83
CA LEU A 23 -8.68 4.68 5.89
C LEU A 23 -9.51 5.35 4.80
N GLU A 24 -10.52 4.65 4.30
CA GLU A 24 -11.44 5.20 3.32
C GLU A 24 -12.10 6.46 3.88
N GLU A 25 -12.44 6.40 5.16
CA GLU A 25 -13.03 7.53 5.86
C GLU A 25 -12.08 8.72 5.81
N PHE A 26 -10.83 8.49 6.20
CA PHE A 26 -9.81 9.52 6.21
C PHE A 26 -9.57 10.07 4.82
N LEU A 27 -9.61 9.20 3.82
CA LEU A 27 -9.40 9.60 2.43
C LEU A 27 -10.35 10.70 1.99
N GLN A 28 -11.56 10.67 2.52
CA GLN A 28 -12.60 11.62 2.11
C GLN A 28 -12.58 12.88 2.97
N THR A 29 -11.91 12.82 4.12
CA THR A 29 -11.96 13.93 5.06
C THR A 29 -10.65 14.73 5.05
N GLU A 30 -9.55 14.06 4.73
CA GLU A 30 -8.24 14.71 4.71
C GLU A 30 -7.49 14.37 3.43
N PRO A 31 -7.55 15.26 2.43
CA PRO A 31 -6.85 15.10 1.16
C PRO A 31 -5.34 15.22 1.29
N VAL A 32 -4.87 15.61 2.47
CA VAL A 32 -3.44 15.77 2.70
C VAL A 32 -2.81 14.46 3.18
N GLY A 33 -3.59 13.64 3.88
CA GLY A 33 -3.05 12.41 4.45
C GLY A 33 -3.35 11.20 3.59
N LYS A 34 -3.46 11.44 2.29
CA LYS A 34 -3.77 10.38 1.34
C LYS A 34 -2.65 9.34 1.31
N ASP A 35 -1.42 9.84 1.26
CA ASP A 35 -0.24 8.99 1.12
C ASP A 35 -0.02 8.13 2.37
N GLU A 36 -0.30 8.70 3.53
CA GLU A 36 -0.27 7.95 4.78
C GLU A 36 -1.29 6.81 4.74
N ALA A 37 -2.52 7.16 4.38
CA ALA A 37 -3.62 6.20 4.36
C ALA A 37 -3.38 5.07 3.36
N TYR A 38 -2.92 5.42 2.16
CA TYR A 38 -2.65 4.42 1.13
C TYR A 38 -1.49 3.51 1.53
N TYR A 39 -0.50 4.08 2.23
CA TYR A 39 0.59 3.29 2.76
C TYR A 39 0.07 2.29 3.80
N LEU A 40 -0.76 2.78 4.72
CA LEU A 40 -1.35 1.94 5.75
C LEU A 40 -2.19 0.84 5.13
N MET A 41 -2.88 1.18 4.05
CA MET A 41 -3.64 0.20 3.29
C MET A 41 -2.72 -0.92 2.83
N GLY A 42 -1.65 -0.56 2.15
CA GLY A 42 -0.70 -1.54 1.66
C GLY A 42 -0.10 -2.36 2.77
N ASN A 43 0.19 -1.71 3.88
CA ASN A 43 0.73 -2.36 5.07
C ASN A 43 -0.27 -3.42 5.59
N ALA A 44 -1.54 -3.04 5.63
CA ALA A 44 -2.59 -3.94 6.07
C ALA A 44 -2.77 -5.09 5.07
N TYR A 45 -2.67 -4.78 3.79
CA TYR A 45 -2.84 -5.79 2.75
C TYR A 45 -1.66 -6.75 2.69
N ARG A 46 -0.45 -6.26 2.97
CA ARG A 46 0.71 -7.14 2.98
C ARG A 46 0.67 -8.07 4.17
N LYS A 47 -0.03 -7.66 5.23
CA LYS A 47 -0.32 -8.57 6.34
C LYS A 47 -1.26 -9.67 5.89
N LEU A 48 -2.27 -9.28 5.12
CA LEU A 48 -3.25 -10.23 4.58
C LEU A 48 -2.57 -11.19 3.60
N GLY A 49 -1.75 -10.63 2.73
CA GLY A 49 -1.05 -11.45 1.75
C GLY A 49 -1.49 -11.14 0.33
N ASP A 50 -2.27 -10.08 0.18
CA ASP A 50 -2.74 -9.67 -1.14
C ASP A 50 -1.78 -8.66 -1.74
N TRP A 51 -1.09 -9.06 -2.79
CA TRP A 51 -0.06 -8.22 -3.36
C TRP A 51 -0.67 -7.21 -4.34
N GLN A 52 -1.79 -7.57 -4.95
CA GLN A 52 -2.48 -6.66 -5.86
C GLN A 52 -2.93 -5.41 -5.11
N LYS A 53 -3.66 -5.62 -4.03
CA LYS A 53 -4.17 -4.52 -3.22
C LYS A 53 -3.05 -3.70 -2.62
N ALA A 54 -1.99 -4.38 -2.19
CA ALA A 54 -0.83 -3.72 -1.60
C ALA A 54 -0.15 -2.80 -2.61
N LEU A 55 0.19 -3.35 -3.77
CA LEU A 55 0.91 -2.62 -4.80
C LEU A 55 0.11 -1.45 -5.35
N ASN A 56 -1.19 -1.65 -5.56
CA ASN A 56 -2.04 -0.62 -6.14
C ASN A 56 -2.12 0.59 -5.22
N ASN A 57 -2.29 0.33 -3.93
CA ASN A 57 -2.40 1.40 -2.95
C ASN A 57 -1.05 2.04 -2.67
N TYR A 58 0.01 1.24 -2.71
CA TYR A 58 1.36 1.78 -2.60
C TYR A 58 1.63 2.75 -3.74
N GLN A 59 1.20 2.36 -4.94
CA GLN A 59 1.36 3.21 -6.13
C GLN A 59 0.60 4.51 -5.96
N SER A 60 -0.60 4.41 -5.40
CA SER A 60 -1.44 5.58 -5.15
C SER A 60 -0.72 6.57 -4.22
N ALA A 61 -0.05 6.04 -3.20
CA ALA A 61 0.71 6.86 -2.29
C ALA A 61 1.92 7.49 -2.99
N ILE A 62 2.51 6.76 -3.93
CA ILE A 62 3.71 7.22 -4.63
C ILE A 62 3.37 8.34 -5.62
N GLU A 63 2.22 8.26 -6.26
CA GLU A 63 1.80 9.29 -7.21
C GLU A 63 1.55 10.61 -6.48
N LEU A 64 1.09 10.53 -5.25
CA LEU A 64 0.81 11.70 -4.45
C LEU A 64 2.06 12.17 -3.71
N ASN A 65 2.85 11.22 -3.25
CA ASN A 65 4.09 11.54 -2.54
C ASN A 65 5.26 10.77 -3.15
N PRO A 66 6.11 11.47 -3.92
CA PRO A 66 7.26 10.85 -4.60
C PRO A 66 8.44 10.62 -3.65
N ASP A 67 8.20 10.85 -2.37
CA ASP A 67 9.21 10.65 -1.35
C ASP A 67 8.62 9.81 -0.21
N SER A 68 7.50 9.19 -0.51
CA SER A 68 6.78 8.36 0.45
C SER A 68 7.53 7.07 0.74
N PRO A 69 7.40 6.54 1.97
CA PRO A 69 7.95 5.23 2.33
C PRO A 69 7.35 4.11 1.47
N ALA A 70 6.24 4.44 0.80
CA ALA A 70 5.57 3.49 -0.09
C ALA A 70 6.47 3.11 -1.25
N LEU A 71 7.46 3.94 -1.55
CA LEU A 71 8.44 3.62 -2.59
C LEU A 71 9.20 2.36 -2.21
N GLN A 72 9.71 2.35 -0.99
CA GLN A 72 10.49 1.23 -0.48
C GLN A 72 9.56 0.02 -0.30
N ALA A 73 8.36 0.31 0.18
CA ALA A 73 7.38 -0.74 0.46
C ALA A 73 6.92 -1.43 -0.82
N ARG A 74 6.71 -0.64 -1.87
CA ARG A 74 6.31 -1.19 -3.17
C ARG A 74 7.38 -2.13 -3.71
N LYS A 75 8.63 -1.69 -3.66
CA LYS A 75 9.73 -2.49 -4.15
C LYS A 75 9.95 -3.72 -3.28
N MET A 76 9.66 -3.58 -1.99
CA MET A 76 9.70 -4.71 -1.07
C MET A 76 8.82 -5.84 -1.59
N VAL A 77 7.62 -5.50 -2.02
CA VAL A 77 6.70 -6.48 -2.57
C VAL A 77 7.25 -7.03 -3.88
N MET A 78 7.84 -6.15 -4.69
CA MET A 78 8.45 -6.53 -5.95
C MET A 78 9.56 -7.56 -5.73
N ASP A 79 10.36 -7.34 -4.69
CA ASP A 79 11.40 -8.29 -4.31
C ASP A 79 10.80 -9.63 -3.97
N ILE A 80 9.77 -9.61 -3.13
CA ILE A 80 9.07 -10.83 -2.75
C ILE A 80 8.50 -11.54 -3.98
N LEU A 81 7.88 -10.77 -4.85
CA LEU A 81 7.31 -11.32 -6.09
C LEU A 81 8.39 -11.88 -7.00
N ASN A 82 9.56 -11.24 -6.98
CA ASN A 82 10.71 -11.72 -7.74
C ASN A 82 11.13 -13.11 -7.26
N PHE A 83 11.06 -13.32 -5.96
CA PHE A 83 11.37 -14.63 -5.39
C PHE A 83 10.21 -15.60 -5.63
N TYR A 84 9.01 -15.06 -5.82
CA TYR A 84 7.84 -15.87 -6.10
C TYR A 84 7.89 -16.41 -7.53
N ASN A 85 7.80 -15.51 -8.50
CA ASN A 85 7.83 -15.89 -9.91
C ASN A 85 7.97 -14.65 -10.79
N LYS A 86 8.53 -14.84 -11.97
CA LYS A 86 8.75 -13.74 -12.89
C LYS A 86 7.57 -13.58 -13.84
N ASP A 87 6.63 -14.52 -13.77
CA ASP A 87 5.55 -14.62 -14.75
C ASP A 87 4.62 -13.43 -14.63
N MET A 88 4.12 -13.21 -13.44
CA MET A 88 3.27 -12.06 -13.17
C MET A 88 4.10 -10.79 -13.12
N TYR A 89 5.35 -10.92 -12.70
CA TYR A 89 6.25 -9.80 -12.58
C TYR A 89 6.49 -9.14 -13.95
N ASN A 90 6.51 -9.96 -15.00
CA ASN A 90 6.62 -9.47 -16.37
C ASN A 90 5.52 -8.45 -16.69
N GLN A 91 4.35 -8.67 -16.11
CA GLN A 91 3.19 -7.81 -16.36
C GLN A 91 3.29 -6.54 -15.53
N LEU A 92 3.77 -6.69 -14.30
CA LEU A 92 3.92 -5.57 -13.38
C LEU A 92 5.00 -4.61 -13.86
N GLU A 93 6.07 -5.16 -14.41
CA GLU A 93 7.10 -4.34 -15.00
C GLU A 93 6.80 -4.11 -16.47
N HIS A 94 5.81 -3.26 -16.70
CA HIS A 94 5.37 -2.93 -18.04
C HIS A 94 6.14 -1.71 -18.55
N HIS A 95 6.29 -1.60 -19.87
CA HIS A 95 6.95 -0.44 -20.46
C HIS A 95 6.29 0.85 -19.97
N HIS A 96 7.09 1.70 -19.36
CA HIS A 96 6.58 2.94 -18.78
C HIS A 96 7.24 4.16 -19.45
N HIS A 97 6.88 5.34 -18.99
CA HIS A 97 7.32 6.58 -19.63
C HIS A 97 8.73 6.95 -19.22
N HIS A 98 9.41 7.66 -20.09
CA HIS A 98 10.75 8.15 -19.83
C HIS A 98 10.98 9.47 -20.56
N HIS A 99 11.83 10.32 -20.00
CA HIS A 99 12.13 11.61 -20.62
C HIS A 99 13.46 12.15 -20.09
N MET A 1 -5.23 15.23 16.53
CA MET A 1 -5.59 13.80 16.58
C MET A 1 -5.59 13.21 15.19
N ASP A 2 -5.01 12.03 15.06
CA ASP A 2 -4.90 11.37 13.77
C ASP A 2 -5.62 10.04 13.78
N GLN A 3 -6.65 9.95 12.96
CA GLN A 3 -7.39 8.71 12.80
C GLN A 3 -6.47 7.64 12.22
N LEU A 4 -5.47 8.09 11.46
CA LEU A 4 -4.47 7.21 10.87
C LEU A 4 -3.75 6.39 11.94
N LYS A 5 -3.47 7.01 13.08
CA LYS A 5 -2.78 6.31 14.16
C LYS A 5 -3.65 5.16 14.66
N THR A 6 -4.93 5.45 14.86
CA THR A 6 -5.90 4.45 15.26
C THR A 6 -5.92 3.28 14.26
N ILE A 7 -5.86 3.63 12.99
CA ILE A 7 -5.83 2.65 11.91
C ILE A 7 -4.58 1.77 12.02
N LYS A 8 -3.44 2.41 12.29
CA LYS A 8 -2.19 1.69 12.48
C LYS A 8 -2.32 0.67 13.61
N GLU A 9 -2.92 1.11 14.71
CA GLU A 9 -3.12 0.24 15.86
C GLU A 9 -4.02 -0.93 15.50
N LEU A 10 -5.03 -0.67 14.69
CA LEU A 10 -5.96 -1.71 14.26
C LEU A 10 -5.23 -2.76 13.42
N ILE A 11 -4.39 -2.31 12.51
CA ILE A 11 -3.63 -3.21 11.64
C ILE A 11 -2.69 -4.07 12.45
N ASN A 12 -2.06 -3.49 13.47
CA ASN A 12 -1.12 -4.23 14.31
C ASN A 12 -1.84 -5.23 15.19
N GLN A 13 -3.12 -4.98 15.44
CA GLN A 13 -3.95 -5.92 16.20
C GLN A 13 -4.41 -7.06 15.31
N GLY A 14 -5.03 -6.72 14.19
CA GLY A 14 -5.59 -7.71 13.30
C GLY A 14 -6.88 -7.21 12.67
N ASP A 15 -7.28 -6.02 13.08
CA ASP A 15 -8.49 -5.39 12.56
C ASP A 15 -8.22 -4.71 11.23
N ILE A 16 -7.64 -5.47 10.29
CA ILE A 16 -7.27 -4.95 8.98
C ILE A 16 -8.48 -4.34 8.25
N GLU A 17 -9.61 -5.05 8.25
CA GLU A 17 -10.78 -4.56 7.52
C GLU A 17 -11.35 -3.33 8.19
N ASN A 18 -11.25 -3.25 9.51
CA ASN A 18 -11.70 -2.08 10.24
C ASN A 18 -10.78 -0.91 9.95
N ALA A 19 -9.49 -1.22 9.83
CA ALA A 19 -8.50 -0.23 9.47
C ALA A 19 -8.72 0.29 8.06
N LEU A 20 -8.86 -0.63 7.11
CA LEU A 20 -9.09 -0.29 5.71
C LEU A 20 -10.34 0.55 5.55
N GLN A 21 -11.39 0.17 6.28
CA GLN A 21 -12.64 0.91 6.26
C GLN A 21 -12.41 2.36 6.67
N ALA A 22 -11.75 2.55 7.81
CA ALA A 22 -11.47 3.88 8.32
C ALA A 22 -10.50 4.63 7.42
N LEU A 23 -9.62 3.89 6.75
CA LEU A 23 -8.69 4.49 5.80
C LEU A 23 -9.45 5.17 4.66
N GLU A 24 -10.45 4.48 4.11
CA GLU A 24 -11.26 5.06 3.05
C GLU A 24 -12.06 6.24 3.58
N GLU A 25 -12.51 6.14 4.82
CA GLU A 25 -13.21 7.25 5.48
C GLU A 25 -12.28 8.46 5.60
N PHE A 26 -11.02 8.19 5.92
CA PHE A 26 -10.02 9.24 6.07
C PHE A 26 -9.76 9.93 4.74
N LEU A 27 -9.83 9.16 3.66
CA LEU A 27 -9.62 9.68 2.31
C LEU A 27 -10.63 10.78 1.99
N GLN A 28 -11.79 10.71 2.65
CA GLN A 28 -12.87 11.65 2.38
C GLN A 28 -12.80 12.86 3.30
N THR A 29 -12.05 12.75 4.39
CA THR A 29 -11.98 13.84 5.35
C THR A 29 -10.68 14.63 5.20
N GLU A 30 -9.57 13.94 5.04
CA GLU A 30 -8.28 14.61 4.92
C GLU A 30 -7.54 14.13 3.68
N PRO A 31 -7.78 14.78 2.54
CA PRO A 31 -7.11 14.43 1.27
C PRO A 31 -5.62 14.72 1.30
N VAL A 32 -5.22 15.61 2.20
CA VAL A 32 -3.84 16.04 2.31
C VAL A 32 -2.98 15.00 3.04
N GLY A 33 -3.63 13.97 3.57
CA GLY A 33 -2.92 12.94 4.31
C GLY A 33 -3.18 11.57 3.73
N LYS A 34 -3.63 11.53 2.48
CA LYS A 34 -3.96 10.26 1.85
C LYS A 34 -2.69 9.44 1.59
N ASP A 35 -1.55 10.10 1.55
CA ASP A 35 -0.29 9.43 1.26
C ASP A 35 0.06 8.42 2.36
N GLU A 36 -0.14 8.80 3.61
CA GLU A 36 0.10 7.88 4.71
C GLU A 36 -1.01 6.84 4.75
N ALA A 37 -2.23 7.25 4.41
CA ALA A 37 -3.37 6.35 4.37
C ALA A 37 -3.13 5.19 3.40
N TYR A 38 -2.68 5.51 2.19
CA TYR A 38 -2.40 4.49 1.19
C TYR A 38 -1.27 3.58 1.64
N TYR A 39 -0.28 4.16 2.31
CA TYR A 39 0.83 3.40 2.86
C TYR A 39 0.31 2.39 3.90
N LEU A 40 -0.58 2.86 4.77
CA LEU A 40 -1.17 2.02 5.81
C LEU A 40 -2.01 0.90 5.18
N MET A 41 -2.72 1.23 4.10
CA MET A 41 -3.47 0.24 3.35
C MET A 41 -2.56 -0.91 2.93
N GLY A 42 -1.45 -0.57 2.30
CA GLY A 42 -0.50 -1.55 1.84
C GLY A 42 0.04 -2.42 2.95
N ASN A 43 0.15 -1.86 4.15
CA ASN A 43 0.59 -2.60 5.31
C ASN A 43 -0.46 -3.63 5.73
N ALA A 44 -1.71 -3.21 5.70
CA ALA A 44 -2.83 -4.07 6.09
C ALA A 44 -2.99 -5.21 5.09
N TYR A 45 -2.96 -4.87 3.81
CA TYR A 45 -3.08 -5.87 2.76
C TYR A 45 -1.89 -6.83 2.77
N ARG A 46 -0.74 -6.36 3.25
CA ARG A 46 0.44 -7.22 3.33
C ARG A 46 0.23 -8.27 4.42
N LYS A 47 -0.43 -7.89 5.51
CA LYS A 47 -0.75 -8.82 6.58
C LYS A 47 -1.77 -9.85 6.11
N LEU A 48 -2.58 -9.46 5.14
CA LEU A 48 -3.51 -10.40 4.51
C LEU A 48 -2.75 -11.30 3.55
N GLY A 49 -1.93 -10.69 2.70
CA GLY A 49 -1.18 -11.42 1.71
C GLY A 49 -1.55 -11.00 0.31
N ASP A 50 -2.32 -9.92 0.20
CA ASP A 50 -2.74 -9.40 -1.10
C ASP A 50 -1.68 -8.43 -1.61
N TRP A 51 -0.90 -8.88 -2.58
CA TRP A 51 0.21 -8.08 -3.08
C TRP A 51 -0.25 -7.07 -4.12
N GLN A 52 -1.26 -7.41 -4.91
CA GLN A 52 -1.72 -6.52 -5.96
C GLN A 52 -2.26 -5.23 -5.37
N LYS A 53 -3.22 -5.36 -4.46
CA LYS A 53 -3.85 -4.18 -3.87
C LYS A 53 -2.83 -3.37 -3.08
N ALA A 54 -1.91 -4.07 -2.42
CA ALA A 54 -0.83 -3.41 -1.71
C ALA A 54 0.00 -2.57 -2.67
N LEU A 55 0.35 -3.14 -3.82
CA LEU A 55 1.09 -2.43 -4.85
C LEU A 55 0.32 -1.21 -5.34
N ASN A 56 -0.98 -1.40 -5.57
CA ASN A 56 -1.84 -0.32 -6.02
C ASN A 56 -1.86 0.81 -4.98
N ASN A 57 -1.93 0.44 -3.72
CA ASN A 57 -1.94 1.41 -2.63
C ASN A 57 -0.62 2.14 -2.52
N TYR A 58 0.48 1.39 -2.53
CA TYR A 58 1.82 1.98 -2.45
C TYR A 58 2.03 3.00 -3.57
N GLN A 59 1.66 2.60 -4.78
CA GLN A 59 1.83 3.45 -5.96
C GLN A 59 1.01 4.74 -5.79
N SER A 60 -0.19 4.60 -5.25
CA SER A 60 -1.08 5.74 -5.01
C SER A 60 -0.45 6.72 -4.01
N ALA A 61 0.27 6.18 -3.03
CA ALA A 61 0.95 7.01 -2.06
C ALA A 61 2.15 7.72 -2.70
N ILE A 62 2.88 6.98 -3.52
CA ILE A 62 4.08 7.51 -4.17
C ILE A 62 3.76 8.68 -5.10
N GLU A 63 2.64 8.58 -5.82
CA GLU A 63 2.30 9.61 -6.79
C GLU A 63 1.80 10.88 -6.11
N LEU A 64 1.30 10.75 -4.89
CA LEU A 64 0.89 11.91 -4.13
C LEU A 64 2.08 12.47 -3.35
N ASN A 65 2.83 11.58 -2.74
CA ASN A 65 4.01 11.96 -1.98
C ASN A 65 5.16 11.01 -2.33
N PRO A 66 6.12 11.49 -3.14
CA PRO A 66 7.23 10.66 -3.63
C PRO A 66 8.28 10.40 -2.56
N ASP A 67 8.16 11.07 -1.43
CA ASP A 67 9.12 10.93 -0.35
C ASP A 67 8.59 9.96 0.71
N SER A 68 7.41 9.41 0.44
CA SER A 68 6.76 8.50 1.37
C SER A 68 7.53 7.18 1.48
N PRO A 69 7.45 6.52 2.66
CA PRO A 69 8.09 5.22 2.88
C PRO A 69 7.49 4.13 1.99
N ALA A 70 6.39 4.46 1.31
CA ALA A 70 5.72 3.54 0.41
C ALA A 70 6.58 3.24 -0.80
N LEU A 71 7.54 4.13 -1.06
CA LEU A 71 8.50 3.95 -2.15
C LEU A 71 9.20 2.61 -2.01
N GLN A 72 9.69 2.38 -0.81
CA GLN A 72 10.49 1.22 -0.51
C GLN A 72 9.61 -0.01 -0.41
N ALA A 73 8.39 0.18 0.07
CA ALA A 73 7.43 -0.90 0.21
C ALA A 73 6.99 -1.38 -1.18
N ARG A 74 6.82 -0.44 -2.10
CA ARG A 74 6.51 -0.75 -3.49
C ARG A 74 7.56 -1.69 -4.06
N LYS A 75 8.82 -1.29 -3.98
CA LYS A 75 9.92 -2.09 -4.49
C LYS A 75 10.03 -3.42 -3.74
N MET A 76 9.75 -3.38 -2.44
CA MET A 76 9.80 -4.58 -1.61
C MET A 76 8.87 -5.66 -2.15
N VAL A 77 7.62 -5.30 -2.42
CA VAL A 77 6.65 -6.25 -2.93
C VAL A 77 7.03 -6.74 -4.32
N MET A 78 7.55 -5.83 -5.12
CA MET A 78 7.97 -6.18 -6.48
C MET A 78 9.17 -7.11 -6.44
N ASP A 79 9.96 -7.02 -5.37
CA ASP A 79 11.07 -7.94 -5.14
C ASP A 79 10.53 -9.28 -4.66
N ILE A 80 9.55 -9.24 -3.78
CA ILE A 80 8.86 -10.43 -3.31
C ILE A 80 8.28 -11.22 -4.47
N LEU A 81 7.56 -10.51 -5.33
CA LEU A 81 6.95 -11.12 -6.50
C LEU A 81 7.98 -11.51 -7.54
N ASN A 82 9.12 -10.83 -7.53
CA ASN A 82 10.22 -11.17 -8.44
C ASN A 82 10.86 -12.48 -7.99
N PHE A 83 10.93 -12.67 -6.69
CA PHE A 83 11.47 -13.89 -6.11
C PHE A 83 10.45 -15.03 -6.22
N TYR A 84 9.23 -14.77 -5.77
CA TYR A 84 8.21 -15.78 -5.72
C TYR A 84 7.03 -15.36 -6.60
N ASN A 85 6.53 -16.31 -7.37
CA ASN A 85 5.43 -16.06 -8.30
C ASN A 85 5.89 -15.09 -9.39
N LYS A 86 7.16 -15.22 -9.77
CA LYS A 86 7.77 -14.34 -10.77
C LYS A 86 7.06 -14.47 -12.12
N ASP A 87 6.43 -15.62 -12.33
CA ASP A 87 5.69 -15.87 -13.57
C ASP A 87 4.57 -14.85 -13.73
N MET A 88 4.09 -14.33 -12.61
CA MET A 88 3.09 -13.27 -12.63
C MET A 88 3.77 -11.91 -12.68
N TYR A 89 4.94 -11.81 -12.07
CA TYR A 89 5.66 -10.55 -12.01
C TYR A 89 6.08 -10.09 -13.40
N ASN A 90 6.68 -10.98 -14.18
CA ASN A 90 7.11 -10.63 -15.54
C ASN A 90 5.92 -10.62 -16.49
N GLN A 91 4.73 -10.81 -15.93
CA GLN A 91 3.51 -10.75 -16.71
C GLN A 91 2.82 -9.41 -16.48
N LEU A 92 2.87 -8.91 -15.25
CA LEU A 92 2.30 -7.61 -14.93
C LEU A 92 3.28 -6.49 -15.29
N GLU A 93 4.56 -6.81 -15.32
CA GLU A 93 5.56 -5.88 -15.79
C GLU A 93 5.70 -6.01 -17.30
N HIS A 94 5.06 -5.12 -18.02
CA HIS A 94 5.08 -5.15 -19.46
C HIS A 94 6.19 -4.29 -20.02
N HIS A 95 7.34 -4.91 -20.22
CA HIS A 95 8.45 -4.25 -20.86
C HIS A 95 8.55 -4.74 -22.30
N HIS A 96 8.38 -3.83 -23.25
CA HIS A 96 8.51 -4.17 -24.66
C HIS A 96 9.91 -4.74 -24.94
N HIS A 97 9.94 -6.01 -25.33
CA HIS A 97 11.19 -6.73 -25.57
C HIS A 97 12.07 -5.97 -26.56
N HIS A 98 13.26 -5.58 -26.12
CA HIS A 98 14.14 -4.77 -26.93
C HIS A 98 15.55 -5.36 -26.92
N HIS A 99 15.96 -5.91 -28.05
CA HIS A 99 17.29 -6.49 -28.18
C HIS A 99 17.86 -6.19 -29.56
N MET A 1 -8.25 14.24 12.93
CA MET A 1 -7.74 14.29 14.32
C MET A 1 -7.19 12.92 14.73
N ASP A 2 -6.01 12.61 14.21
CA ASP A 2 -5.28 11.37 14.51
C ASP A 2 -6.10 10.13 14.23
N GLN A 3 -7.01 10.21 13.26
CA GLN A 3 -7.80 9.04 12.89
C GLN A 3 -6.89 7.98 12.29
N LEU A 4 -5.82 8.43 11.62
CA LEU A 4 -4.82 7.55 11.07
C LEU A 4 -4.12 6.75 12.16
N LYS A 5 -3.94 7.38 13.31
CA LYS A 5 -3.26 6.74 14.43
C LYS A 5 -4.09 5.56 14.95
N THR A 6 -5.40 5.77 15.01
CA THR A 6 -6.33 4.71 15.38
C THR A 6 -6.27 3.55 14.39
N ILE A 7 -6.23 3.88 13.11
CA ILE A 7 -6.12 2.87 12.07
C ILE A 7 -4.83 2.07 12.21
N LYS A 8 -3.74 2.78 12.51
CA LYS A 8 -2.44 2.13 12.72
C LYS A 8 -2.53 1.12 13.85
N GLU A 9 -3.21 1.48 14.94
CA GLU A 9 -3.37 0.59 16.08
C GLU A 9 -4.11 -0.68 15.66
N LEU A 10 -5.09 -0.52 14.78
CA LEU A 10 -5.86 -1.64 14.27
C LEU A 10 -4.99 -2.55 13.41
N ILE A 11 -4.23 -1.95 12.51
CA ILE A 11 -3.32 -2.70 11.65
C ILE A 11 -2.27 -3.44 12.47
N ASN A 12 -1.76 -2.77 13.52
CA ASN A 12 -0.75 -3.35 14.39
C ASN A 12 -1.28 -4.57 15.14
N GLN A 13 -2.57 -4.55 15.49
CA GLN A 13 -3.16 -5.65 16.24
C GLN A 13 -3.71 -6.74 15.32
N GLY A 14 -3.94 -6.39 14.06
CA GLY A 14 -4.43 -7.37 13.11
C GLY A 14 -5.89 -7.17 12.76
N ASP A 15 -6.44 -6.04 13.17
CA ASP A 15 -7.83 -5.72 12.86
C ASP A 15 -7.89 -5.01 11.52
N ILE A 16 -7.67 -5.78 10.46
CA ILE A 16 -7.39 -5.25 9.13
C ILE A 16 -8.61 -4.58 8.49
N GLU A 17 -9.73 -5.30 8.43
CA GLU A 17 -10.91 -4.80 7.72
C GLU A 17 -11.41 -3.49 8.31
N ASN A 18 -11.44 -3.41 9.63
CA ASN A 18 -11.88 -2.19 10.31
C ASN A 18 -10.92 -1.06 10.01
N ALA A 19 -9.63 -1.37 9.95
CA ALA A 19 -8.62 -0.38 9.57
C ALA A 19 -8.84 0.08 8.13
N LEU A 20 -9.09 -0.88 7.24
CA LEU A 20 -9.27 -0.59 5.81
C LEU A 20 -10.45 0.33 5.55
N GLN A 21 -11.60 -0.01 6.12
CA GLN A 21 -12.81 0.77 5.92
C GLN A 21 -12.68 2.17 6.52
N ALA A 22 -11.89 2.28 7.58
CA ALA A 22 -11.59 3.58 8.17
C ALA A 22 -10.62 4.37 7.30
N LEU A 23 -9.76 3.64 6.60
CA LEU A 23 -8.78 4.26 5.71
C LEU A 23 -9.46 4.88 4.50
N GLU A 24 -10.34 4.13 3.85
CA GLU A 24 -11.06 4.64 2.69
C GLU A 24 -12.00 5.76 3.11
N GLU A 25 -12.50 5.69 4.35
CA GLU A 25 -13.29 6.75 4.93
C GLU A 25 -12.45 8.02 5.05
N PHE A 26 -11.22 7.84 5.51
CA PHE A 26 -10.29 8.94 5.70
C PHE A 26 -9.94 9.60 4.37
N LEU A 27 -9.79 8.80 3.33
CA LEU A 27 -9.47 9.29 2.00
C LEU A 27 -10.53 10.27 1.50
N GLN A 28 -11.74 10.12 1.98
CA GLN A 28 -12.86 10.94 1.55
C GLN A 28 -12.94 12.25 2.34
N THR A 29 -12.31 12.27 3.51
CA THR A 29 -12.40 13.43 4.37
C THR A 29 -11.05 14.15 4.49
N GLU A 30 -10.01 13.57 3.89
CA GLU A 30 -8.68 14.16 3.96
C GLU A 30 -7.95 14.04 2.63
N PRO A 31 -7.99 15.10 1.82
CA PRO A 31 -7.30 15.15 0.53
C PRO A 31 -5.77 15.21 0.65
N VAL A 32 -5.29 15.68 1.79
CA VAL A 32 -3.86 15.89 1.97
C VAL A 32 -3.21 14.70 2.69
N GLY A 33 -4.00 13.97 3.46
CA GLY A 33 -3.46 12.86 4.24
C GLY A 33 -3.68 11.53 3.57
N LYS A 34 -3.92 11.56 2.26
CA LYS A 34 -4.21 10.35 1.50
C LYS A 34 -3.01 9.42 1.47
N ASP A 35 -1.82 10.00 1.38
CA ASP A 35 -0.60 9.22 1.19
C ASP A 35 -0.29 8.37 2.41
N GLU A 36 -0.67 8.87 3.59
CA GLU A 36 -0.53 8.08 4.81
C GLU A 36 -1.51 6.91 4.79
N ALA A 37 -2.75 7.20 4.43
CA ALA A 37 -3.79 6.19 4.39
C ALA A 37 -3.47 5.09 3.37
N TYR A 38 -2.99 5.50 2.19
CA TYR A 38 -2.62 4.54 1.15
C TYR A 38 -1.49 3.63 1.62
N TYR A 39 -0.51 4.21 2.32
CA TYR A 39 0.60 3.44 2.84
C TYR A 39 0.12 2.48 3.92
N LEU A 40 -0.77 2.96 4.78
CA LEU A 40 -1.35 2.13 5.83
C LEU A 40 -2.12 0.95 5.24
N MET A 41 -2.90 1.22 4.19
CA MET A 41 -3.60 0.16 3.48
C MET A 41 -2.63 -0.91 3.03
N GLY A 42 -1.54 -0.48 2.39
CA GLY A 42 -0.53 -1.40 1.93
C GLY A 42 -0.01 -2.29 3.04
N ASN A 43 0.24 -1.71 4.21
CA ASN A 43 0.73 -2.46 5.35
C ASN A 43 -0.29 -3.50 5.81
N ALA A 44 -1.56 -3.13 5.75
CA ALA A 44 -2.65 -4.02 6.14
C ALA A 44 -2.79 -5.16 5.14
N TYR A 45 -2.73 -4.83 3.86
CA TYR A 45 -2.84 -5.83 2.80
C TYR A 45 -1.60 -6.73 2.78
N ARG A 46 -0.47 -6.20 3.22
CA ARG A 46 0.76 -6.98 3.33
C ARG A 46 0.58 -8.06 4.40
N LYS A 47 -0.09 -7.71 5.49
CA LYS A 47 -0.43 -8.68 6.53
C LYS A 47 -1.35 -9.77 5.98
N LEU A 48 -2.32 -9.36 5.18
CA LEU A 48 -3.25 -10.29 4.56
C LEU A 48 -2.50 -11.23 3.61
N GLY A 49 -1.65 -10.66 2.79
CA GLY A 49 -0.87 -11.46 1.86
C GLY A 49 -1.19 -11.13 0.42
N ASP A 50 -2.14 -10.24 0.21
CA ASP A 50 -2.52 -9.81 -1.13
C ASP A 50 -1.54 -8.76 -1.61
N TRP A 51 -0.57 -9.19 -2.40
CA TRP A 51 0.47 -8.30 -2.89
C TRP A 51 -0.08 -7.32 -3.92
N GLN A 52 -1.13 -7.72 -4.63
CA GLN A 52 -1.73 -6.88 -5.66
C GLN A 52 -2.37 -5.65 -5.03
N LYS A 53 -3.13 -5.89 -3.97
CA LYS A 53 -3.74 -4.80 -3.22
C LYS A 53 -2.66 -3.91 -2.61
N ALA A 54 -1.62 -4.55 -2.07
CA ALA A 54 -0.52 -3.81 -1.45
C ALA A 54 0.18 -2.90 -2.47
N LEU A 55 0.56 -3.48 -3.60
CA LEU A 55 1.27 -2.74 -4.64
C LEU A 55 0.50 -1.49 -5.07
N ASN A 56 -0.77 -1.67 -5.40
CA ASN A 56 -1.60 -0.58 -5.88
C ASN A 56 -1.69 0.54 -4.86
N ASN A 57 -1.86 0.17 -3.59
CA ASN A 57 -2.01 1.17 -2.54
C ASN A 57 -0.67 1.84 -2.21
N TYR A 58 0.39 1.05 -2.20
CA TYR A 58 1.73 1.61 -2.03
C TYR A 58 2.01 2.61 -3.13
N GLN A 59 1.67 2.26 -4.36
CA GLN A 59 1.89 3.12 -5.50
C GLN A 59 1.00 4.36 -5.41
N SER A 60 -0.22 4.18 -4.91
CA SER A 60 -1.16 5.29 -4.75
C SER A 60 -0.58 6.37 -3.84
N ALA A 61 0.23 5.95 -2.87
CA ALA A 61 0.91 6.88 -1.99
C ALA A 61 2.05 7.58 -2.74
N ILE A 62 2.76 6.82 -3.55
CA ILE A 62 3.88 7.33 -4.35
C ILE A 62 3.40 8.39 -5.33
N GLU A 63 2.18 8.21 -5.84
CA GLU A 63 1.57 9.15 -6.76
C GLU A 63 1.57 10.57 -6.20
N LEU A 64 1.33 10.68 -4.90
CA LEU A 64 1.23 11.97 -4.25
C LEU A 64 2.61 12.55 -3.98
N ASN A 65 3.53 11.73 -3.48
CA ASN A 65 4.88 12.18 -3.19
C ASN A 65 5.87 11.03 -3.27
N PRO A 66 7.07 11.29 -3.82
CA PRO A 66 8.13 10.29 -3.94
C PRO A 66 8.94 10.16 -2.66
N ASP A 67 8.49 10.84 -1.61
CA ASP A 67 9.15 10.78 -0.31
C ASP A 67 8.53 9.67 0.53
N SER A 68 7.45 9.12 0.02
CA SER A 68 6.74 8.05 0.70
C SER A 68 7.63 6.81 0.84
N PRO A 69 7.61 6.16 2.02
CA PRO A 69 8.35 4.91 2.23
C PRO A 69 7.76 3.77 1.39
N ALA A 70 6.63 4.05 0.75
CA ALA A 70 5.97 3.08 -0.11
C ALA A 70 6.85 2.70 -1.30
N LEU A 71 7.80 3.58 -1.64
CA LEU A 71 8.77 3.28 -2.68
C LEU A 71 9.58 2.05 -2.29
N GLN A 72 10.13 2.07 -1.09
CA GLN A 72 10.93 0.96 -0.59
C GLN A 72 10.06 -0.26 -0.34
N ALA A 73 8.85 0.00 0.13
CA ALA A 73 7.89 -1.06 0.41
C ALA A 73 7.51 -1.81 -0.87
N ARG A 74 7.37 -1.09 -1.97
CA ARG A 74 7.10 -1.73 -3.25
C ARG A 74 8.26 -2.61 -3.68
N LYS A 75 9.48 -2.08 -3.54
CA LYS A 75 10.68 -2.78 -3.98
C LYS A 75 10.81 -4.15 -3.31
N MET A 76 10.63 -4.19 -1.99
CA MET A 76 10.69 -5.45 -1.26
C MET A 76 9.58 -6.40 -1.72
N VAL A 77 8.38 -5.88 -1.96
CA VAL A 77 7.27 -6.71 -2.43
C VAL A 77 7.57 -7.28 -3.82
N MET A 78 8.08 -6.43 -4.70
CA MET A 78 8.43 -6.85 -6.06
C MET A 78 9.49 -7.94 -6.02
N ASP A 79 10.36 -7.88 -5.03
CA ASP A 79 11.40 -8.89 -4.84
C ASP A 79 10.79 -10.22 -4.45
N ILE A 80 9.84 -10.17 -3.52
CA ILE A 80 9.07 -11.36 -3.13
C ILE A 80 8.39 -11.95 -4.36
N LEU A 81 7.72 -11.10 -5.12
CA LEU A 81 6.99 -11.52 -6.31
C LEU A 81 7.92 -12.11 -7.36
N ASN A 82 9.06 -11.45 -7.56
CA ASN A 82 10.08 -11.92 -8.51
C ASN A 82 10.53 -13.35 -8.16
N PHE A 83 10.51 -13.66 -6.88
CA PHE A 83 10.89 -14.98 -6.42
C PHE A 83 9.79 -16.00 -6.70
N TYR A 84 8.54 -15.55 -6.62
CA TYR A 84 7.40 -16.44 -6.83
C TYR A 84 7.03 -16.59 -8.30
N ASN A 85 6.39 -15.57 -8.86
CA ASN A 85 5.85 -15.66 -10.20
C ASN A 85 6.03 -14.36 -10.97
N LYS A 86 5.81 -14.42 -12.28
CA LYS A 86 6.02 -13.26 -13.14
C LYS A 86 4.77 -12.99 -13.98
N ASP A 87 3.66 -13.57 -13.56
CA ASP A 87 2.38 -13.42 -14.25
C ASP A 87 1.99 -11.95 -14.35
N MET A 88 1.82 -11.32 -13.19
CA MET A 88 1.49 -9.90 -13.13
C MET A 88 2.76 -9.06 -12.99
N TYR A 89 3.90 -9.74 -12.92
CA TYR A 89 5.17 -9.08 -12.85
C TYR A 89 5.54 -8.55 -14.23
N ASN A 90 6.24 -7.42 -14.28
CA ASN A 90 6.53 -6.71 -15.53
C ASN A 90 5.29 -5.98 -16.01
N GLN A 91 4.21 -6.14 -15.27
CA GLN A 91 2.94 -5.50 -15.59
C GLN A 91 2.68 -4.37 -14.60
N LEU A 92 2.77 -4.68 -13.31
CA LEU A 92 2.70 -3.66 -12.27
C LEU A 92 3.92 -2.76 -12.34
N GLU A 93 5.09 -3.35 -12.14
CA GLU A 93 6.34 -2.65 -12.30
C GLU A 93 7.08 -3.21 -13.51
N HIS A 94 7.29 -2.37 -14.52
CA HIS A 94 7.95 -2.78 -15.75
C HIS A 94 9.42 -3.11 -15.51
N HIS A 95 9.91 -4.14 -16.20
CA HIS A 95 11.27 -4.61 -16.01
C HIS A 95 12.23 -3.75 -16.83
N HIS A 96 13.09 -3.01 -16.14
CA HIS A 96 14.07 -2.18 -16.81
C HIS A 96 15.47 -2.70 -16.51
N HIS A 97 16.24 -2.94 -17.57
CA HIS A 97 17.59 -3.49 -17.45
C HIS A 97 18.47 -2.57 -16.62
N HIS A 98 18.96 -3.09 -15.51
CA HIS A 98 19.82 -2.32 -14.61
C HIS A 98 21.22 -2.18 -15.21
N HIS A 99 21.81 -1.00 -15.06
CA HIS A 99 23.17 -0.75 -15.54
C HIS A 99 23.72 0.51 -14.91
#